data_6XJX
#
_entry.id   6XJX
#
_cell.length_a   1.00
_cell.length_b   1.00
_cell.length_c   1.00
_cell.angle_alpha   90.00
_cell.angle_beta   90.00
_cell.angle_gamma   90.00
#
_symmetry.space_group_name_H-M   'P 1'
#
loop_
_entity.id
_entity.type
_entity.pdbx_description
1 polymer 'Calcium uniporter protein, mitochondrial'
2 polymer 'Essential MCU regulator, mitochondrial'
3 polymer 'Calcium uptake protein 1, mitochondrial'
4 polymer 'Calcium uptake protein 2, mitochondrial'
#
loop_
_entity_poly.entity_id
_entity_poly.type
_entity_poly.pdbx_seq_one_letter_code
_entity_poly.pdbx_strand_id
1 'polypeptide(L)'
;MAAAAGRSLLLLLSSRGGGGGGAGGCGALTAGCFPGLGVSRHRQQQHHRTVHQRIASWQNLGAVYCSTVVPSDDVTVVYQ
NGLPVISVRLPSRRERCQFTLKPISDSVGVFLRQLQEEDRGIDRVAIYSPDGVRVAASTGIDLLLLDDFKLVINDLTYHV
RPPKRDLLSHENAATLNDVKTLVQQLYTTLCIEQHQLNKERELIERLEDLKEQLAPLEKVRIEISRKAEKRTTLVLWGGL
AYMATQFGILARLTWWEYSWDIMEPVTYFITYGSAMAMYAYFVMTRQEYVYPEARDRQYLLFFHKGAKKSRFDLEKYNQL
KDAIAQAEMDLKRLRDPLQVHLPLRQIGEKD
;
A,C,E,G
2 'polypeptide(L)'
;MASGAARWLVLAPVRSGALRSGPSLRKDGDVSAAWSGSGRSLVPSRSVIVTRSGAILPKPVKMSFGLLRVFSIVIPFLYV
GTLISKNFAALLEEHDIFVPEDDDDDD
;
B,D,F,H
3 'polypeptide(L)'
;MFRLNSLSALAELAVGSRWYHGGSQPIQIRRRLMMVAFLGASAVTASTGLLWKRAHAESPPCVDNLKSDIGDKGKNKDEG
DVCNHEKKTADLAPHPEEKKKKRSGFRDRKVMEYENRIRAYSTPDKIFRYFATLKVISEPGEAEVFMTPEDFVRSITPNE
KQPEHLGLDQYIIKRFDGKKISQEREKFADEGSIFYTLGECGLISFSDYIFLTTVLSTPQRNFEIAFKMFDLNGDGEVDM
EEFEQVQSIIRSQTSMGMRHRDRPTTGNTLKSGLCSALTTYFFGADLKGKLTIKNFLEFQRKLQHDVLKLEFERHDPVDG
RITERQFGGMLLAYSGVQSKKLTAMQRQLKKHFKEGKGLTFQEVENFFTFLKNINDVDTALSFYHMAGASLDKVTMQQVA
RTVAKVELSDHVCDVVFALFDCDGNGELSNKEFVSIMKQRLMRGLEKPKDMGFTRLMQAMWKCAQETAWDFALPKQ
;
Q
4 'polypeptide(L)'
;MAAAAGSCARVAAWGGKLRRGLAVSRQAVRSPGPLAAAVAGAALAGAGAAWHHSRVSVAARDGSFTVSAQKNVEHGIIYI
GKPSLRKQRFMQFSSLEHEGEYYMTPRDFLFSVMFEQMERKTSVKKLTKKDIEDTLSGIQTAGCGSTFFRDLGDKGLISY
TEYLFLLTILTKPHSGFHVAFKMLDTDGNEMIEKREFFKLQKIISKQDDLMTVKTNETGYQEAIVKEPEINTTLQMRFFG
KRGQRKLHYKEFRRFMENLQTEIQEMEFLQFSKGLSFMRKEDFAEWLLFFTNTENKDIYWKNVREKLSAGESISLDEFKS
FCHFTTHLEDFAIAMQMFSLAHRPVRLAEFKRAVKVATGQELSNNILDTVFKIFDLDGDECLSHEEFLGVLKNRMHRGLW
VPQHQSIQEYWKCVKKESIKGVKEVWKQAGKGLF
;
R
#
# COMPACT_ATOMS: atom_id res chain seq x y z
N CYS A 191 -27.14 -43.18 61.78
CA CYS A 191 -26.57 -41.86 61.97
C CYS A 191 -25.91 -41.48 60.65
N ILE A 192 -26.32 -42.17 59.58
CA ILE A 192 -25.68 -41.92 58.28
C ILE A 192 -26.67 -41.70 57.14
N GLU A 193 -27.89 -42.24 57.22
CA GLU A 193 -28.78 -42.20 56.06
C GLU A 193 -29.87 -41.14 56.19
N GLN A 194 -30.49 -41.02 57.38
CA GLN A 194 -31.48 -39.97 57.61
C GLN A 194 -30.85 -38.59 57.54
N HIS A 195 -29.56 -38.50 57.89
CA HIS A 195 -28.73 -37.37 57.51
C HIS A 195 -28.87 -37.04 56.04
N GLN A 196 -28.76 -38.06 55.17
CA GLN A 196 -28.84 -37.81 53.74
C GLN A 196 -30.26 -37.45 53.32
N LEU A 197 -31.27 -38.05 53.94
CA LEU A 197 -32.65 -37.78 53.52
C LEU A 197 -33.10 -36.37 53.92
N ASN A 198 -32.86 -36.00 55.17
CA ASN A 198 -33.25 -34.68 55.64
C ASN A 198 -32.39 -33.61 54.98
N LYS A 199 -31.11 -33.90 54.77
CA LYS A 199 -30.23 -32.99 54.03
C LYS A 199 -30.64 -32.87 52.57
N GLU A 200 -31.21 -33.92 52.01
CA GLU A 200 -31.63 -33.90 50.62
C GLU A 200 -32.89 -33.06 50.45
N ARG A 201 -33.84 -33.22 51.37
CA ARG A 201 -35.02 -32.35 51.38
C ARG A 201 -34.61 -30.89 51.55
N GLU A 202 -33.75 -30.63 52.53
CA GLU A 202 -33.22 -29.29 52.76
C GLU A 202 -32.45 -28.78 51.55
N LEU A 203 -31.76 -29.65 50.85
CA LEU A 203 -30.84 -29.22 49.81
C LEU A 203 -31.61 -28.87 48.55
N ILE A 204 -32.66 -29.63 48.24
CA ILE A 204 -33.50 -29.25 47.13
C ILE A 204 -34.34 -28.02 47.49
N GLU A 205 -34.66 -27.85 48.77
CA GLU A 205 -35.30 -26.62 49.23
C GLU A 205 -34.38 -25.41 49.04
N ARG A 206 -33.11 -25.54 49.45
CA ARG A 206 -32.15 -24.46 49.28
C ARG A 206 -31.89 -24.18 47.82
N LEU A 207 -31.91 -25.23 46.99
CA LEU A 207 -31.84 -25.06 45.54
C LEU A 207 -33.00 -24.24 45.04
N GLU A 208 -34.19 -24.46 45.61
CA GLU A 208 -35.36 -23.67 45.24
C GLU A 208 -35.21 -22.22 45.68
N ASP A 209 -34.60 -22.00 46.84
CA ASP A 209 -34.40 -20.62 47.31
C ASP A 209 -33.39 -19.90 46.44
N LEU A 210 -32.32 -20.59 46.05
CA LEU A 210 -31.34 -20.04 45.12
C LEU A 210 -31.99 -19.71 43.79
N LYS A 211 -32.89 -20.58 43.33
CA LYS A 211 -33.62 -20.33 42.09
C LYS A 211 -34.53 -19.12 42.19
N GLU A 212 -35.27 -18.99 43.30
CA GLU A 212 -36.18 -17.86 43.43
C GLU A 212 -35.43 -16.56 43.66
N GLN A 213 -34.25 -16.61 44.28
CA GLN A 213 -33.46 -15.41 44.41
C GLN A 213 -32.79 -15.07 43.09
N LEU A 214 -32.58 -16.06 42.24
CA LEU A 214 -32.11 -15.82 40.88
C LEU A 214 -33.16 -15.17 40.02
N ALA A 215 -34.41 -15.61 40.18
CA ALA A 215 -35.49 -15.34 39.25
C ALA A 215 -35.72 -13.88 38.84
N PRO A 216 -35.67 -12.86 39.73
CA PRO A 216 -35.80 -11.49 39.22
C PRO A 216 -34.54 -11.00 38.55
N LEU A 217 -33.41 -11.68 38.72
CA LEU A 217 -32.15 -11.06 38.34
C LEU A 217 -31.79 -11.38 36.89
N GLU A 218 -31.90 -12.64 36.49
CA GLU A 218 -31.27 -13.07 35.25
C GLU A 218 -31.99 -12.58 34.01
N LYS A 219 -33.20 -12.07 34.14
CA LYS A 219 -33.82 -11.43 33.00
C LYS A 219 -33.07 -10.16 32.63
N VAL A 220 -32.56 -9.46 33.65
CA VAL A 220 -31.73 -8.31 33.39
C VAL A 220 -30.42 -8.74 32.75
N ARG A 221 -29.91 -9.91 33.15
CA ARG A 221 -28.72 -10.46 32.52
C ARG A 221 -28.95 -10.76 31.06
N ILE A 222 -30.12 -11.29 30.71
CA ILE A 222 -30.39 -11.60 29.32
C ILE A 222 -30.64 -10.32 28.52
N GLU A 223 -31.19 -9.29 29.17
CA GLU A 223 -31.30 -7.99 28.53
C GLU A 223 -29.94 -7.40 28.20
N ILE A 224 -29.00 -7.46 29.15
CA ILE A 224 -27.65 -6.98 28.90
C ILE A 224 -26.94 -7.90 27.93
N SER A 225 -27.33 -9.17 27.91
CA SER A 225 -26.77 -10.10 26.95
C SER A 225 -27.16 -9.75 25.53
N ARG A 226 -28.39 -9.28 25.34
CA ARG A 226 -28.75 -8.74 24.03
C ARG A 226 -27.99 -7.45 23.75
N LYS A 227 -27.99 -6.56 24.75
CA LYS A 227 -27.53 -5.20 24.53
C LYS A 227 -26.02 -5.15 24.30
N ALA A 228 -25.30 -6.20 24.68
CA ALA A 228 -23.91 -6.32 24.26
C ALA A 228 -23.78 -7.02 22.92
N GLU A 229 -24.50 -8.13 22.74
CA GLU A 229 -24.25 -9.02 21.61
C GLU A 229 -24.64 -8.39 20.29
N LYS A 230 -25.70 -7.58 20.29
CA LYS A 230 -26.08 -6.88 19.07
C LYS A 230 -25.00 -5.91 18.64
N ARG A 231 -24.39 -5.22 19.61
CA ARG A 231 -23.28 -4.33 19.29
C ARG A 231 -22.09 -5.09 18.74
N THR A 232 -21.81 -6.26 19.30
CA THR A 232 -20.67 -7.03 18.80
C THR A 232 -20.92 -7.56 17.39
N THR A 233 -22.15 -7.94 17.10
CA THR A 233 -22.47 -8.34 15.74
C THR A 233 -22.36 -7.16 14.80
N LEU A 234 -22.74 -5.98 15.27
CA LEU A 234 -22.55 -4.76 14.50
C LEU A 234 -21.08 -4.54 14.17
N VAL A 235 -20.20 -4.76 15.13
CA VAL A 235 -18.81 -4.46 14.82
C VAL A 235 -18.19 -5.56 13.96
N LEU A 236 -18.72 -6.78 14.02
CA LEU A 236 -18.16 -7.81 13.15
C LEU A 236 -18.62 -7.66 11.70
N TRP A 237 -19.90 -7.34 11.49
CA TRP A 237 -20.32 -7.02 10.13
C TRP A 237 -19.65 -5.74 9.64
N GLY A 238 -19.31 -4.84 10.56
CA GLY A 238 -18.50 -3.69 10.18
C GLY A 238 -17.10 -4.07 9.76
N GLY A 239 -16.53 -5.09 10.39
CA GLY A 239 -15.22 -5.55 9.96
C GLY A 239 -15.26 -6.12 8.56
N LEU A 240 -16.30 -6.90 8.27
CA LEU A 240 -16.48 -7.42 6.92
C LEU A 240 -16.70 -6.31 5.91
N ALA A 241 -17.43 -5.26 6.32
CA ALA A 241 -17.66 -4.13 5.44
C ALA A 241 -16.36 -3.37 5.17
N TYR A 242 -15.51 -3.24 6.19
CA TYR A 242 -14.23 -2.58 5.99
C TYR A 242 -13.37 -3.36 5.03
N MET A 243 -13.38 -4.68 5.17
CA MET A 243 -12.63 -5.52 4.24
C MET A 243 -13.15 -5.36 2.82
N ALA A 244 -14.46 -5.19 2.67
CA ALA A 244 -15.05 -4.95 1.35
C ALA A 244 -14.61 -3.61 0.77
N THR A 245 -14.60 -2.56 1.59
CA THR A 245 -14.17 -1.25 1.09
C THR A 245 -12.70 -1.24 0.75
N GLN A 246 -11.90 -1.97 1.51
CA GLN A 246 -10.47 -2.00 1.25
C GLN A 246 -10.19 -2.78 -0.02
N PHE A 247 -11.04 -3.74 -0.34
CA PHE A 247 -10.94 -4.35 -1.66
C PHE A 247 -11.34 -3.37 -2.75
N GLY A 248 -12.44 -2.64 -2.54
CA GLY A 248 -13.01 -1.86 -3.62
C GLY A 248 -12.21 -0.62 -3.98
N ILE A 249 -11.65 0.06 -2.97
CA ILE A 249 -10.82 1.22 -3.27
C ILE A 249 -9.59 0.81 -4.02
N LEU A 250 -9.06 -0.39 -3.76
CA LEU A 250 -7.91 -0.87 -4.48
C LEU A 250 -8.26 -1.22 -5.90
N ALA A 251 -9.47 -1.78 -6.08
CA ALA A 251 -9.96 -2.11 -7.41
C ALA A 251 -10.08 -0.87 -8.29
N ARG A 252 -10.75 0.18 -7.79
CA ARG A 252 -10.90 1.39 -8.58
C ARG A 252 -9.58 2.11 -8.75
N LEU A 253 -8.76 2.13 -7.70
CA LEU A 253 -7.55 2.90 -7.76
C LEU A 253 -6.51 2.25 -8.65
N THR A 254 -6.60 0.94 -8.88
CA THR A 254 -5.81 0.46 -10.00
C THR A 254 -6.53 0.64 -11.32
N TRP A 255 -7.63 -0.06 -11.55
CA TRP A 255 -8.03 -0.32 -12.93
C TRP A 255 -8.82 0.81 -13.58
N TRP A 256 -8.84 1.98 -12.98
CA TRP A 256 -9.32 3.17 -13.67
C TRP A 256 -8.46 4.38 -13.44
N GLU A 257 -7.65 4.43 -12.39
CA GLU A 257 -6.82 5.59 -12.13
C GLU A 257 -5.37 5.37 -12.48
N TYR A 258 -4.75 4.36 -11.90
CA TYR A 258 -3.31 4.26 -11.84
C TYR A 258 -2.85 2.97 -12.49
N SER A 259 -1.58 2.68 -12.31
CA SER A 259 -1.04 1.39 -12.68
C SER A 259 -1.35 0.37 -11.61
N TRP A 260 -0.90 -0.84 -11.89
CA TRP A 260 -0.65 -1.77 -10.82
C TRP A 260 0.73 -1.54 -10.24
N ASP A 261 1.66 -1.13 -11.09
CA ASP A 261 3.04 -1.04 -10.63
C ASP A 261 3.26 0.20 -9.80
N ILE A 262 2.31 1.11 -9.75
CA ILE A 262 2.32 2.13 -8.72
C ILE A 262 1.23 1.87 -7.70
N MET A 263 0.67 0.66 -7.70
CA MET A 263 -0.19 0.23 -6.61
C MET A 263 0.22 -1.09 -5.98
N GLU A 264 1.02 -1.91 -6.65
CA GLU A 264 1.63 -3.05 -5.98
C GLU A 264 2.40 -2.71 -4.70
N PRO A 265 3.11 -1.58 -4.55
CA PRO A 265 3.64 -1.25 -3.22
C PRO A 265 2.61 -1.06 -2.11
N VAL A 266 1.55 -0.30 -2.34
CA VAL A 266 0.62 -0.02 -1.25
C VAL A 266 -0.18 -1.27 -0.92
N THR A 267 -0.43 -2.07 -1.95
CA THR A 267 -0.89 -3.45 -1.79
C THR A 267 -0.04 -4.22 -0.80
N TYR A 268 1.27 -4.17 -0.99
CA TYR A 268 2.15 -4.90 -0.09
C TYR A 268 2.16 -4.32 1.32
N PHE A 269 2.14 -3.00 1.42
CA PHE A 269 2.23 -2.40 2.73
C PHE A 269 0.96 -2.57 3.54
N ILE A 270 -0.18 -2.78 2.90
CA ILE A 270 -1.39 -3.04 3.67
C ILE A 270 -1.32 -4.40 4.35
N THR A 271 -0.90 -5.45 3.62
CA THR A 271 -0.79 -6.76 4.23
C THR A 271 0.29 -6.78 5.29
N TYR A 272 1.36 -6.04 5.04
CA TYR A 272 2.40 -5.97 6.06
C TYR A 272 1.92 -5.18 7.27
N GLY A 273 1.06 -4.19 7.06
CA GLY A 273 0.49 -3.48 8.18
C GLY A 273 -0.50 -4.31 8.97
N SER A 274 -1.19 -5.23 8.29
CA SER A 274 -2.10 -6.10 9.01
C SER A 274 -1.34 -7.09 9.87
N ALA A 275 -0.28 -7.68 9.31
CA ALA A 275 0.55 -8.57 10.10
C ALA A 275 1.30 -7.84 11.20
N MET A 276 1.52 -6.55 11.04
CA MET A 276 2.03 -5.74 12.13
C MET A 276 0.97 -5.50 13.19
N ALA A 277 -0.26 -5.26 12.74
CA ALA A 277 -1.32 -4.88 13.66
C ALA A 277 -1.75 -6.03 14.53
N MET A 278 -1.75 -7.25 14.00
CA MET A 278 -2.14 -8.37 14.82
C MET A 278 -1.11 -8.65 15.90
N TYR A 279 0.16 -8.39 15.59
CA TYR A 279 1.21 -8.43 16.61
C TYR A 279 0.99 -7.37 17.66
N ALA A 280 0.54 -6.19 17.25
CA ALA A 280 0.22 -5.14 18.22
C ALA A 280 -0.96 -5.56 19.11
N TYR A 281 -1.92 -6.27 18.53
CA TYR A 281 -3.03 -6.81 19.31
C TYR A 281 -2.54 -7.79 20.34
N PHE A 282 -1.61 -8.65 19.95
CA PHE A 282 -1.02 -9.61 20.89
C PHE A 282 -0.22 -8.92 21.99
N VAL A 283 0.41 -7.79 21.68
CA VAL A 283 1.09 -7.05 22.73
C VAL A 283 0.08 -6.42 23.69
N MET A 284 -1.03 -5.89 23.15
CA MET A 284 -2.02 -5.22 23.98
C MET A 284 -2.69 -6.18 24.95
N THR A 285 -3.33 -7.21 24.42
CA THR A 285 -3.84 -8.29 25.25
C THR A 285 -3.21 -9.59 24.77
N ARG A 286 -2.95 -10.48 25.71
CA ARG A 286 -2.14 -11.66 25.42
C ARG A 286 -3.03 -12.66 24.70
N GLN A 287 -3.24 -12.40 23.41
CA GLN A 287 -4.10 -13.23 22.59
C GLN A 287 -3.45 -13.45 21.23
N GLU A 288 -3.74 -14.59 20.64
CA GLU A 288 -3.20 -14.90 19.31
C GLU A 288 -3.89 -14.10 18.21
N TYR A 289 -5.04 -13.52 18.51
CA TYR A 289 -5.99 -12.98 17.53
C TYR A 289 -6.43 -14.09 16.56
N VAL A 290 -7.20 -14.99 17.13
CA VAL A 290 -8.04 -15.90 16.35
C VAL A 290 -9.48 -15.45 16.56
N TYR A 291 -10.26 -15.47 15.46
CA TYR A 291 -11.55 -14.80 15.41
C TYR A 291 -12.58 -15.19 16.48
N PRO A 292 -12.72 -16.46 16.92
CA PRO A 292 -13.61 -16.68 18.07
C PRO A 292 -13.08 -16.03 19.33
N GLU A 293 -11.76 -16.09 19.57
CA GLU A 293 -11.20 -15.37 20.69
C GLU A 293 -11.30 -13.87 20.51
N ALA A 294 -11.34 -13.40 19.27
CA ALA A 294 -11.53 -11.99 19.01
C ALA A 294 -12.92 -11.56 19.46
N ARG A 295 -13.94 -12.26 18.98
CA ARG A 295 -15.29 -11.84 19.33
C ARG A 295 -15.58 -12.12 20.78
N ASP A 296 -14.89 -13.08 21.40
CA ASP A 296 -15.11 -13.31 22.81
C ASP A 296 -14.54 -12.20 23.66
N ARG A 297 -13.37 -11.68 23.31
CA ARG A 297 -12.86 -10.59 24.13
C ARG A 297 -13.64 -9.32 23.88
N GLN A 298 -14.10 -9.12 22.63
CA GLN A 298 -14.92 -7.95 22.34
C GLN A 298 -16.25 -8.00 23.05
N TYR A 299 -16.85 -9.18 23.10
CA TYR A 299 -18.13 -9.33 23.79
C TYR A 299 -17.98 -9.15 25.29
N LEU A 300 -16.84 -9.56 25.83
CA LEU A 300 -16.60 -9.31 27.24
C LEU A 300 -16.44 -7.82 27.51
N LEU A 301 -15.75 -7.11 26.61
CA LEU A 301 -15.65 -5.66 26.77
C LEU A 301 -17.01 -4.99 26.68
N PHE A 302 -17.87 -5.43 25.78
CA PHE A 302 -19.17 -4.79 25.74
C PHE A 302 -20.05 -5.23 26.89
N PHE A 303 -19.86 -6.43 27.39
CA PHE A 303 -20.78 -6.92 28.40
C PHE A 303 -20.48 -6.31 29.76
N HIS A 304 -19.22 -6.06 30.04
CA HIS A 304 -18.91 -5.41 31.31
C HIS A 304 -19.29 -3.94 31.30
N LYS A 305 -19.13 -3.24 30.17
CA LYS A 305 -19.65 -1.88 30.10
C LYS A 305 -21.17 -1.87 30.16
N GLY A 306 -21.82 -2.88 29.58
CA GLY A 306 -23.27 -2.92 29.61
C GLY A 306 -23.80 -3.22 31.00
N ALA A 307 -23.10 -4.06 31.74
CA ALA A 307 -23.49 -4.28 33.13
C ALA A 307 -23.20 -3.09 34.01
N LYS A 308 -22.05 -2.45 33.82
CA LYS A 308 -21.65 -1.34 34.66
C LYS A 308 -22.52 -0.13 34.43
N LYS A 309 -22.93 0.10 33.18
CA LYS A 309 -23.89 1.17 32.90
C LYS A 309 -25.25 0.82 33.47
N SER A 310 -25.62 -0.44 33.44
CA SER A 310 -26.88 -0.83 34.01
C SER A 310 -26.77 -1.17 35.48
N ARG A 311 -25.55 -1.10 36.04
CA ARG A 311 -25.29 -1.27 37.48
C ARG A 311 -25.70 -2.65 37.95
N PHE A 312 -25.55 -3.62 37.06
CA PHE A 312 -25.95 -5.00 37.34
C PHE A 312 -24.99 -5.61 38.34
N ASP A 313 -25.52 -6.22 39.39
CA ASP A 313 -24.62 -6.86 40.36
C ASP A 313 -24.17 -8.17 39.74
N LEU A 314 -23.11 -8.05 38.94
CA LEU A 314 -22.48 -9.20 38.31
C LEU A 314 -21.92 -10.16 39.34
N GLU A 315 -21.41 -9.62 40.45
CA GLU A 315 -20.77 -10.46 41.45
C GLU A 315 -21.80 -11.29 42.18
N LYS A 316 -22.94 -10.70 42.54
CA LYS A 316 -23.97 -11.51 43.16
C LYS A 316 -24.56 -12.49 42.16
N TYR A 317 -24.58 -12.11 40.87
CA TYR A 317 -25.05 -13.01 39.83
C TYR A 317 -24.18 -14.26 39.77
N ASN A 318 -22.90 -14.10 39.52
CA ASN A 318 -22.08 -15.29 39.28
C ASN A 318 -21.75 -16.02 40.57
N GLN A 319 -21.67 -15.31 41.70
CA GLN A 319 -21.66 -15.91 43.02
C GLN A 319 -22.83 -16.88 43.21
N LEU A 320 -24.03 -16.38 42.96
CA LEU A 320 -25.23 -17.19 43.12
C LEU A 320 -25.29 -18.29 42.08
N LYS A 321 -24.78 -18.04 40.87
CA LYS A 321 -24.72 -19.09 39.86
C LYS A 321 -23.79 -20.22 40.28
N ASP A 322 -22.67 -19.87 40.89
CA ASP A 322 -21.73 -20.90 41.33
C ASP A 322 -22.30 -21.72 42.47
N ALA A 323 -23.02 -21.06 43.39
CA ALA A 323 -23.67 -21.81 44.45
C ALA A 323 -24.76 -22.73 43.91
N ILE A 324 -25.51 -22.25 42.91
CA ILE A 324 -26.50 -23.08 42.23
C ILE A 324 -25.84 -24.29 41.60
N ALA A 325 -24.72 -24.08 40.91
CA ALA A 325 -24.03 -25.19 40.25
C ALA A 325 -23.47 -26.18 41.25
N GLN A 326 -23.02 -25.70 42.40
CA GLN A 326 -22.52 -26.60 43.43
C GLN A 326 -23.63 -27.47 43.98
N ALA A 327 -24.79 -26.87 44.23
CA ALA A 327 -25.92 -27.65 44.72
C ALA A 327 -26.42 -28.64 43.69
N GLU A 328 -26.36 -28.28 42.41
CA GLU A 328 -26.82 -29.17 41.36
C GLU A 328 -25.89 -30.36 41.19
N MET A 329 -24.58 -30.14 41.26
CA MET A 329 -23.67 -31.27 41.24
C MET A 329 -23.78 -32.09 42.50
N ASP A 330 -24.18 -31.46 43.62
CA ASP A 330 -24.47 -32.21 44.84
C ASP A 330 -25.64 -33.15 44.65
N LEU A 331 -26.72 -32.67 44.03
CA LEU A 331 -27.87 -33.55 43.84
C LEU A 331 -27.62 -34.62 42.79
N LYS A 332 -26.82 -34.29 41.77
CA LYS A 332 -26.38 -35.31 40.82
C LYS A 332 -25.51 -36.35 41.49
N ARG A 333 -24.73 -35.97 42.52
CA ARG A 333 -24.08 -36.99 43.33
C ARG A 333 -25.11 -37.77 44.14
N LEU A 334 -26.01 -37.06 44.83
CA LEU A 334 -26.96 -37.64 45.77
C LEU A 334 -27.97 -38.58 45.15
N ARG A 335 -28.11 -38.58 43.83
CA ARG A 335 -28.80 -39.70 43.20
C ARG A 335 -28.03 -40.99 43.44
N ASP A 336 -26.72 -40.97 43.20
CA ASP A 336 -26.09 -42.18 42.69
C ASP A 336 -25.78 -43.21 43.79
N PRO A 337 -25.03 -42.92 44.86
CA PRO A 337 -24.88 -43.97 45.90
C PRO A 337 -26.10 -44.12 46.78
N LEU A 338 -27.05 -43.20 46.69
CA LEU A 338 -28.34 -43.40 47.34
C LEU A 338 -29.23 -44.33 46.54
N GLN A 339 -28.84 -44.66 45.32
CA GLN A 339 -29.54 -45.64 44.49
C GLN A 339 -28.67 -46.81 44.05
N VAL A 340 -27.42 -46.56 43.68
CA VAL A 340 -26.59 -47.57 43.05
C VAL A 340 -25.64 -48.12 44.11
N HIS A 341 -25.46 -47.34 45.18
CA HIS A 341 -24.67 -47.71 46.37
C HIS A 341 -23.22 -47.97 46.01
N VAL B 48 -14.59 -34.33 14.94
CA VAL B 48 -15.14 -35.23 15.94
C VAL B 48 -16.63 -34.99 16.03
N ILE B 49 -17.39 -35.97 15.54
CA ILE B 49 -18.83 -35.82 15.42
C ILE B 49 -19.50 -36.66 16.50
N VAL B 50 -18.77 -37.62 17.04
CA VAL B 50 -19.29 -38.52 18.05
C VAL B 50 -18.72 -38.08 19.39
N THR B 51 -19.58 -37.95 20.39
CA THR B 51 -19.12 -37.55 21.72
C THR B 51 -18.41 -38.71 22.41
N ARG B 52 -18.08 -38.52 23.69
CA ARG B 52 -17.43 -39.57 24.46
C ARG B 52 -18.32 -40.79 24.60
N SER B 53 -19.62 -40.58 24.77
CA SER B 53 -20.54 -41.65 25.09
C SER B 53 -21.04 -42.40 23.87
N GLY B 54 -20.49 -42.13 22.69
CA GLY B 54 -21.00 -42.76 21.49
C GLY B 54 -22.14 -42.02 20.83
N ALA B 55 -22.67 -40.99 21.46
CA ALA B 55 -23.81 -40.27 20.92
C ALA B 55 -23.35 -39.32 19.80
N ILE B 56 -24.32 -38.77 19.07
CA ILE B 56 -24.05 -37.99 17.88
C ILE B 56 -24.41 -36.54 18.13
N LEU B 57 -23.49 -35.63 17.79
CA LEU B 57 -23.58 -34.20 18.05
C LEU B 57 -24.78 -33.57 17.33
N PRO B 58 -25.30 -32.42 17.84
CA PRO B 58 -26.52 -31.83 17.26
C PRO B 58 -26.36 -31.25 15.87
N LYS B 59 -27.44 -30.70 15.36
CA LYS B 59 -27.46 -30.14 14.01
C LYS B 59 -26.67 -28.84 13.99
N PRO B 60 -25.83 -28.63 12.98
CA PRO B 60 -25.17 -27.33 12.87
C PRO B 60 -26.16 -26.28 12.44
N VAL B 61 -25.95 -25.07 12.93
CA VAL B 61 -26.92 -24.00 12.73
C VAL B 61 -26.40 -23.04 11.67
N LYS B 62 -27.07 -23.04 10.52
CA LYS B 62 -26.86 -21.98 9.56
C LYS B 62 -27.67 -20.77 9.99
N MET B 63 -27.23 -19.58 9.60
CA MET B 63 -27.82 -18.36 10.13
C MET B 63 -28.62 -17.61 9.06
N SER B 64 -29.92 -17.96 8.99
CA SER B 64 -31.01 -17.06 8.60
C SER B 64 -30.88 -16.50 7.18
N PHE B 65 -30.60 -17.42 6.24
CA PHE B 65 -30.31 -17.10 4.83
C PHE B 65 -29.16 -16.10 4.71
N GLY B 66 -27.98 -16.57 5.11
CA GLY B 66 -26.80 -15.74 5.04
C GLY B 66 -26.33 -15.47 3.63
N LEU B 67 -26.37 -16.50 2.77
CA LEU B 67 -25.77 -16.40 1.43
C LEU B 67 -26.46 -15.36 0.56
N LEU B 68 -27.72 -15.02 0.84
CA LEU B 68 -28.37 -13.92 0.18
C LEU B 68 -28.55 -12.72 1.11
N ARG B 69 -27.64 -12.55 2.07
CA ARG B 69 -27.52 -11.25 2.74
C ARG B 69 -26.09 -10.80 2.96
N VAL B 70 -25.12 -11.70 3.02
CA VAL B 70 -23.73 -11.26 3.09
C VAL B 70 -23.28 -10.83 1.71
N PHE B 71 -23.75 -11.55 0.70
CA PHE B 71 -23.57 -11.18 -0.70
C PHE B 71 -24.17 -9.81 -0.97
N SER B 72 -25.23 -9.44 -0.26
CA SER B 72 -25.89 -8.17 -0.46
C SER B 72 -25.29 -7.04 0.35
N ILE B 73 -24.25 -7.30 1.14
CA ILE B 73 -23.65 -6.24 1.94
C ILE B 73 -22.21 -5.94 1.53
N VAL B 74 -21.52 -6.86 0.87
CA VAL B 74 -20.19 -6.56 0.36
C VAL B 74 -20.26 -5.58 -0.80
N ILE B 75 -21.29 -5.68 -1.61
CA ILE B 75 -21.43 -4.88 -2.82
C ILE B 75 -21.67 -3.40 -2.53
N PRO B 76 -22.57 -2.97 -1.61
CA PRO B 76 -22.75 -1.52 -1.45
C PRO B 76 -21.56 -0.84 -0.80
N PHE B 77 -20.90 -1.50 0.14
CA PHE B 77 -19.66 -0.94 0.68
C PHE B 77 -18.57 -0.88 -0.37
N LEU B 78 -18.58 -1.81 -1.32
CA LEU B 78 -17.59 -1.75 -2.39
C LEU B 78 -17.91 -0.62 -3.36
N TYR B 79 -19.19 -0.34 -3.58
CA TYR B 79 -19.55 0.81 -4.38
C TYR B 79 -19.16 2.10 -3.68
N VAL B 80 -19.37 2.17 -2.36
CA VAL B 80 -18.97 3.34 -1.58
C VAL B 80 -17.47 3.53 -1.64
N GLY B 81 -16.73 2.42 -1.61
CA GLY B 81 -15.29 2.50 -1.71
C GLY B 81 -14.81 3.01 -3.04
N THR B 82 -15.33 2.44 -4.14
CA THR B 82 -14.90 2.90 -5.46
C THR B 82 -15.30 4.34 -5.70
N LEU B 83 -16.45 4.76 -5.15
CA LEU B 83 -16.88 6.13 -5.29
C LEU B 83 -15.95 7.08 -4.55
N ILE B 84 -15.54 6.75 -3.33
CA ILE B 84 -14.70 7.71 -2.64
C ILE B 84 -13.27 7.64 -3.11
N SER B 85 -12.86 6.55 -3.73
CA SER B 85 -11.54 6.53 -4.33
C SER B 85 -11.48 7.43 -5.56
N LYS B 86 -12.50 7.35 -6.42
CA LYS B 86 -12.65 8.30 -7.52
C LYS B 86 -12.71 9.73 -7.01
N ASN B 87 -13.45 9.94 -5.92
CA ASN B 87 -13.54 11.23 -5.28
C ASN B 87 -12.17 11.68 -4.77
N PHE B 88 -11.36 10.72 -4.32
CA PHE B 88 -10.05 11.07 -3.79
C PHE B 88 -9.12 11.52 -4.90
N ALA B 89 -9.17 10.84 -6.04
CA ALA B 89 -8.33 11.23 -7.17
C ALA B 89 -8.74 12.58 -7.72
N ALA B 90 -10.04 12.82 -7.84
CA ALA B 90 -10.51 14.12 -8.31
C ALA B 90 -10.19 15.23 -7.31
N LEU B 91 -10.22 14.93 -6.01
CA LEU B 91 -9.83 15.92 -5.02
C LEU B 91 -8.33 16.16 -5.03
N LEU B 92 -7.56 15.13 -5.39
CA LEU B 92 -6.11 15.31 -5.58
C LEU B 92 -5.84 16.28 -6.71
N GLU B 93 -6.63 16.19 -7.78
CA GLU B 93 -6.51 17.19 -8.84
C GLU B 93 -7.01 18.56 -8.39
N GLU B 94 -8.10 18.62 -7.61
CA GLU B 94 -8.70 19.91 -7.26
C GLU B 94 -7.81 20.70 -6.30
N HIS B 95 -7.40 20.10 -5.18
CA HIS B 95 -6.49 20.79 -4.28
C HIS B 95 -5.09 20.88 -4.88
N ASP B 96 -4.75 20.00 -5.83
CA ASP B 96 -3.56 20.21 -6.65
C ASP B 96 -3.70 21.49 -7.47
N ILE B 97 -4.90 21.78 -7.96
CA ILE B 97 -5.18 23.07 -8.58
C ILE B 97 -5.39 24.12 -7.50
N CYS C 191 -29.78 -62.10 54.08
CA CYS C 191 -28.65 -62.38 53.20
C CYS C 191 -28.39 -61.20 52.28
N ILE C 192 -27.11 -60.96 51.96
CA ILE C 192 -26.73 -59.90 51.02
C ILE C 192 -26.13 -60.47 49.74
N GLU C 193 -25.73 -61.75 49.74
CA GLU C 193 -24.98 -62.34 48.65
C GLU C 193 -25.78 -62.38 47.35
N GLN C 194 -26.83 -63.20 47.32
CA GLN C 194 -27.59 -63.38 46.09
C GLN C 194 -28.41 -62.15 45.79
N HIS C 195 -28.71 -61.34 46.80
CA HIS C 195 -29.39 -60.05 46.59
C HIS C 195 -28.51 -59.08 45.80
N GLN C 196 -27.27 -58.88 46.24
CA GLN C 196 -26.42 -57.93 45.54
C GLN C 196 -25.97 -58.49 44.18
N LEU C 197 -25.78 -59.80 44.10
CA LEU C 197 -25.50 -60.40 42.80
C LEU C 197 -26.71 -60.36 41.90
N ASN C 198 -27.92 -60.33 42.46
CA ASN C 198 -29.13 -60.20 41.67
C ASN C 198 -29.28 -58.79 41.16
N LYS C 199 -28.86 -57.81 41.95
CA LYS C 199 -28.80 -56.42 41.49
C LYS C 199 -27.80 -56.29 40.35
N GLU C 200 -26.66 -56.96 40.50
CA GLU C 200 -25.67 -57.03 39.43
C GLU C 200 -26.23 -57.72 38.18
N ARG C 201 -27.01 -58.78 38.38
CA ARG C 201 -27.56 -59.55 37.28
C ARG C 201 -28.63 -58.77 36.54
N GLU C 202 -29.48 -58.07 37.28
CA GLU C 202 -30.47 -57.21 36.64
C GLU C 202 -29.81 -56.03 35.97
N LEU C 203 -28.67 -55.59 36.47
CA LEU C 203 -27.97 -54.51 35.79
C LEU C 203 -27.39 -54.97 34.46
N ILE C 204 -26.88 -56.21 34.40
CA ILE C 204 -26.42 -56.69 33.10
C ILE C 204 -27.60 -57.08 32.20
N GLU C 205 -28.75 -57.42 32.79
CA GLU C 205 -29.99 -57.53 32.02
C GLU C 205 -30.38 -56.21 31.40
N ARG C 206 -30.26 -55.13 32.17
CA ARG C 206 -30.57 -53.80 31.69
C ARG C 206 -29.62 -53.39 30.57
N LEU C 207 -28.35 -53.75 30.71
CA LEU C 207 -27.39 -53.59 29.62
C LEU C 207 -27.80 -54.38 28.39
N GLU C 208 -28.31 -55.59 28.59
CA GLU C 208 -28.74 -56.40 27.47
C GLU C 208 -29.92 -55.77 26.75
N ASP C 209 -30.83 -55.18 27.50
CA ASP C 209 -31.94 -54.45 26.89
C ASP C 209 -31.45 -53.25 26.11
N LEU C 210 -30.47 -52.52 26.66
CA LEU C 210 -29.96 -51.35 25.98
C LEU C 210 -29.22 -51.72 24.71
N LYS C 211 -28.47 -52.82 24.73
CA LYS C 211 -27.88 -53.31 23.48
C LYS C 211 -28.93 -53.84 22.54
N GLU C 212 -30.03 -54.36 23.08
CA GLU C 212 -31.06 -54.99 22.25
C GLU C 212 -31.80 -53.97 21.42
N GLN C 213 -32.27 -52.91 22.08
CA GLN C 213 -33.07 -51.90 21.42
C GLN C 213 -32.27 -51.10 20.40
N LEU C 214 -30.95 -51.06 20.57
CA LEU C 214 -30.10 -50.32 19.65
C LEU C 214 -30.00 -51.02 18.31
N ALA C 215 -30.20 -52.34 18.30
CA ALA C 215 -29.93 -53.14 17.11
C ALA C 215 -30.75 -52.81 15.86
N PRO C 216 -32.09 -52.64 15.89
CA PRO C 216 -32.77 -52.32 14.63
C PRO C 216 -32.56 -50.89 14.20
N LEU C 217 -32.28 -50.00 15.16
CA LEU C 217 -32.10 -48.61 14.84
C LEU C 217 -30.74 -48.36 14.19
N GLU C 218 -29.72 -49.09 14.61
CA GLU C 218 -28.33 -48.74 14.30
C GLU C 218 -28.03 -48.82 12.81
N LYS C 219 -28.76 -49.67 12.10
CA LYS C 219 -28.40 -49.90 10.71
C LYS C 219 -28.89 -48.80 9.78
N VAL C 220 -29.83 -47.96 10.21
CA VAL C 220 -30.11 -46.80 9.38
C VAL C 220 -29.04 -45.74 9.62
N ARG C 221 -28.51 -45.66 10.84
CA ARG C 221 -27.48 -44.70 11.17
C ARG C 221 -26.20 -45.01 10.42
N ILE C 222 -25.86 -46.30 10.34
CA ILE C 222 -24.64 -46.70 9.67
C ILE C 222 -24.73 -46.41 8.17
N GLU C 223 -25.90 -46.65 7.58
CA GLU C 223 -26.04 -46.43 6.15
C GLU C 223 -26.07 -44.95 5.82
N ILE C 224 -26.71 -44.15 6.67
CA ILE C 224 -26.68 -42.71 6.51
C ILE C 224 -25.26 -42.18 6.64
N SER C 225 -24.52 -42.72 7.60
CA SER C 225 -23.15 -42.29 7.86
C SER C 225 -22.26 -42.60 6.66
N ARG C 226 -22.43 -43.77 6.06
CA ARG C 226 -21.64 -44.12 4.89
C ARG C 226 -22.04 -43.27 3.69
N LYS C 227 -23.29 -42.86 3.60
CA LYS C 227 -23.76 -42.07 2.48
C LYS C 227 -23.20 -40.66 2.54
N ALA C 228 -23.37 -40.01 3.70
CA ALA C 228 -22.82 -38.68 3.89
C ALA C 228 -21.30 -38.70 3.90
N GLU C 229 -20.70 -39.86 4.19
CA GLU C 229 -19.26 -40.01 4.06
C GLU C 229 -18.80 -39.86 2.62
N LYS C 230 -19.48 -40.52 1.69
CA LYS C 230 -19.08 -40.39 0.30
C LYS C 230 -19.40 -38.99 -0.20
N ARG C 231 -20.41 -38.35 0.37
CA ARG C 231 -20.68 -36.98 -0.05
C ARG C 231 -19.60 -36.02 0.46
N THR C 232 -19.12 -36.24 1.68
CA THR C 232 -18.00 -35.46 2.19
C THR C 232 -16.74 -35.72 1.39
N THR C 233 -16.56 -36.97 0.95
CA THR C 233 -15.40 -37.33 0.15
C THR C 233 -15.42 -36.60 -1.19
N LEU C 234 -16.60 -36.52 -1.81
CA LEU C 234 -16.78 -35.69 -3.00
C LEU C 234 -16.48 -34.24 -2.74
N VAL C 235 -16.86 -33.73 -1.56
CA VAL C 235 -16.58 -32.33 -1.26
C VAL C 235 -15.09 -32.08 -1.17
N LEU C 236 -14.37 -32.98 -0.50
CA LEU C 236 -12.95 -32.76 -0.26
C LEU C 236 -12.15 -32.87 -1.55
N TRP C 237 -12.38 -33.94 -2.30
CA TRP C 237 -11.70 -34.06 -3.59
C TRP C 237 -12.21 -33.01 -4.56
N GLY C 238 -13.44 -32.55 -4.36
CA GLY C 238 -13.93 -31.44 -5.15
C GLY C 238 -13.15 -30.17 -4.88
N GLY C 239 -12.80 -29.94 -3.61
CA GLY C 239 -12.03 -28.76 -3.28
C GLY C 239 -10.63 -28.82 -3.85
N LEU C 240 -10.03 -30.00 -3.83
CA LEU C 240 -8.73 -30.15 -4.45
C LEU C 240 -8.82 -29.96 -5.96
N ALA C 241 -9.92 -30.44 -6.56
CA ALA C 241 -10.13 -30.26 -7.98
C ALA C 241 -10.30 -28.79 -8.31
N TYR C 242 -10.95 -28.05 -7.42
CA TYR C 242 -11.07 -26.62 -7.60
C TYR C 242 -9.72 -25.93 -7.60
N MET C 243 -8.86 -26.27 -6.63
CA MET C 243 -7.59 -25.57 -6.55
C MET C 243 -6.71 -25.90 -7.74
N ALA C 244 -6.76 -27.15 -8.21
CA ALA C 244 -6.04 -27.47 -9.44
C ALA C 244 -6.61 -26.73 -10.65
N THR C 245 -7.92 -26.51 -10.68
CA THR C 245 -8.51 -25.78 -11.78
C THR C 245 -8.08 -24.31 -11.77
N GLN C 246 -8.11 -23.70 -10.60
CA GLN C 246 -7.77 -22.29 -10.46
C GLN C 246 -6.29 -22.07 -10.68
N PHE C 247 -5.49 -23.08 -10.33
CA PHE C 247 -4.09 -23.09 -10.74
C PHE C 247 -3.96 -23.18 -12.24
N GLY C 248 -4.78 -24.03 -12.88
CA GLY C 248 -4.58 -24.32 -14.29
C GLY C 248 -4.99 -23.19 -15.19
N ILE C 249 -5.96 -22.39 -14.75
CA ILE C 249 -6.39 -21.24 -15.55
C ILE C 249 -5.26 -20.23 -15.68
N LEU C 250 -4.71 -19.81 -14.53
CA LEU C 250 -3.61 -18.87 -14.54
C LEU C 250 -2.37 -19.50 -15.17
N ALA C 251 -2.22 -20.81 -15.03
CA ALA C 251 -1.11 -21.50 -15.67
C ALA C 251 -1.22 -21.43 -17.18
N ARG C 252 -2.44 -21.47 -17.71
CA ARG C 252 -2.60 -21.29 -19.14
C ARG C 252 -2.26 -19.88 -19.55
N LEU C 253 -2.87 -18.92 -18.87
CA LEU C 253 -2.80 -17.54 -19.36
C LEU C 253 -1.40 -16.99 -19.20
N THR C 254 -0.92 -16.94 -17.97
CA THR C 254 0.01 -15.87 -17.65
C THR C 254 1.45 -16.17 -18.05
N TRP C 255 1.79 -17.42 -18.38
CA TRP C 255 3.04 -17.65 -19.06
C TRP C 255 2.96 -17.27 -20.52
N TRP C 256 2.15 -17.98 -21.26
CA TRP C 256 2.39 -18.06 -22.69
C TRP C 256 1.13 -17.95 -23.53
N GLU C 257 -0.05 -17.85 -22.93
CA GLU C 257 -1.12 -17.18 -23.64
C GLU C 257 -0.95 -15.67 -23.57
N TYR C 258 -0.26 -15.16 -22.57
CA TYR C 258 -0.45 -13.76 -22.19
C TYR C 258 0.81 -13.29 -21.46
N SER C 259 0.70 -12.18 -20.76
CA SER C 259 1.78 -11.66 -19.93
C SER C 259 1.63 -12.08 -18.48
N TRP C 260 2.62 -11.68 -17.69
CA TRP C 260 2.53 -11.79 -16.25
C TRP C 260 2.20 -10.47 -15.59
N ASP C 261 2.69 -9.36 -16.13
CA ASP C 261 2.42 -8.07 -15.51
C ASP C 261 0.98 -7.63 -15.72
N ILE C 262 0.21 -8.33 -16.54
CA ILE C 262 -1.19 -8.01 -16.66
C ILE C 262 -2.01 -8.81 -15.66
N MET C 263 -1.58 -10.02 -15.36
CA MET C 263 -2.36 -10.91 -14.50
C MET C 263 -1.99 -10.81 -13.03
N GLU C 264 -0.97 -10.06 -12.67
CA GLU C 264 -0.67 -9.89 -11.26
C GLU C 264 -1.78 -9.18 -10.47
N PRO C 265 -2.51 -8.18 -10.98
CA PRO C 265 -3.67 -7.70 -10.21
C PRO C 265 -4.76 -8.72 -10.01
N VAL C 266 -5.11 -9.47 -11.06
CA VAL C 266 -6.08 -10.54 -10.92
C VAL C 266 -5.60 -11.56 -9.90
N THR C 267 -4.30 -11.83 -9.90
CA THR C 267 -3.72 -12.79 -8.99
C THR C 267 -3.82 -12.34 -7.54
N TYR C 268 -3.38 -11.11 -7.26
CA TYR C 268 -3.47 -10.57 -5.92
C TYR C 268 -4.92 -10.44 -5.45
N PHE C 269 -5.82 -10.00 -6.33
CA PHE C 269 -7.20 -9.87 -5.93
C PHE C 269 -7.84 -11.23 -5.65
N ILE C 270 -7.40 -12.28 -6.33
CA ILE C 270 -7.91 -13.61 -5.99
C ILE C 270 -7.36 -14.07 -4.65
N THR C 271 -6.06 -13.90 -4.42
CA THR C 271 -5.50 -14.31 -3.13
C THR C 271 -6.07 -13.48 -1.99
N TYR C 272 -6.44 -12.24 -2.25
CA TYR C 272 -7.04 -11.45 -1.20
C TYR C 272 -8.50 -11.83 -0.98
N GLY C 273 -9.22 -12.12 -2.05
CA GLY C 273 -10.59 -12.54 -1.91
C GLY C 273 -10.74 -13.89 -1.24
N SER C 274 -9.71 -14.74 -1.34
CA SER C 274 -9.68 -15.97 -0.56
C SER C 274 -9.72 -15.67 0.93
N ALA C 275 -8.90 -14.71 1.37
CA ALA C 275 -8.90 -14.34 2.77
C ALA C 275 -10.18 -13.64 3.17
N MET C 276 -10.75 -12.90 2.23
CA MET C 276 -12.04 -12.27 2.47
C MET C 276 -13.12 -13.31 2.71
N ALA C 277 -13.15 -14.34 1.86
CA ALA C 277 -14.15 -15.37 2.01
C ALA C 277 -13.90 -16.22 3.24
N MET C 278 -12.65 -16.32 3.68
CA MET C 278 -12.41 -17.03 4.93
C MET C 278 -12.93 -16.24 6.12
N TYR C 279 -12.73 -14.92 6.12
CA TYR C 279 -13.30 -14.10 7.18
C TYR C 279 -14.81 -14.15 7.15
N ALA C 280 -15.38 -14.18 5.95
CA ALA C 280 -16.80 -14.35 5.80
C ALA C 280 -17.26 -15.67 6.38
N TYR C 281 -16.51 -16.74 6.13
CA TYR C 281 -16.92 -18.03 6.64
C TYR C 281 -16.77 -18.09 8.14
N PHE C 282 -15.92 -17.26 8.74
CA PHE C 282 -16.03 -17.09 10.17
C PHE C 282 -17.36 -16.46 10.54
N VAL C 283 -17.67 -15.30 9.96
CA VAL C 283 -18.84 -14.57 10.46
C VAL C 283 -20.13 -15.26 10.01
N MET C 284 -20.10 -15.93 8.86
CA MET C 284 -21.29 -16.65 8.44
C MET C 284 -21.48 -17.97 9.17
N THR C 285 -20.66 -18.27 10.16
CA THR C 285 -20.77 -19.52 10.89
C THR C 285 -20.65 -19.32 12.38
N ARG C 286 -20.09 -18.20 12.83
CA ARG C 286 -19.65 -17.97 14.20
C ARG C 286 -18.69 -19.04 14.68
N GLN C 287 -17.84 -19.55 13.80
CA GLN C 287 -16.71 -20.35 14.21
C GLN C 287 -15.63 -20.27 13.16
N GLU C 288 -14.46 -20.80 13.50
CA GLU C 288 -13.24 -20.58 12.74
C GLU C 288 -13.12 -21.58 11.60
N TYR C 289 -12.50 -21.15 10.49
CA TYR C 289 -12.26 -21.98 9.32
C TYR C 289 -10.89 -22.64 9.41
N VAL C 290 -10.85 -23.81 10.01
CA VAL C 290 -9.65 -24.65 10.05
C VAL C 290 -10.05 -26.05 9.61
N TYR C 291 -9.26 -26.63 8.70
CA TYR C 291 -9.72 -27.66 7.78
C TYR C 291 -10.50 -28.83 8.37
N PRO C 292 -10.04 -29.54 9.41
CA PRO C 292 -10.88 -30.66 9.87
C PRO C 292 -12.11 -30.19 10.62
N GLU C 293 -12.03 -29.04 11.28
CA GLU C 293 -13.13 -28.56 12.08
C GLU C 293 -14.17 -27.84 11.25
N ALA C 294 -13.96 -27.73 9.94
CA ALA C 294 -15.01 -27.38 9.01
C ALA C 294 -15.46 -28.57 8.19
N ARG C 295 -14.55 -29.50 7.90
CA ARG C 295 -14.93 -30.76 7.28
C ARG C 295 -15.93 -31.52 8.14
N ASP C 296 -15.72 -31.51 9.45
CA ASP C 296 -16.65 -32.20 10.33
C ASP C 296 -17.96 -31.46 10.41
N ARG C 297 -17.93 -30.14 10.29
CA ARG C 297 -19.17 -29.38 10.18
C ARG C 297 -19.96 -29.80 8.95
N GLN C 298 -19.27 -29.97 7.83
CA GLN C 298 -19.96 -30.32 6.61
C GLN C 298 -20.49 -31.74 6.66
N TYR C 299 -19.73 -32.64 7.28
CA TYR C 299 -20.20 -34.02 7.41
C TYR C 299 -21.36 -34.11 8.36
N LEU C 300 -21.33 -33.31 9.42
CA LEU C 300 -22.44 -33.22 10.35
C LEU C 300 -23.69 -32.66 9.67
N LEU C 301 -23.50 -31.64 8.85
CA LEU C 301 -24.60 -31.05 8.09
C LEU C 301 -25.21 -32.06 7.15
N PHE C 302 -24.37 -32.84 6.47
CA PHE C 302 -24.89 -33.86 5.57
C PHE C 302 -25.54 -34.99 6.34
N PHE C 303 -25.09 -35.24 7.57
CA PHE C 303 -25.69 -36.29 8.39
C PHE C 303 -27.09 -35.90 8.81
N HIS C 304 -27.26 -34.65 9.25
CA HIS C 304 -28.60 -34.19 9.59
C HIS C 304 -29.47 -34.01 8.37
N LYS C 305 -28.87 -33.73 7.21
CA LYS C 305 -29.61 -33.68 5.96
C LYS C 305 -30.20 -35.05 5.62
N GLY C 306 -29.38 -36.09 5.73
CA GLY C 306 -29.90 -37.43 5.53
C GLY C 306 -30.89 -37.85 6.60
N ALA C 307 -30.69 -37.38 7.83
CA ALA C 307 -31.60 -37.72 8.90
C ALA C 307 -32.97 -37.10 8.72
N LYS C 308 -33.01 -35.87 8.17
CA LYS C 308 -34.28 -35.19 7.97
C LYS C 308 -35.12 -35.90 6.93
N LYS C 309 -34.48 -36.40 5.88
CA LYS C 309 -35.19 -37.27 4.95
C LYS C 309 -35.53 -38.60 5.60
N SER C 310 -34.68 -39.09 6.49
CA SER C 310 -34.83 -40.46 6.95
C SER C 310 -35.95 -40.60 7.95
N ARG C 311 -36.04 -39.66 8.91
CA ARG C 311 -37.09 -39.60 9.93
C ARG C 311 -37.09 -40.89 10.77
N PHE C 312 -36.03 -41.02 11.57
CA PHE C 312 -35.79 -42.27 12.29
C PHE C 312 -35.57 -42.11 13.79
N ASP C 313 -35.85 -40.92 14.34
CA ASP C 313 -35.65 -40.58 15.76
C ASP C 313 -34.18 -40.75 16.17
N LEU C 314 -33.35 -39.91 15.55
CA LEU C 314 -31.97 -39.74 15.99
C LEU C 314 -31.88 -39.31 17.44
N GLU C 315 -32.88 -38.57 17.91
CA GLU C 315 -32.85 -38.06 19.27
C GLU C 315 -33.04 -39.18 20.29
N LYS C 316 -34.02 -40.04 20.05
CA LYS C 316 -34.23 -41.18 20.92
C LYS C 316 -33.07 -42.15 20.80
N TYR C 317 -32.43 -42.19 19.63
CA TYR C 317 -31.22 -42.95 19.42
C TYR C 317 -30.10 -42.52 20.34
N ASN C 318 -29.68 -41.26 20.25
CA ASN C 318 -28.51 -40.93 21.06
C ASN C 318 -28.86 -40.71 22.52
N GLN C 319 -30.15 -40.49 22.83
CA GLN C 319 -30.65 -40.67 24.18
C GLN C 319 -30.34 -42.07 24.70
N LEU C 320 -30.70 -43.09 23.92
CA LEU C 320 -30.40 -44.47 24.26
C LEU C 320 -28.90 -44.70 24.36
N LYS C 321 -28.12 -44.00 23.53
CA LYS C 321 -26.67 -44.11 23.59
C LYS C 321 -26.13 -43.60 24.91
N ASP C 322 -26.63 -42.46 25.37
CA ASP C 322 -26.20 -41.95 26.67
C ASP C 322 -26.63 -42.86 27.80
N ALA C 323 -27.80 -43.48 27.66
CA ALA C 323 -28.26 -44.44 28.67
C ALA C 323 -27.34 -45.63 28.77
N ILE C 324 -26.96 -46.20 27.62
CA ILE C 324 -26.15 -47.40 27.66
C ILE C 324 -24.72 -47.08 28.08
N ALA C 325 -24.20 -45.90 27.74
CA ALA C 325 -22.88 -45.55 28.23
C ALA C 325 -22.90 -45.25 29.72
N GLN C 326 -24.01 -44.71 30.22
CA GLN C 326 -24.13 -44.52 31.66
C GLN C 326 -24.17 -45.86 32.39
N ALA C 327 -24.94 -46.81 31.86
CA ALA C 327 -24.98 -48.15 32.46
C ALA C 327 -23.65 -48.86 32.35
N GLU C 328 -22.88 -48.59 31.30
CA GLU C 328 -21.50 -49.04 31.19
C GLU C 328 -20.67 -48.55 32.36
N MET C 329 -20.72 -47.24 32.63
CA MET C 329 -19.92 -46.70 33.73
C MET C 329 -20.42 -47.21 35.07
N ASP C 330 -21.73 -47.47 35.17
CA ASP C 330 -22.32 -48.08 36.36
C ASP C 330 -21.71 -49.46 36.60
N LEU C 331 -21.60 -50.25 35.53
CA LEU C 331 -21.09 -51.60 35.66
C LEU C 331 -19.59 -51.59 35.90
N LYS C 332 -18.90 -50.57 35.39
CA LYS C 332 -17.49 -50.36 35.73
C LYS C 332 -17.32 -50.11 37.21
N ARG C 333 -18.04 -49.11 37.73
CA ARG C 333 -17.88 -48.71 39.12
C ARG C 333 -18.34 -49.80 40.07
N LEU C 334 -19.35 -50.57 39.67
CA LEU C 334 -19.91 -51.59 40.55
C LEU C 334 -18.97 -52.77 40.68
N ARG C 335 -18.11 -53.00 39.68
CA ARG C 335 -17.20 -54.13 39.68
C ARG C 335 -15.78 -53.72 39.98
N ASP C 336 -15.60 -52.84 40.95
CA ASP C 336 -14.29 -52.46 41.46
C ASP C 336 -13.53 -53.68 41.94
N PRO C 337 -12.33 -53.94 41.42
CA PRO C 337 -11.51 -55.02 41.98
C PRO C 337 -11.01 -54.71 43.37
N LEU C 338 -10.73 -53.45 43.67
CA LEU C 338 -10.23 -53.08 44.99
C LEU C 338 -11.26 -53.29 46.07
N GLN C 339 -12.50 -52.93 45.78
CA GLN C 339 -13.54 -52.91 46.80
C GLN C 339 -14.45 -54.09 46.59
N VAL C 340 -14.48 -54.98 47.58
CA VAL C 340 -15.20 -56.24 47.48
C VAL C 340 -16.70 -55.99 47.59
N HIS C 341 -17.48 -56.74 46.80
CA HIS C 341 -18.93 -56.64 46.82
C HIS C 341 -19.53 -58.01 46.60
N VAL D 48 2.92 -36.51 22.93
CA VAL D 48 1.93 -36.85 21.92
C VAL D 48 2.04 -38.31 21.57
N ILE D 49 3.27 -38.75 21.27
CA ILE D 49 3.51 -40.09 20.77
C ILE D 49 3.32 -41.14 21.85
N VAL D 50 3.24 -40.74 23.11
CA VAL D 50 3.14 -41.67 24.23
C VAL D 50 1.81 -41.41 24.92
N THR D 51 1.09 -42.47 25.24
CA THR D 51 -0.14 -42.38 25.98
C THR D 51 0.16 -41.90 27.40
N ARG D 52 -0.87 -41.37 28.07
CA ARG D 52 -0.85 -41.17 29.52
C ARG D 52 -0.60 -42.46 30.29
N SER D 53 -0.89 -43.62 29.71
CA SER D 53 -0.54 -44.91 30.30
C SER D 53 0.90 -45.32 30.00
N GLY D 54 1.73 -44.39 29.54
CA GLY D 54 3.09 -44.71 29.17
C GLY D 54 3.22 -45.52 27.92
N ALA D 55 2.14 -45.70 27.17
CA ALA D 55 2.13 -46.65 26.07
C ALA D 55 2.30 -45.95 24.74
N ILE D 56 2.61 -46.72 23.72
CA ILE D 56 2.74 -46.23 22.35
C ILE D 56 1.35 -46.09 21.77
N LEU D 57 1.15 -45.07 20.92
CA LEU D 57 -0.11 -44.86 20.23
C LEU D 57 -0.45 -46.03 19.31
N PRO D 58 -1.70 -46.13 18.85
CA PRO D 58 -2.00 -47.04 17.75
C PRO D 58 -1.35 -46.56 16.46
N LYS D 59 -1.29 -47.46 15.50
CA LYS D 59 -0.55 -47.18 14.28
C LYS D 59 -1.29 -46.16 13.43
N PRO D 60 -0.61 -45.14 12.90
CA PRO D 60 -1.28 -44.15 12.07
C PRO D 60 -1.70 -44.74 10.73
N VAL D 61 -2.83 -44.29 10.23
CA VAL D 61 -3.44 -44.84 9.05
C VAL D 61 -3.26 -43.86 7.90
N LYS D 62 -3.16 -44.39 6.68
CA LYS D 62 -3.10 -43.60 5.46
C LYS D 62 -4.36 -43.82 4.64
N MET D 63 -4.35 -43.28 3.43
CA MET D 63 -5.38 -43.62 2.45
C MET D 63 -4.78 -44.57 1.41
N SER D 64 -5.50 -45.66 1.15
CA SER D 64 -5.08 -46.59 0.11
C SER D 64 -5.26 -45.96 -1.26
N PHE D 65 -4.19 -45.97 -2.06
CA PHE D 65 -4.09 -45.31 -3.37
C PHE D 65 -4.38 -43.81 -3.34
N GLY D 66 -4.31 -43.19 -2.15
CA GLY D 66 -4.63 -41.79 -2.05
C GLY D 66 -3.54 -40.92 -2.63
N LEU D 67 -2.30 -41.42 -2.56
CA LEU D 67 -1.19 -40.74 -3.20
C LEU D 67 -1.38 -40.65 -4.70
N LEU D 68 -1.71 -41.77 -5.34
CA LEU D 68 -1.99 -41.70 -6.76
C LEU D 68 -3.36 -41.11 -7.03
N ARG D 69 -4.25 -41.06 -6.03
CA ARG D 69 -5.45 -40.24 -6.20
C ARG D 69 -5.10 -38.77 -6.37
N VAL D 70 -4.18 -38.24 -5.55
CA VAL D 70 -3.77 -36.85 -5.73
C VAL D 70 -3.02 -36.69 -7.04
N PHE D 71 -2.09 -37.61 -7.31
CA PHE D 71 -1.26 -37.62 -8.50
C PHE D 71 -2.08 -37.81 -9.77
N SER D 72 -3.34 -38.27 -9.66
CA SER D 72 -4.22 -38.46 -10.79
C SER D 72 -5.49 -37.63 -10.71
N ILE D 73 -5.60 -36.73 -9.74
CA ILE D 73 -6.69 -35.77 -9.70
C ILE D 73 -6.19 -34.36 -10.03
N VAL D 74 -4.98 -34.03 -9.59
CA VAL D 74 -4.38 -32.74 -9.92
C VAL D 74 -4.22 -32.56 -11.42
N ILE D 75 -3.61 -33.55 -12.06
CA ILE D 75 -3.25 -33.52 -13.48
C ILE D 75 -4.46 -33.37 -14.42
N PRO D 76 -5.57 -34.11 -14.27
CA PRO D 76 -6.71 -33.80 -15.16
C PRO D 76 -7.31 -32.45 -14.91
N PHE D 77 -7.43 -32.02 -13.66
CA PHE D 77 -8.04 -30.72 -13.42
C PHE D 77 -7.09 -29.57 -13.72
N LEU D 78 -5.78 -29.80 -13.67
CA LEU D 78 -4.86 -28.82 -14.22
C LEU D 78 -5.03 -28.72 -15.73
N TYR D 79 -5.28 -29.85 -16.39
CA TYR D 79 -5.52 -29.78 -17.82
C TYR D 79 -6.84 -29.12 -18.14
N VAL D 80 -7.84 -29.27 -17.27
CA VAL D 80 -9.10 -28.59 -17.49
C VAL D 80 -8.93 -27.09 -17.30
N GLY D 81 -8.11 -26.69 -16.33
CA GLY D 81 -7.77 -25.28 -16.19
C GLY D 81 -7.02 -24.74 -17.39
N THR D 82 -6.23 -25.60 -18.03
CA THR D 82 -5.61 -25.22 -19.30
C THR D 82 -6.67 -25.03 -20.38
N LEU D 83 -7.62 -25.96 -20.45
CA LEU D 83 -8.58 -26.00 -21.55
C LEU D 83 -9.58 -24.86 -21.46
N ILE D 84 -10.00 -24.52 -20.25
CA ILE D 84 -11.24 -23.79 -20.09
C ILE D 84 -11.04 -22.32 -20.45
N SER D 85 -9.84 -21.80 -20.27
CA SER D 85 -9.59 -20.43 -20.65
C SER D 85 -9.39 -20.30 -22.14
N LYS D 86 -8.79 -21.32 -22.76
CA LYS D 86 -8.69 -21.36 -24.21
C LYS D 86 -10.06 -21.35 -24.84
N ASN D 87 -10.95 -22.22 -24.37
CA ASN D 87 -12.30 -22.28 -24.90
C ASN D 87 -13.23 -21.25 -24.29
N PHE D 88 -12.72 -20.38 -23.44
CA PHE D 88 -13.56 -19.27 -23.00
C PHE D 88 -13.17 -17.95 -23.65
N ALA D 89 -11.88 -17.69 -23.82
CA ALA D 89 -11.44 -16.36 -24.23
C ALA D 89 -11.65 -16.11 -25.70
N ALA D 90 -11.36 -17.12 -26.54
CA ALA D 90 -11.62 -16.98 -27.97
C ALA D 90 -13.11 -16.88 -28.23
N LEU D 91 -13.91 -17.57 -27.42
CA LEU D 91 -15.35 -17.36 -27.39
C LEU D 91 -15.70 -15.93 -27.01
N LEU D 92 -14.94 -15.37 -26.06
CA LEU D 92 -15.25 -14.05 -25.55
C LEU D 92 -14.99 -12.99 -26.61
N GLU D 93 -13.94 -13.17 -27.38
CA GLU D 93 -13.74 -12.28 -28.52
C GLU D 93 -14.49 -12.72 -29.76
N GLU D 94 -15.15 -13.87 -29.72
CA GLU D 94 -16.07 -14.21 -30.80
C GLU D 94 -17.41 -13.51 -30.63
N HIS D 95 -18.00 -13.64 -29.46
CA HIS D 95 -19.44 -13.50 -29.34
C HIS D 95 -19.84 -12.02 -29.29
N ASP D 96 -19.44 -11.32 -28.23
CA ASP D 96 -19.77 -9.90 -28.07
C ASP D 96 -18.69 -9.18 -27.29
N ILE D 97 -18.43 -7.94 -27.70
CA ILE D 97 -17.47 -7.07 -27.02
C ILE D 97 -18.18 -5.84 -26.45
N PHE D 98 -19.42 -6.02 -26.00
CA PHE D 98 -20.25 -5.02 -25.32
C PHE D 98 -20.50 -3.75 -26.14
N CYS E 191 -14.51 -41.84 71.63
CA CYS E 191 -13.48 -40.85 71.29
C CYS E 191 -13.40 -40.62 69.78
N ILE E 192 -14.57 -40.59 69.13
CA ILE E 192 -14.60 -40.46 67.68
C ILE E 192 -14.28 -39.05 67.25
N GLU E 193 -15.08 -38.08 67.72
CA GLU E 193 -14.98 -36.71 67.24
C GLU E 193 -13.70 -36.02 67.70
N GLN E 194 -13.16 -36.41 68.86
CA GLN E 194 -11.93 -35.79 69.32
C GLN E 194 -10.76 -36.25 68.47
N HIS E 195 -10.75 -37.55 68.12
CA HIS E 195 -9.80 -38.07 67.15
C HIS E 195 -9.95 -37.43 65.78
N GLN E 196 -11.19 -37.16 65.37
CA GLN E 196 -11.42 -36.55 64.06
C GLN E 196 -10.92 -35.11 64.02
N LEU E 197 -11.26 -34.34 65.05
CA LEU E 197 -10.78 -32.96 65.12
C LEU E 197 -9.28 -32.91 65.34
N ASN E 198 -8.72 -33.95 65.95
CA ASN E 198 -7.27 -34.05 66.06
C ASN E 198 -6.64 -34.28 64.68
N LYS E 199 -7.26 -35.14 63.86
CA LYS E 199 -6.78 -35.32 62.49
C LYS E 199 -6.86 -34.04 61.69
N GLU E 200 -7.97 -33.32 61.83
CA GLU E 200 -8.16 -32.08 61.11
C GLU E 200 -7.18 -31.02 61.58
N ARG E 201 -6.98 -30.94 62.90
CA ARG E 201 -6.01 -30.04 63.49
C ARG E 201 -4.60 -30.35 63.01
N GLU E 202 -4.31 -31.65 62.86
CA GLU E 202 -3.01 -32.10 62.37
C GLU E 202 -2.76 -31.64 60.94
N LEU E 203 -3.73 -31.86 60.07
CA LEU E 203 -3.58 -31.45 58.67
C LEU E 203 -3.52 -29.93 58.55
N ILE E 204 -4.33 -29.23 59.34
CA ILE E 204 -4.38 -27.79 59.17
C ILE E 204 -3.14 -27.14 59.76
N GLU E 205 -2.50 -27.77 60.75
CA GLU E 205 -1.30 -27.14 61.27
C GLU E 205 -0.07 -27.53 60.46
N ARG E 206 -0.10 -28.69 59.80
CA ARG E 206 0.89 -28.95 58.77
C ARG E 206 0.77 -27.93 57.64
N LEU E 207 -0.46 -27.58 57.27
CA LEU E 207 -0.69 -26.51 56.32
C LEU E 207 -0.12 -25.19 56.81
N GLU E 208 -0.31 -24.90 58.09
CA GLU E 208 0.21 -23.65 58.66
C GLU E 208 1.73 -23.60 58.61
N ASP E 209 2.37 -24.70 58.98
CA ASP E 209 3.83 -24.73 58.99
C ASP E 209 4.39 -24.64 57.58
N LEU E 210 3.73 -25.27 56.62
CA LEU E 210 4.26 -25.22 55.28
C LEU E 210 4.01 -23.87 54.63
N LYS E 211 2.93 -23.17 55.00
CA LYS E 211 2.77 -21.79 54.56
C LYS E 211 3.81 -20.90 55.20
N GLU E 212 4.17 -21.20 56.44
CA GLU E 212 5.20 -20.43 57.12
C GLU E 212 6.54 -20.59 56.44
N GLN E 213 6.81 -21.78 55.91
CA GLN E 213 8.00 -21.92 55.09
C GLN E 213 7.80 -21.35 53.70
N LEU E 214 6.56 -21.22 53.26
CA LEU E 214 6.30 -20.71 51.92
C LEU E 214 6.66 -19.24 51.82
N ALA E 215 6.37 -18.49 52.87
CA ALA E 215 6.53 -17.04 52.84
C ALA E 215 7.95 -16.50 52.55
N PRO E 216 9.05 -17.04 53.09
CA PRO E 216 10.35 -16.40 52.77
C PRO E 216 10.82 -16.62 51.34
N LEU E 217 10.64 -17.82 50.79
CA LEU E 217 11.13 -18.07 49.45
C LEU E 217 10.24 -17.44 48.39
N GLU E 218 8.98 -17.21 48.74
CA GLU E 218 8.05 -16.58 47.82
C GLU E 218 8.46 -15.16 47.51
N LYS E 219 9.15 -14.49 48.43
CA LYS E 219 9.60 -13.12 48.18
C LYS E 219 10.66 -13.10 47.10
N VAL E 220 11.66 -13.97 47.22
CA VAL E 220 12.72 -14.04 46.22
C VAL E 220 12.15 -14.49 44.88
N ARG E 221 11.17 -15.41 44.94
CA ARG E 221 10.45 -15.84 43.75
C ARG E 221 9.73 -14.68 43.07
N ILE E 222 9.08 -13.83 43.86
CA ILE E 222 8.26 -12.80 43.24
C ILE E 222 9.15 -11.66 42.74
N GLU E 223 10.32 -11.47 43.34
CA GLU E 223 11.19 -10.42 42.83
C GLU E 223 11.91 -10.87 41.58
N ILE E 224 12.32 -12.15 41.52
CA ILE E 224 12.93 -12.60 40.28
C ILE E 224 11.88 -12.72 39.18
N SER E 225 10.62 -12.91 39.58
CA SER E 225 9.52 -12.88 38.63
C SER E 225 9.36 -11.50 38.03
N ARG E 226 9.40 -10.44 38.86
CA ARG E 226 9.25 -9.12 38.26
C ARG E 226 10.50 -8.71 37.47
N LYS E 227 11.67 -9.25 37.83
CA LYS E 227 12.86 -9.03 37.01
C LYS E 227 12.70 -9.62 35.62
N ALA E 228 12.43 -10.92 35.54
CA ALA E 228 12.30 -11.57 34.25
C ALA E 228 11.07 -11.07 33.51
N GLU E 229 10.06 -10.60 34.22
CA GLU E 229 8.91 -10.00 33.59
C GLU E 229 9.27 -8.69 32.91
N LYS E 230 10.11 -7.88 33.57
CA LYS E 230 10.60 -6.66 32.95
C LYS E 230 11.39 -6.96 31.69
N ARG E 231 12.24 -7.98 31.76
CA ARG E 231 13.03 -8.34 30.57
C ARG E 231 12.14 -8.86 29.44
N THR E 232 11.18 -9.72 29.77
CA THR E 232 10.39 -10.29 28.69
C THR E 232 9.39 -9.29 28.14
N THR E 233 8.99 -8.29 28.93
CA THR E 233 8.14 -7.25 28.40
C THR E 233 8.93 -6.36 27.46
N LEU E 234 10.21 -6.17 27.79
CA LEU E 234 11.11 -5.49 26.85
C LEU E 234 11.25 -6.27 25.56
N VAL E 235 11.27 -7.60 25.65
CA VAL E 235 11.40 -8.41 24.43
C VAL E 235 10.13 -8.31 23.59
N LEU E 236 8.97 -8.34 24.25
CA LEU E 236 7.69 -8.18 23.55
C LEU E 236 7.62 -6.86 22.82
N TRP E 237 8.09 -5.79 23.45
CA TRP E 237 8.09 -4.51 22.74
C TRP E 237 9.16 -4.44 21.67
N GLY E 238 10.31 -5.08 21.90
CA GLY E 238 11.39 -5.02 20.94
C GLY E 238 11.07 -5.75 19.66
N GLY E 239 10.24 -6.78 19.76
CA GLY E 239 9.71 -7.41 18.56
C GLY E 239 8.93 -6.43 17.70
N LEU E 240 8.09 -5.61 18.33
CA LEU E 240 7.32 -4.64 17.55
C LEU E 240 8.21 -3.51 17.07
N ALA E 241 9.27 -3.22 17.82
CA ALA E 241 10.25 -2.24 17.37
C ALA E 241 10.93 -2.71 16.09
N TYR E 242 11.30 -3.99 16.05
CA TYR E 242 11.85 -4.57 14.83
C TYR E 242 10.84 -4.55 13.70
N MET E 243 9.58 -4.87 14.02
CA MET E 243 8.50 -4.88 13.05
C MET E 243 8.27 -3.50 12.46
N ALA E 244 8.53 -2.44 13.23
CA ALA E 244 8.39 -1.09 12.72
C ALA E 244 9.61 -0.62 11.95
N THR E 245 10.80 -0.92 12.44
CA THR E 245 11.99 -0.41 11.78
C THR E 245 12.31 -1.17 10.51
N GLN E 246 11.70 -2.34 10.30
CA GLN E 246 11.73 -2.89 8.96
C GLN E 246 10.87 -2.06 8.02
N PHE E 247 9.68 -1.69 8.49
CA PHE E 247 8.72 -1.01 7.64
C PHE E 247 9.18 0.40 7.30
N GLY E 248 9.96 1.02 8.18
CA GLY E 248 10.56 2.30 7.85
C GLY E 248 11.55 2.22 6.70
N ILE E 249 12.39 1.19 6.71
CA ILE E 249 13.35 0.96 5.63
C ILE E 249 12.62 0.69 4.33
N LEU E 250 11.70 -0.25 4.38
CA LEU E 250 10.98 -0.63 3.17
C LEU E 250 10.05 0.46 2.68
N ALA E 251 9.64 1.36 3.56
CA ALA E 251 8.84 2.50 3.13
C ALA E 251 9.68 3.55 2.44
N ARG E 252 10.84 3.87 2.99
CA ARG E 252 11.68 4.87 2.33
C ARG E 252 12.26 4.38 1.05
N LEU E 253 12.45 3.09 0.92
CA LEU E 253 13.33 2.60 -0.12
C LEU E 253 12.55 2.23 -1.38
N THR E 254 11.25 2.52 -1.42
CA THR E 254 10.47 2.32 -2.62
C THR E 254 9.91 3.59 -3.19
N TRP E 255 9.74 4.62 -2.39
CA TRP E 255 9.12 5.83 -2.88
C TRP E 255 10.08 7.00 -2.94
N TRP E 256 11.30 6.80 -2.52
CA TRP E 256 12.17 7.96 -2.51
C TRP E 256 13.48 7.74 -3.24
N GLU E 257 14.09 6.58 -3.09
CA GLU E 257 15.44 6.45 -3.60
C GLU E 257 15.77 5.09 -4.18
N TYR E 258 14.78 4.20 -4.33
CA TYR E 258 14.81 3.09 -5.26
C TYR E 258 13.37 2.83 -5.69
N SER E 259 13.22 2.03 -6.73
CA SER E 259 11.89 1.74 -7.27
C SER E 259 11.33 0.47 -6.67
N TRP E 260 10.08 0.19 -7.00
CA TRP E 260 9.48 -1.06 -6.53
C TRP E 260 10.02 -2.24 -7.31
N ASP E 261 10.48 -2.01 -8.54
CA ASP E 261 11.27 -2.99 -9.28
C ASP E 261 12.49 -3.41 -8.51
N ILE E 262 13.04 -2.51 -7.71
CA ILE E 262 14.22 -2.87 -6.95
C ILE E 262 13.83 -3.62 -5.69
N MET E 263 12.86 -3.13 -4.94
CA MET E 263 12.63 -3.71 -3.62
C MET E 263 11.70 -4.91 -3.61
N GLU E 264 10.92 -5.14 -4.67
CA GLU E 264 10.01 -6.28 -4.67
C GLU E 264 10.67 -7.65 -4.49
N PRO E 265 11.81 -7.98 -5.13
CA PRO E 265 12.43 -9.26 -4.78
C PRO E 265 12.91 -9.32 -3.35
N VAL E 266 13.30 -8.19 -2.77
CA VAL E 266 13.75 -8.19 -1.39
C VAL E 266 12.59 -8.52 -0.46
N THR E 267 11.41 -7.99 -0.76
CA THR E 267 10.25 -8.28 0.08
C THR E 267 9.83 -9.72 -0.09
N TYR E 268 10.01 -10.27 -1.28
CA TYR E 268 9.74 -11.70 -1.43
C TYR E 268 10.68 -12.52 -0.57
N PHE E 269 11.96 -12.20 -0.58
CA PHE E 269 12.88 -13.05 0.16
C PHE E 269 12.74 -12.84 1.66
N ILE E 270 12.31 -11.65 2.09
CA ILE E 270 12.05 -11.46 3.51
C ILE E 270 10.83 -12.26 3.94
N THR E 271 9.76 -12.21 3.17
CA THR E 271 8.59 -13.00 3.52
C THR E 271 8.84 -14.49 3.40
N TYR E 272 9.81 -14.90 2.59
CA TYR E 272 10.12 -16.32 2.54
C TYR E 272 10.99 -16.73 3.72
N GLY E 273 12.00 -15.92 4.04
CA GLY E 273 12.81 -16.16 5.21
C GLY E 273 12.04 -16.05 6.50
N SER E 274 10.91 -15.37 6.47
CA SER E 274 9.97 -15.38 7.58
C SER E 274 9.53 -16.79 7.92
N ALA E 275 8.94 -17.49 6.94
CA ALA E 275 8.53 -18.86 7.16
C ALA E 275 9.73 -19.77 7.37
N MET E 276 10.88 -19.40 6.81
CA MET E 276 12.05 -20.24 6.95
C MET E 276 12.61 -20.16 8.37
N ALA E 277 12.59 -18.98 8.95
CA ALA E 277 12.97 -18.82 10.36
C ALA E 277 11.91 -19.41 11.28
N MET E 278 10.63 -19.29 10.94
CA MET E 278 9.60 -19.88 11.78
C MET E 278 9.64 -21.40 11.73
N TYR E 279 10.11 -21.96 10.63
CA TYR E 279 10.35 -23.39 10.56
C TYR E 279 11.61 -23.76 11.32
N ALA E 280 12.64 -22.94 11.22
CA ALA E 280 13.89 -23.24 11.89
C ALA E 280 13.75 -23.15 13.40
N TYR E 281 12.82 -22.32 13.87
CA TYR E 281 12.48 -22.28 15.28
C TYR E 281 11.91 -23.61 15.75
N PHE E 282 11.03 -24.20 14.95
CA PHE E 282 10.48 -25.49 15.27
C PHE E 282 11.53 -26.59 15.16
N VAL E 283 12.52 -26.41 14.31
CA VAL E 283 13.60 -27.38 14.29
C VAL E 283 14.47 -27.21 15.52
N MET E 284 14.69 -25.97 15.95
CA MET E 284 15.43 -25.67 17.18
C MET E 284 14.75 -26.26 18.39
N THR E 285 13.60 -25.73 18.74
CA THR E 285 12.87 -26.20 19.89
C THR E 285 11.62 -26.92 19.45
N ARG E 286 11.19 -27.87 20.27
CA ARG E 286 10.16 -28.79 19.86
C ARG E 286 8.75 -28.20 20.03
N GLN E 287 8.50 -27.02 19.45
CA GLN E 287 7.14 -26.49 19.41
C GLN E 287 7.06 -25.44 18.30
N GLU E 288 5.83 -25.05 17.98
CA GLU E 288 5.57 -24.10 16.91
C GLU E 288 5.97 -22.70 17.31
N TYR E 289 5.94 -21.80 16.34
CA TYR E 289 6.11 -20.37 16.59
C TYR E 289 4.74 -19.75 16.77
N VAL E 290 4.23 -19.81 17.98
CA VAL E 290 2.95 -19.23 18.35
C VAL E 290 3.24 -18.15 19.37
N TYR E 291 2.56 -17.00 19.24
CA TYR E 291 2.92 -15.83 20.03
C TYR E 291 2.76 -16.01 21.54
N PRO E 292 1.63 -16.47 22.10
CA PRO E 292 1.60 -16.60 23.57
C PRO E 292 2.46 -17.75 24.05
N GLU E 293 2.57 -18.80 23.25
CA GLU E 293 3.41 -19.94 23.57
C GLU E 293 4.87 -19.54 23.67
N ALA E 294 5.37 -18.82 22.67
CA ALA E 294 6.75 -18.37 22.72
C ALA E 294 6.95 -17.32 23.79
N ARG E 295 5.90 -16.54 24.08
CA ARG E 295 5.97 -15.58 25.17
C ARG E 295 6.20 -16.27 26.50
N ASP E 296 5.43 -17.32 26.77
CA ASP E 296 5.62 -18.09 27.99
C ASP E 296 6.99 -18.76 28.02
N ARG E 297 7.45 -19.24 26.86
CA ARG E 297 8.77 -19.84 26.76
C ARG E 297 9.86 -18.86 27.17
N GLN E 298 9.78 -17.66 26.64
CA GLN E 298 10.84 -16.70 26.90
C GLN E 298 10.79 -16.20 28.33
N TYR E 299 9.58 -16.03 28.88
CA TYR E 299 9.47 -15.63 30.28
C TYR E 299 10.03 -16.71 31.19
N LEU E 300 9.72 -17.96 30.90
CA LEU E 300 10.18 -19.03 31.77
C LEU E 300 11.67 -19.25 31.63
N LEU E 301 12.18 -19.01 30.44
CA LEU E 301 13.60 -19.15 30.20
C LEU E 301 14.38 -18.05 30.92
N PHE E 302 13.83 -16.84 30.95
CA PHE E 302 14.46 -15.80 31.74
C PHE E 302 14.30 -16.04 33.23
N PHE E 303 13.21 -16.71 33.63
CA PHE E 303 13.03 -17.06 35.03
C PHE E 303 14.11 -18.02 35.49
N HIS E 304 14.43 -19.01 34.66
CA HIS E 304 15.51 -19.93 35.03
C HIS E 304 16.87 -19.27 34.92
N LYS E 305 17.05 -18.30 34.01
CA LYS E 305 18.30 -17.55 34.01
C LYS E 305 18.47 -16.77 35.30
N GLY E 306 17.38 -16.19 35.81
CA GLY E 306 17.45 -15.54 37.11
C GLY E 306 17.64 -16.51 38.24
N ALA E 307 17.10 -17.72 38.11
CA ALA E 307 17.31 -18.74 39.12
C ALA E 307 18.76 -19.15 39.21
N LYS E 308 19.43 -19.26 38.07
CA LYS E 308 20.82 -19.68 38.09
C LYS E 308 21.73 -18.56 38.58
N LYS E 309 21.35 -17.31 38.38
CA LYS E 309 22.06 -16.21 38.99
C LYS E 309 21.88 -16.14 40.49
N SER E 310 20.64 -16.01 40.95
CA SER E 310 20.40 -15.82 42.37
C SER E 310 20.65 -17.08 43.19
N ARG E 311 20.57 -18.24 42.56
CA ARG E 311 20.84 -19.55 43.17
C ARG E 311 19.92 -19.81 44.36
N PHE E 312 18.63 -19.57 44.16
CA PHE E 312 17.69 -19.90 45.21
C PHE E 312 17.23 -21.34 45.04
N ASP E 313 16.45 -21.81 46.00
CA ASP E 313 16.07 -23.21 46.07
C ASP E 313 14.80 -23.41 45.26
N LEU E 314 14.95 -23.57 43.96
CA LEU E 314 13.78 -23.74 43.13
C LEU E 314 13.17 -25.11 43.32
N GLU E 315 13.98 -26.12 43.60
CA GLU E 315 13.43 -27.47 43.79
C GLU E 315 12.67 -27.57 45.10
N LYS E 316 13.20 -26.97 46.16
CA LYS E 316 12.43 -26.85 47.39
C LYS E 316 11.16 -26.06 47.17
N TYR E 317 11.24 -25.03 46.33
CA TYR E 317 10.06 -24.22 46.02
C TYR E 317 9.00 -25.05 45.33
N ASN E 318 9.42 -25.87 44.37
CA ASN E 318 8.52 -26.76 43.65
C ASN E 318 7.88 -27.76 44.59
N GLN E 319 8.70 -28.39 45.45
CA GLN E 319 8.20 -29.45 46.32
C GLN E 319 7.24 -28.92 47.36
N LEU E 320 7.61 -27.80 47.97
CA LEU E 320 6.77 -27.17 48.98
C LEU E 320 5.47 -26.66 48.37
N LYS E 321 5.55 -26.13 47.15
CA LYS E 321 4.37 -25.56 46.54
C LYS E 321 3.41 -26.64 46.08
N ASP E 322 3.93 -27.83 45.77
CA ASP E 322 3.03 -28.94 45.51
C ASP E 322 2.40 -29.45 46.80
N ALA E 323 3.19 -29.49 47.88
CA ALA E 323 2.69 -30.01 49.15
C ALA E 323 1.56 -29.15 49.70
N ILE E 324 1.65 -27.83 49.54
CA ILE E 324 0.59 -26.91 49.94
C ILE E 324 -0.71 -27.24 49.22
N ALA E 325 -0.65 -27.37 47.90
CA ALA E 325 -1.87 -27.55 47.13
C ALA E 325 -2.47 -28.93 47.36
N GLN E 326 -1.62 -29.93 47.63
CA GLN E 326 -2.18 -31.23 47.94
C GLN E 326 -2.84 -31.21 49.32
N ALA E 327 -2.25 -30.47 50.26
CA ALA E 327 -2.87 -30.30 51.56
C ALA E 327 -4.19 -29.56 51.47
N GLU E 328 -4.29 -28.63 50.53
CA GLU E 328 -5.54 -27.93 50.34
C GLU E 328 -6.60 -28.82 49.73
N MET E 329 -6.24 -29.60 48.70
CA MET E 329 -7.22 -30.42 48.01
C MET E 329 -7.71 -31.55 48.91
N ASP E 330 -6.83 -32.12 49.72
CA ASP E 330 -7.27 -33.19 50.59
C ASP E 330 -8.12 -32.66 51.72
N LEU E 331 -7.86 -31.44 52.17
CA LEU E 331 -8.73 -30.81 53.14
C LEU E 331 -10.07 -30.46 52.53
N LYS E 332 -10.07 -30.11 51.24
CA LYS E 332 -11.32 -29.87 50.52
C LYS E 332 -12.14 -31.14 50.45
N ARG E 333 -11.48 -32.28 50.26
CA ARG E 333 -12.15 -33.57 50.38
C ARG E 333 -12.62 -33.82 51.81
N LEU E 334 -11.87 -33.30 52.78
CA LEU E 334 -12.13 -33.64 54.17
C LEU E 334 -13.39 -32.95 54.68
N ARG E 335 -13.57 -31.67 54.37
CA ARG E 335 -14.63 -30.88 54.99
C ARG E 335 -15.90 -30.85 54.18
N ASP E 336 -16.20 -31.94 53.48
CA ASP E 336 -17.45 -32.06 52.74
C ASP E 336 -18.62 -32.04 53.71
N PRO E 337 -19.61 -31.17 53.54
CA PRO E 337 -20.86 -31.30 54.29
C PRO E 337 -21.74 -32.45 53.83
N LEU E 338 -21.33 -33.21 52.83
CA LEU E 338 -21.97 -34.47 52.49
C LEU E 338 -21.16 -35.66 52.99
N GLN E 339 -19.93 -35.40 53.44
CA GLN E 339 -19.08 -36.38 54.10
C GLN E 339 -18.65 -35.80 55.43
N VAL E 340 -19.64 -35.41 56.25
CA VAL E 340 -19.43 -34.65 57.48
C VAL E 340 -18.50 -35.39 58.42
N HIS E 341 -17.38 -34.77 58.74
CA HIS E 341 -16.49 -35.16 59.83
C HIS E 341 -16.49 -34.15 60.96
N LEU E 342 -16.90 -32.90 60.70
CA LEU E 342 -16.82 -31.83 61.66
C LEU E 342 -18.21 -31.28 61.93
N PRO E 343 -18.83 -31.57 63.09
CA PRO E 343 -20.16 -31.02 63.39
C PRO E 343 -20.11 -29.56 63.81
N VAL F 48 -17.22 -19.95 25.79
CA VAL F 48 -16.10 -19.12 26.21
C VAL F 48 -16.61 -18.04 27.15
N ILE F 49 -17.76 -17.49 26.79
CA ILE F 49 -18.39 -16.40 27.52
C ILE F 49 -18.66 -16.81 28.97
N VAL F 50 -19.21 -17.99 29.15
CA VAL F 50 -19.70 -18.42 30.41
C VAL F 50 -18.75 -19.45 30.97
N THR F 51 -18.99 -19.85 32.21
CA THR F 51 -18.14 -20.84 32.84
C THR F 51 -18.80 -22.20 32.59
N ARG F 52 -18.27 -23.24 33.21
CA ARG F 52 -19.03 -24.47 33.42
C ARG F 52 -20.34 -24.16 34.14
N SER F 53 -20.28 -23.31 35.16
CA SER F 53 -21.42 -22.99 35.99
C SER F 53 -22.40 -22.04 35.35
N GLY F 54 -22.13 -21.55 34.15
CA GLY F 54 -22.92 -20.48 33.60
C GLY F 54 -22.68 -19.15 34.27
N ALA F 55 -21.53 -18.96 34.89
CA ALA F 55 -21.18 -17.70 35.51
C ALA F 55 -20.72 -16.70 34.44
N ILE F 56 -20.33 -15.51 34.88
CA ILE F 56 -19.79 -14.49 33.99
C ILE F 56 -18.29 -14.40 34.19
N LEU F 57 -17.55 -14.59 33.11
CA LEU F 57 -16.11 -14.42 33.14
C LEU F 57 -15.75 -12.96 33.39
N PRO F 58 -14.62 -12.70 34.04
CA PRO F 58 -14.28 -11.32 34.39
C PRO F 58 -13.90 -10.51 33.19
N LYS F 59 -13.80 -9.21 33.41
CA LYS F 59 -13.41 -8.32 32.35
C LYS F 59 -11.94 -8.53 32.06
N PRO F 60 -11.56 -8.73 30.80
CA PRO F 60 -10.14 -8.87 30.48
C PRO F 60 -9.42 -7.55 30.69
N VAL F 61 -8.17 -7.66 31.13
CA VAL F 61 -7.42 -6.46 31.41
C VAL F 61 -7.03 -5.79 30.11
N LYS F 62 -6.92 -4.47 30.15
CA LYS F 62 -6.29 -3.74 29.08
C LYS F 62 -4.91 -3.32 29.56
N MET F 63 -3.93 -3.37 28.68
CA MET F 63 -2.65 -2.78 29.00
C MET F 63 -2.84 -1.28 29.09
N SER F 64 -2.72 -0.76 30.31
CA SER F 64 -3.14 0.60 30.64
C SER F 64 -2.32 1.61 29.86
N PHE F 65 -3.03 2.49 29.15
CA PHE F 65 -2.45 3.47 28.22
C PHE F 65 -1.64 2.79 27.12
N GLY F 66 -1.99 1.56 26.77
CA GLY F 66 -1.20 0.83 25.80
C GLY F 66 -1.36 1.35 24.38
N LEU F 67 -2.50 1.96 24.09
CA LEU F 67 -2.70 2.59 22.78
C LEU F 67 -1.71 3.73 22.58
N LEU F 68 -1.49 4.54 23.61
CA LEU F 68 -0.48 5.58 23.53
C LEU F 68 0.90 4.96 23.40
N ARG F 69 1.12 3.85 24.11
CA ARG F 69 2.40 3.15 24.06
C ARG F 69 2.71 2.61 22.68
N VAL F 70 1.71 2.02 22.02
CA VAL F 70 2.00 1.29 20.80
C VAL F 70 2.28 2.25 19.66
N PHE F 71 1.60 3.39 19.60
CA PHE F 71 1.91 4.35 18.55
C PHE F 71 3.13 5.18 18.91
N SER F 72 3.39 5.40 20.21
CA SER F 72 4.62 6.06 20.61
C SER F 72 5.83 5.16 20.54
N ILE F 73 5.65 3.88 20.21
CA ILE F 73 6.75 3.05 19.81
C ILE F 73 6.76 2.79 18.30
N VAL F 74 5.61 2.83 17.63
CA VAL F 74 5.58 2.75 16.17
C VAL F 74 6.30 3.94 15.53
N ILE F 75 5.97 5.15 15.99
CA ILE F 75 6.54 6.37 15.39
C ILE F 75 8.06 6.44 15.43
N PRO F 76 8.76 6.22 16.56
CA PRO F 76 10.21 6.40 16.51
C PRO F 76 10.92 5.34 15.71
N PHE F 77 10.45 4.11 15.73
CA PHE F 77 11.13 3.11 14.93
C PHE F 77 10.76 3.19 13.46
N LEU F 78 9.61 3.80 13.13
CA LEU F 78 9.39 4.29 11.78
C LEU F 78 10.46 5.28 11.37
N TYR F 79 10.70 6.30 12.21
CA TYR F 79 11.63 7.35 11.83
C TYR F 79 13.07 6.84 11.80
N VAL F 80 13.39 5.83 12.62
CA VAL F 80 14.73 5.28 12.61
C VAL F 80 14.92 4.33 11.43
N GLY F 81 13.87 3.60 11.05
CA GLY F 81 13.95 2.81 9.82
C GLY F 81 14.04 3.69 8.60
N THR F 82 13.47 4.88 8.67
CA THR F 82 13.77 5.90 7.67
C THR F 82 15.23 6.32 7.70
N LEU F 83 15.71 6.68 8.88
CA LEU F 83 16.98 7.37 9.04
C LEU F 83 18.16 6.48 8.69
N ILE F 84 18.19 5.28 9.28
CA ILE F 84 19.34 4.40 9.12
C ILE F 84 19.39 3.88 7.70
N SER F 85 18.27 3.86 6.99
CA SER F 85 18.36 3.37 5.65
C SER F 85 18.63 4.50 4.66
N LYS F 86 18.29 5.75 5.02
CA LYS F 86 18.86 6.88 4.31
C LYS F 86 20.38 6.91 4.44
N ASN F 87 20.87 6.64 5.64
CA ASN F 87 22.30 6.48 5.90
C ASN F 87 22.91 5.38 5.03
N PHE F 88 22.23 4.24 4.99
CA PHE F 88 22.72 3.08 4.24
C PHE F 88 22.77 3.37 2.76
N ALA F 89 21.79 4.12 2.25
CA ALA F 89 21.80 4.50 0.85
C ALA F 89 22.91 5.49 0.55
N ALA F 90 23.08 6.50 1.42
CA ALA F 90 24.09 7.53 1.19
C ALA F 90 25.49 6.97 1.28
N LEU F 91 25.68 5.90 2.06
CA LEU F 91 26.99 5.25 2.05
C LEU F 91 27.17 4.36 0.83
N LEU F 92 26.20 3.50 0.55
CA LEU F 92 26.37 2.51 -0.50
C LEU F 92 26.36 3.09 -1.90
N GLU F 93 25.84 4.29 -2.08
CA GLU F 93 26.07 4.95 -3.35
C GLU F 93 27.51 5.39 -3.48
N GLU F 94 28.15 5.73 -2.37
CA GLU F 94 29.54 6.14 -2.43
C GLU F 94 30.47 4.94 -2.58
N HIS F 95 30.07 3.77 -2.09
CA HIS F 95 30.90 2.58 -2.26
C HIS F 95 30.99 2.14 -3.72
N ASP F 96 29.86 2.11 -4.42
CA ASP F 96 29.87 1.60 -5.79
C ASP F 96 29.73 2.75 -6.79
N CYS G 191 -13.57 -55.60 56.48
CA CYS G 191 -13.18 -56.67 55.58
C CYS G 191 -12.14 -56.11 54.59
N ILE G 192 -11.27 -55.24 55.11
CA ILE G 192 -10.38 -54.45 54.28
C ILE G 192 -8.92 -54.64 54.65
N GLU G 193 -8.61 -54.67 55.96
CA GLU G 193 -7.24 -54.86 56.43
C GLU G 193 -6.65 -56.17 55.93
N GLN G 194 -7.45 -57.24 55.94
CA GLN G 194 -7.08 -58.48 55.28
C GLN G 194 -6.93 -58.27 53.78
N HIS G 195 -7.90 -57.59 53.16
CA HIS G 195 -7.89 -57.45 51.72
C HIS G 195 -6.79 -56.51 51.26
N GLN G 196 -6.48 -55.47 52.04
CA GLN G 196 -5.41 -54.59 51.58
C GLN G 196 -4.05 -55.08 52.03
N LEU G 197 -3.98 -55.85 53.12
CA LEU G 197 -2.76 -56.58 53.44
C LEU G 197 -2.43 -57.58 52.34
N ASN G 198 -3.46 -58.20 51.77
CA ASN G 198 -3.26 -59.02 50.58
C ASN G 198 -2.92 -58.16 49.37
N LYS G 199 -3.61 -57.04 49.22
CA LYS G 199 -3.64 -56.32 47.96
C LYS G 199 -2.36 -55.55 47.73
N GLU G 200 -1.81 -54.95 48.79
CA GLU G 200 -0.51 -54.29 48.70
C GLU G 200 0.56 -55.26 48.26
N ARG G 201 0.61 -56.41 48.94
CA ARG G 201 1.66 -57.40 48.70
C ARG G 201 1.50 -58.01 47.31
N GLU G 202 0.27 -58.34 46.94
CA GLU G 202 0.02 -58.89 45.62
C GLU G 202 0.24 -57.85 44.53
N LEU G 203 0.01 -56.58 44.84
CA LEU G 203 0.15 -55.56 43.83
C LEU G 203 1.61 -55.25 43.56
N ILE G 204 2.43 -55.25 44.62
CA ILE G 204 3.87 -55.16 44.45
C ILE G 204 4.39 -56.40 43.73
N GLU G 205 3.77 -57.55 43.97
CA GLU G 205 4.10 -58.75 43.22
C GLU G 205 3.79 -58.60 41.73
N ARG G 206 2.61 -58.04 41.40
CA ARG G 206 2.23 -57.82 40.01
C ARG G 206 3.17 -56.82 39.36
N LEU G 207 3.55 -55.78 40.10
CA LEU G 207 4.46 -54.76 39.61
C LEU G 207 5.83 -55.35 39.33
N GLU G 208 6.32 -56.19 40.24
CA GLU G 208 7.61 -56.84 40.07
C GLU G 208 7.60 -57.79 38.88
N ASP G 209 6.53 -58.57 38.73
CA ASP G 209 6.43 -59.51 37.62
C ASP G 209 6.35 -58.79 36.29
N LEU G 210 5.58 -57.71 36.24
CA LEU G 210 5.49 -56.96 35.00
C LEU G 210 6.78 -56.21 34.69
N LYS G 211 7.48 -55.72 35.70
CA LYS G 211 8.76 -55.08 35.44
C LYS G 211 9.83 -56.09 35.08
N GLU G 212 9.65 -57.36 35.45
CA GLU G 212 10.47 -58.41 34.87
C GLU G 212 10.13 -58.64 33.41
N GLN G 213 8.83 -58.65 33.09
CA GLN G 213 8.40 -58.88 31.72
C GLN G 213 8.82 -57.75 30.80
N LEU G 214 8.93 -56.54 31.33
CA LEU G 214 9.08 -55.35 30.52
C LEU G 214 10.48 -55.21 29.94
N ALA G 215 11.51 -55.59 30.69
CA ALA G 215 12.89 -55.36 30.29
C ALA G 215 13.30 -55.95 28.93
N PRO G 216 12.91 -57.18 28.54
CA PRO G 216 13.29 -57.61 27.17
C PRO G 216 12.56 -56.84 26.09
N LEU G 217 11.31 -56.46 26.30
CA LEU G 217 10.62 -55.68 25.29
C LEU G 217 11.14 -54.25 25.24
N GLU G 218 11.38 -53.65 26.41
CA GLU G 218 11.83 -52.27 26.47
C GLU G 218 13.24 -52.12 25.93
N LYS G 219 14.07 -53.15 26.09
CA LYS G 219 15.40 -53.13 25.51
C LYS G 219 15.34 -53.09 23.99
N VAL G 220 14.26 -53.56 23.40
CA VAL G 220 14.07 -53.41 21.97
C VAL G 220 13.39 -52.08 21.63
N ARG G 221 12.49 -51.64 22.51
CA ARG G 221 11.76 -50.39 22.33
C ARG G 221 12.69 -49.21 22.25
N ILE G 222 13.74 -49.21 23.07
CA ILE G 222 14.70 -48.11 23.07
C ILE G 222 15.41 -48.02 21.72
N GLU G 223 15.81 -49.16 21.17
CA GLU G 223 16.54 -49.15 19.91
C GLU G 223 15.63 -48.71 18.76
N ILE G 224 14.40 -49.22 18.73
CA ILE G 224 13.53 -48.88 17.61
C ILE G 224 13.09 -47.42 17.69
N SER G 225 12.82 -46.95 18.91
CA SER G 225 12.52 -45.55 19.12
C SER G 225 13.69 -44.66 18.74
N ARG G 226 14.92 -45.14 18.98
CA ARG G 226 16.10 -44.37 18.63
C ARG G 226 16.24 -44.22 17.12
N LYS G 227 16.11 -45.32 16.40
CA LYS G 227 16.23 -45.23 14.95
C LYS G 227 15.08 -44.45 14.33
N ALA G 228 13.90 -44.54 14.93
CA ALA G 228 12.79 -43.69 14.51
C ALA G 228 13.11 -42.22 14.71
N GLU G 229 13.72 -41.89 15.84
CA GLU G 229 14.04 -40.49 16.13
C GLU G 229 15.13 -40.00 15.20
N LYS G 230 16.08 -40.87 14.85
CA LYS G 230 17.13 -40.50 13.91
C LYS G 230 16.55 -40.19 12.54
N ARG G 231 15.65 -41.06 12.07
CA ARG G 231 15.07 -40.82 10.74
C ARG G 231 14.17 -39.59 10.74
N THR G 232 13.45 -39.34 11.83
CA THR G 232 12.58 -38.17 11.87
C THR G 232 13.39 -36.88 11.96
N THR G 233 14.47 -36.88 12.73
CA THR G 233 15.33 -35.70 12.81
C THR G 233 15.98 -35.43 11.47
N LEU G 234 16.36 -36.49 10.74
CA LEU G 234 16.82 -36.35 9.38
C LEU G 234 15.77 -35.73 8.48
N VAL G 235 14.50 -36.09 8.68
CA VAL G 235 13.42 -35.45 7.92
C VAL G 235 13.35 -33.96 8.22
N LEU G 236 13.50 -33.58 9.49
CA LEU G 236 13.40 -32.16 9.86
C LEU G 236 14.53 -31.34 9.24
N TRP G 237 15.75 -31.87 9.33
CA TRP G 237 16.85 -31.12 8.74
C TRP G 237 16.78 -31.12 7.23
N GLY G 238 16.24 -32.18 6.63
CA GLY G 238 16.02 -32.17 5.20
C GLY G 238 14.97 -31.17 4.77
N GLY G 239 13.99 -30.92 5.64
CA GLY G 239 13.03 -29.88 5.34
C GLY G 239 13.66 -28.51 5.33
N LEU G 240 14.57 -28.28 6.28
CA LEU G 240 15.28 -27.00 6.26
C LEU G 240 16.21 -26.90 5.08
N ALA G 241 16.75 -28.04 4.64
CA ALA G 241 17.54 -28.09 3.43
C ALA G 241 16.72 -27.68 2.22
N TYR G 242 15.49 -28.20 2.14
CA TYR G 242 14.57 -27.85 1.06
C TYR G 242 14.31 -26.35 1.04
N MET G 243 14.06 -25.77 2.21
CA MET G 243 13.83 -24.34 2.33
C MET G 243 15.02 -23.54 1.83
N ALA G 244 16.21 -23.84 2.34
CA ALA G 244 17.38 -23.05 2.00
C ALA G 244 17.78 -23.24 0.55
N THR G 245 17.59 -24.43 0.01
CA THR G 245 18.01 -24.72 -1.34
C THR G 245 17.10 -24.05 -2.36
N GLN G 246 15.79 -24.13 -2.13
CA GLN G 246 14.83 -23.38 -2.92
C GLN G 246 15.10 -21.90 -2.86
N PHE G 247 15.46 -21.41 -1.67
CA PHE G 247 15.82 -20.01 -1.48
C PHE G 247 17.01 -19.62 -2.34
N GLY G 248 18.04 -20.47 -2.36
CA GLY G 248 19.25 -20.12 -3.08
C GLY G 248 19.11 -20.18 -4.58
N ILE G 249 18.39 -21.19 -5.07
CA ILE G 249 18.20 -21.26 -6.51
C ILE G 249 17.30 -20.12 -6.98
N LEU G 250 16.31 -19.73 -6.19
CA LEU G 250 15.54 -18.57 -6.58
C LEU G 250 16.26 -17.28 -6.25
N ALA G 251 17.36 -17.35 -5.52
CA ALA G 251 18.13 -16.16 -5.25
C ALA G 251 19.02 -15.80 -6.42
N ARG G 252 19.71 -16.79 -7.00
CA ARG G 252 20.74 -16.44 -7.98
C ARG G 252 20.14 -15.92 -9.27
N LEU G 253 19.03 -16.52 -9.71
CA LEU G 253 18.44 -16.23 -11.00
C LEU G 253 18.03 -14.77 -11.14
N THR G 254 17.23 -14.27 -10.20
CA THR G 254 16.70 -12.92 -10.29
C THR G 254 17.70 -11.85 -9.90
N TRP G 255 18.96 -12.19 -9.72
CA TRP G 255 19.95 -11.18 -9.43
C TRP G 255 21.17 -11.29 -10.30
N TRP G 256 21.34 -12.37 -11.00
CA TRP G 256 22.44 -12.32 -11.94
C TRP G 256 22.05 -12.73 -13.35
N GLU G 257 21.19 -13.72 -13.50
CA GLU G 257 20.99 -14.32 -14.80
C GLU G 257 19.63 -13.99 -15.40
N TYR G 258 18.56 -14.13 -14.66
CA TYR G 258 17.23 -13.87 -15.19
C TYR G 258 16.63 -12.65 -14.53
N SER G 259 15.55 -12.14 -15.12
CA SER G 259 14.86 -11.05 -14.45
C SER G 259 13.91 -11.57 -13.39
N TRP G 260 13.75 -10.75 -12.34
CA TRP G 260 12.62 -10.90 -11.42
C TRP G 260 11.30 -10.86 -12.17
N ASP G 261 11.21 -10.01 -13.18
CA ASP G 261 9.98 -9.77 -13.92
C ASP G 261 9.52 -10.99 -14.69
N ILE G 262 10.41 -11.96 -14.92
CA ILE G 262 10.00 -13.20 -15.55
C ILE G 262 10.09 -14.37 -14.60
N MET G 263 10.22 -14.11 -13.31
CA MET G 263 10.27 -15.18 -12.34
C MET G 263 9.34 -14.94 -11.17
N GLU G 264 8.89 -13.70 -10.99
CA GLU G 264 7.69 -13.42 -10.19
C GLU G 264 6.51 -14.37 -10.42
N PRO G 265 6.17 -14.82 -11.66
CA PRO G 265 5.06 -15.77 -11.73
C PRO G 265 5.38 -17.14 -11.17
N VAL G 266 6.56 -17.69 -11.46
CA VAL G 266 6.94 -18.99 -10.92
C VAL G 266 6.99 -18.93 -9.41
N THR G 267 7.46 -17.83 -8.87
CA THR G 267 7.54 -17.76 -7.43
C THR G 267 6.20 -17.43 -6.81
N TYR G 268 5.24 -16.99 -7.60
CA TYR G 268 3.86 -17.08 -7.12
C TYR G 268 3.37 -18.52 -7.14
N PHE G 269 3.70 -19.27 -8.20
CA PHE G 269 3.09 -20.57 -8.38
C PHE G 269 3.59 -21.59 -7.38
N ILE G 270 4.84 -21.46 -6.92
CA ILE G 270 5.32 -22.40 -5.91
C ILE G 270 4.61 -22.15 -4.58
N THR G 271 4.26 -20.90 -4.29
CA THR G 271 3.48 -20.61 -3.10
C THR G 271 2.09 -21.20 -3.20
N TYR G 272 1.46 -21.06 -4.36
CA TYR G 272 0.12 -21.62 -4.49
C TYR G 272 0.14 -23.14 -4.50
N GLY G 273 1.19 -23.72 -5.06
CA GLY G 273 1.37 -25.15 -4.97
C GLY G 273 1.66 -25.61 -3.56
N SER G 274 2.29 -24.76 -2.76
CA SER G 274 2.48 -25.11 -1.35
C SER G 274 1.17 -25.11 -0.59
N ALA G 275 0.27 -24.18 -0.91
CA ALA G 275 -1.06 -24.24 -0.33
C ALA G 275 -1.81 -25.48 -0.77
N MET G 276 -1.63 -25.87 -2.03
CA MET G 276 -2.24 -27.11 -2.49
C MET G 276 -1.62 -28.32 -1.82
N ALA G 277 -0.34 -28.24 -1.48
CA ALA G 277 0.30 -29.36 -0.79
C ALA G 277 -0.22 -29.48 0.63
N MET G 278 -0.48 -28.35 1.28
CA MET G 278 -1.08 -28.42 2.60
C MET G 278 -2.47 -29.03 2.55
N TYR G 279 -3.25 -28.67 1.52
CA TYR G 279 -4.57 -29.28 1.39
C TYR G 279 -4.47 -30.75 1.04
N ALA G 280 -3.42 -31.13 0.31
CA ALA G 280 -3.23 -32.53 -0.04
C ALA G 280 -2.84 -33.34 1.18
N TYR G 281 -1.99 -32.77 2.03
CA TYR G 281 -1.65 -33.40 3.31
C TYR G 281 -2.89 -33.58 4.15
N PHE G 282 -3.78 -32.58 4.11
CA PHE G 282 -5.04 -32.67 4.83
C PHE G 282 -5.91 -33.80 4.30
N VAL G 283 -6.07 -33.90 2.98
CA VAL G 283 -6.99 -34.89 2.47
C VAL G 283 -6.34 -36.28 2.46
N MET G 284 -5.03 -36.35 2.57
CA MET G 284 -4.38 -37.64 2.59
C MET G 284 -4.33 -38.19 4.00
N THR G 285 -3.97 -37.36 4.96
CA THR G 285 -3.78 -37.80 6.31
C THR G 285 -5.04 -37.75 7.15
N ARG G 286 -6.04 -36.96 6.74
CA ARG G 286 -7.20 -36.61 7.55
C ARG G 286 -6.72 -36.02 8.88
N GLN G 287 -5.97 -34.93 8.74
CA GLN G 287 -5.21 -34.31 9.81
C GLN G 287 -4.69 -33.00 9.28
N GLU G 288 -4.67 -31.97 10.11
CA GLU G 288 -4.16 -30.68 9.70
C GLU G 288 -2.64 -30.70 9.54
N TYR G 289 -2.15 -30.03 8.50
CA TYR G 289 -0.72 -29.84 8.33
C TYR G 289 -0.22 -28.81 9.31
N VAL G 290 0.33 -29.26 10.43
CA VAL G 290 1.05 -28.41 11.36
C VAL G 290 2.26 -29.18 11.80
N TYR G 291 3.27 -28.44 12.28
CA TYR G 291 4.61 -29.00 12.41
C TYR G 291 4.73 -30.12 13.46
N PRO G 292 4.27 -29.99 14.71
CA PRO G 292 4.48 -31.11 15.64
C PRO G 292 3.65 -32.31 15.30
N GLU G 293 2.45 -32.08 14.79
CA GLU G 293 1.63 -33.18 14.32
C GLU G 293 2.26 -33.89 13.14
N ALA G 294 2.92 -33.13 12.26
CA ALA G 294 3.58 -33.75 11.13
C ALA G 294 4.77 -34.58 11.58
N ARG G 295 5.55 -34.07 12.55
CA ARG G 295 6.68 -34.87 12.96
C ARG G 295 6.24 -36.06 13.77
N ASP G 296 5.08 -35.98 14.43
CA ASP G 296 4.59 -37.16 15.12
C ASP G 296 4.04 -38.18 14.15
N ARG G 297 3.42 -37.72 13.07
CA ARG G 297 2.96 -38.61 12.02
C ARG G 297 4.12 -39.37 11.40
N GLN G 298 5.16 -38.65 10.99
CA GLN G 298 6.32 -39.31 10.42
C GLN G 298 7.07 -40.12 11.46
N TYR G 299 7.00 -39.71 12.72
CA TYR G 299 7.65 -40.47 13.77
C TYR G 299 7.00 -41.83 13.94
N LEU G 300 5.68 -41.85 13.95
CA LEU G 300 5.02 -43.13 14.14
C LEU G 300 5.13 -43.99 12.89
N LEU G 301 5.17 -43.39 11.70
CA LEU G 301 5.47 -44.18 10.51
C LEU G 301 6.84 -44.82 10.59
N PHE G 302 7.85 -44.04 10.91
CA PHE G 302 9.18 -44.60 10.90
C PHE G 302 9.53 -45.28 12.21
N PHE G 303 8.59 -45.36 13.12
CA PHE G 303 8.69 -46.28 14.23
C PHE G 303 8.06 -47.60 13.88
N HIS G 304 6.95 -47.57 13.17
CA HIS G 304 6.26 -48.81 12.91
C HIS G 304 6.86 -49.58 11.76
N LYS G 305 7.60 -48.91 10.88
CA LYS G 305 8.45 -49.64 9.94
C LYS G 305 9.51 -50.43 10.70
N GLY G 306 10.12 -49.81 11.71
CA GLY G 306 11.09 -50.51 12.52
C GLY G 306 10.46 -51.61 13.35
N ALA G 307 9.23 -51.40 13.80
CA ALA G 307 8.51 -52.43 14.52
C ALA G 307 8.18 -53.61 13.62
N LYS G 308 7.94 -53.35 12.35
CA LYS G 308 7.82 -54.41 11.37
C LYS G 308 9.14 -55.14 11.18
N LYS G 309 10.23 -54.40 10.99
CA LYS G 309 11.51 -54.99 10.67
C LYS G 309 12.19 -55.67 11.84
N SER G 310 11.67 -55.54 13.05
CA SER G 310 12.33 -56.13 14.20
C SER G 310 11.46 -57.15 14.93
N ARG G 311 10.27 -57.46 14.40
CA ARG G 311 9.34 -58.46 14.95
C ARG G 311 8.93 -58.10 16.37
N PHE G 312 8.81 -56.81 16.62
CA PHE G 312 8.60 -56.30 17.97
C PHE G 312 7.18 -56.56 18.43
N ASP G 313 7.03 -57.12 19.62
CA ASP G 313 5.70 -57.29 20.20
C ASP G 313 5.24 -55.96 20.77
N LEU G 314 4.78 -55.10 19.86
CA LEU G 314 4.06 -53.90 20.24
C LEU G 314 2.79 -54.27 20.96
N GLU G 315 2.14 -55.33 20.50
CA GLU G 315 0.92 -55.84 21.09
C GLU G 315 1.12 -56.23 22.53
N LYS G 316 2.29 -56.76 22.84
CA LYS G 316 2.56 -57.06 24.23
C LYS G 316 3.06 -55.84 24.96
N TYR G 317 3.76 -54.94 24.27
CA TYR G 317 4.38 -53.81 24.95
C TYR G 317 3.33 -52.88 25.53
N ASN G 318 2.37 -52.46 24.69
CA ASN G 318 1.33 -51.58 25.19
C ASN G 318 0.41 -52.29 26.17
N GLN G 319 0.30 -53.61 26.02
CA GLN G 319 -0.47 -54.40 26.98
C GLN G 319 0.17 -54.37 28.35
N LEU G 320 1.49 -54.53 28.40
CA LEU G 320 2.22 -54.42 29.65
C LEU G 320 2.13 -53.02 30.23
N LYS G 321 2.25 -52.00 29.39
CA LYS G 321 2.17 -50.64 29.91
C LYS G 321 0.78 -50.32 30.41
N ASP G 322 -0.25 -50.93 29.80
CA ASP G 322 -1.61 -50.77 30.29
C ASP G 322 -1.78 -51.44 31.64
N ALA G 323 -1.25 -52.66 31.78
CA ALA G 323 -1.38 -53.36 33.05
C ALA G 323 -0.61 -52.65 34.16
N ILE G 324 0.55 -52.09 33.82
CA ILE G 324 1.35 -51.36 34.80
C ILE G 324 0.69 -50.05 35.16
N ALA G 325 0.03 -49.40 34.19
CA ALA G 325 -0.70 -48.18 34.50
C ALA G 325 -1.89 -48.47 35.40
N GLN G 326 -2.57 -49.61 35.15
CA GLN G 326 -3.66 -50.03 36.02
C GLN G 326 -3.17 -50.30 37.43
N ALA G 327 -2.05 -51.02 37.56
CA ALA G 327 -1.49 -51.30 38.87
C ALA G 327 -1.04 -50.04 39.58
N GLU G 328 -0.56 -49.05 38.83
CA GLU G 328 -0.10 -47.83 39.47
C GLU G 328 -1.28 -47.02 39.97
N MET G 329 -2.36 -46.99 39.19
CA MET G 329 -3.63 -46.43 39.67
C MET G 329 -4.10 -47.13 40.94
N ASP G 330 -3.93 -48.45 40.98
CA ASP G 330 -4.35 -49.23 42.15
C ASP G 330 -3.54 -48.88 43.38
N LEU G 331 -2.23 -48.73 43.24
CA LEU G 331 -1.43 -48.45 44.42
C LEU G 331 -1.62 -47.01 44.86
N LYS G 332 -1.92 -46.11 43.93
CA LYS G 332 -2.22 -44.73 44.32
C LYS G 332 -3.54 -44.66 45.07
N ARG G 333 -4.55 -45.34 44.57
CA ARG G 333 -5.83 -45.45 45.26
C ARG G 333 -5.78 -46.40 46.45
N LEU G 334 -4.64 -47.03 46.70
CA LEU G 334 -4.39 -47.70 47.96
C LEU G 334 -3.82 -46.76 48.99
N ARG G 335 -2.82 -45.98 48.60
CA ARG G 335 -2.15 -45.09 49.54
C ARG G 335 -3.01 -43.89 49.92
N ASP G 336 -3.96 -43.52 49.07
CA ASP G 336 -4.70 -42.30 49.39
C ASP G 336 -5.79 -42.45 50.46
N PRO G 337 -6.57 -43.54 50.53
CA PRO G 337 -7.35 -43.77 51.75
C PRO G 337 -6.50 -44.17 52.93
N LEU G 338 -5.25 -44.59 52.69
CA LEU G 338 -4.29 -44.72 53.77
C LEU G 338 -3.91 -43.36 54.32
N GLN G 339 -4.10 -42.29 53.55
CA GLN G 339 -3.94 -40.94 54.08
C GLN G 339 -5.17 -40.50 54.84
N VAL G 340 -6.34 -41.05 54.52
CA VAL G 340 -7.55 -40.74 55.25
C VAL G 340 -7.53 -41.42 56.60
N VAL H 48 -0.10 -21.74 32.28
CA VAL H 48 0.71 -21.68 31.07
C VAL H 48 2.12 -21.31 31.46
N ILE H 49 2.24 -20.83 32.69
CA ILE H 49 3.52 -20.60 33.34
C ILE H 49 3.65 -21.45 34.59
N VAL H 50 2.56 -21.61 35.33
CA VAL H 50 2.54 -22.37 36.56
C VAL H 50 1.58 -23.53 36.42
N THR H 51 1.47 -24.35 37.46
CA THR H 51 0.65 -25.55 37.44
C THR H 51 -0.69 -25.20 38.06
N ARG H 52 -1.51 -26.21 38.35
CA ARG H 52 -2.63 -25.99 39.25
C ARG H 52 -2.13 -25.66 40.64
N SER H 53 -1.01 -26.23 41.04
CA SER H 53 -0.39 -25.93 42.32
C SER H 53 0.32 -24.60 42.33
N GLY H 54 0.45 -23.92 41.20
CA GLY H 54 1.28 -22.75 41.14
C GLY H 54 2.76 -23.04 41.10
N ALA H 55 3.15 -24.31 41.00
CA ALA H 55 4.56 -24.65 40.86
C ALA H 55 5.04 -24.18 39.50
N ILE H 56 6.16 -23.48 39.49
CA ILE H 56 6.66 -22.88 38.27
C ILE H 56 7.37 -23.95 37.45
N LEU H 57 6.98 -24.05 36.17
CA LEU H 57 7.32 -25.17 35.31
C LEU H 57 8.83 -25.26 35.04
N PRO H 58 9.33 -26.45 34.68
CA PRO H 58 10.77 -26.60 34.49
C PRO H 58 11.30 -25.95 33.23
N LYS H 59 12.61 -25.73 33.26
CA LYS H 59 13.35 -25.07 32.18
C LYS H 59 13.24 -25.83 30.86
N PRO H 60 12.93 -25.17 29.75
CA PRO H 60 12.74 -25.88 28.49
C PRO H 60 14.07 -26.25 27.85
N VAL H 61 14.02 -27.28 27.02
CA VAL H 61 15.22 -27.84 26.45
C VAL H 61 15.72 -26.97 25.30
N LYS H 62 17.04 -26.93 25.14
CA LYS H 62 17.69 -26.30 24.01
C LYS H 62 18.76 -27.25 23.51
N MET H 63 18.80 -27.48 22.20
CA MET H 63 19.82 -28.37 21.67
C MET H 63 21.17 -27.68 21.70
N SER H 64 22.19 -28.45 22.06
CA SER H 64 23.52 -27.91 22.33
C SER H 64 24.17 -27.43 21.04
N PHE H 65 24.73 -26.20 21.09
CA PHE H 65 25.30 -25.50 19.93
C PHE H 65 24.31 -25.35 18.78
N GLY H 66 23.02 -25.33 19.10
CA GLY H 66 22.01 -25.59 18.09
C GLY H 66 21.84 -24.46 17.08
N LEU H 67 22.11 -23.22 17.50
CA LEU H 67 22.12 -22.11 16.57
C LEU H 67 23.22 -22.31 15.54
N LEU H 68 24.36 -22.82 15.96
CA LEU H 68 25.38 -23.18 15.01
C LEU H 68 24.99 -24.43 14.24
N ARG H 69 24.21 -25.32 14.85
CA ARG H 69 23.80 -26.54 14.16
C ARG H 69 22.85 -26.25 13.01
N VAL H 70 22.06 -25.18 13.12
CA VAL H 70 21.16 -24.81 12.05
C VAL H 70 21.83 -23.86 11.06
N PHE H 71 22.72 -22.99 11.55
CA PHE H 71 23.46 -22.12 10.65
C PHE H 71 24.48 -22.90 9.83
N SER H 72 24.86 -24.10 10.28
CA SER H 72 25.73 -24.99 9.54
C SER H 72 25.02 -25.69 8.39
N ILE H 73 23.69 -25.62 8.34
CA ILE H 73 22.91 -26.29 7.31
C ILE H 73 22.23 -25.31 6.37
N VAL H 74 21.84 -24.14 6.90
CA VAL H 74 21.23 -23.09 6.08
C VAL H 74 22.17 -22.66 4.95
N ILE H 75 23.43 -22.45 5.28
CA ILE H 75 24.35 -21.80 4.34
C ILE H 75 24.82 -22.68 3.19
N PRO H 76 25.37 -23.89 3.38
CA PRO H 76 25.90 -24.59 2.20
C PRO H 76 24.84 -25.11 1.26
N PHE H 77 23.63 -25.38 1.75
CA PHE H 77 22.55 -25.76 0.86
C PHE H 77 22.10 -24.60 -0.01
N LEU H 78 22.07 -23.39 0.56
CA LEU H 78 21.92 -22.19 -0.24
C LEU H 78 23.01 -22.10 -1.30
N TYR H 79 24.23 -22.41 -0.92
CA TYR H 79 25.35 -22.23 -1.84
C TYR H 79 25.32 -23.25 -2.96
N VAL H 80 24.88 -24.46 -2.67
CA VAL H 80 24.87 -25.48 -3.71
C VAL H 80 23.65 -25.30 -4.59
N GLY H 81 22.54 -24.77 -4.05
CA GLY H 81 21.45 -24.40 -4.91
C GLY H 81 21.82 -23.25 -5.82
N THR H 82 22.64 -22.33 -5.31
CA THR H 82 23.19 -21.26 -6.13
C THR H 82 24.11 -21.80 -7.20
N LEU H 83 24.83 -22.88 -6.91
CA LEU H 83 25.67 -23.52 -7.91
C LEU H 83 24.83 -24.12 -9.02
N ILE H 84 23.79 -24.88 -8.65
CA ILE H 84 23.01 -25.53 -9.70
C ILE H 84 22.08 -24.56 -10.40
N SER H 85 21.89 -23.36 -9.85
CA SER H 85 21.39 -22.26 -10.65
C SER H 85 22.24 -22.03 -11.89
N LYS H 86 23.55 -21.90 -11.69
CA LYS H 86 24.47 -21.72 -12.81
C LYS H 86 24.48 -22.93 -13.71
N ASN H 87 24.41 -24.12 -13.12
CA ASN H 87 24.42 -25.35 -13.91
C ASN H 87 23.15 -25.49 -14.75
N PHE H 88 22.03 -25.00 -14.26
CA PHE H 88 20.78 -25.05 -15.00
C PHE H 88 20.76 -24.02 -16.10
N ALA H 89 21.21 -22.81 -15.78
CA ALA H 89 21.14 -21.70 -16.73
C ALA H 89 22.11 -21.89 -17.89
N ALA H 90 23.34 -22.35 -17.59
CA ALA H 90 24.33 -22.57 -18.62
C ALA H 90 23.91 -23.69 -19.57
N LEU H 91 23.35 -24.76 -19.03
CA LEU H 91 22.91 -25.86 -19.89
C LEU H 91 21.68 -25.46 -20.69
N LEU H 92 20.81 -24.60 -20.15
CA LEU H 92 19.63 -24.24 -20.92
C LEU H 92 19.95 -23.21 -21.99
N GLU H 93 20.94 -22.34 -21.76
CA GLU H 93 21.39 -21.54 -22.88
C GLU H 93 22.26 -22.32 -23.84
N GLU H 94 22.80 -23.47 -23.39
CA GLU H 94 23.51 -24.36 -24.30
C GLU H 94 22.56 -25.04 -25.27
N HIS H 95 21.41 -25.53 -24.77
CA HIS H 95 20.45 -26.19 -25.65
C HIS H 95 19.80 -25.20 -26.62
N ASP H 96 19.61 -23.97 -26.17
CA ASP H 96 18.94 -22.96 -26.98
C ASP H 96 19.98 -22.11 -27.69
N SER I 104 -11.07 -2.78 -31.70
CA SER I 104 -11.96 -3.88 -31.40
C SER I 104 -11.17 -5.04 -30.80
N GLY I 105 -11.87 -6.04 -30.29
CA GLY I 105 -11.20 -7.20 -29.75
C GLY I 105 -10.89 -6.99 -28.28
N PHE I 106 -11.47 -7.81 -27.42
CA PHE I 106 -11.40 -7.58 -25.99
C PHE I 106 -9.98 -7.73 -25.46
N ARG I 107 -9.27 -8.76 -25.92
CA ARG I 107 -7.87 -8.92 -25.56
C ARG I 107 -7.05 -7.75 -26.06
N ASP I 108 -7.38 -7.25 -27.24
CA ASP I 108 -6.66 -6.12 -27.80
C ASP I 108 -6.96 -4.85 -27.02
N ARG I 109 -8.21 -4.70 -26.59
CA ARG I 109 -8.59 -3.56 -25.78
C ARG I 109 -7.89 -3.59 -24.43
N LYS I 110 -7.76 -4.78 -23.84
CA LYS I 110 -7.11 -4.86 -22.55
C LYS I 110 -5.61 -4.67 -22.66
N VAL I 111 -5.00 -5.13 -23.76
CA VAL I 111 -3.59 -4.85 -24.00
C VAL I 111 -3.39 -3.35 -24.19
N MET I 112 -4.32 -2.69 -24.86
CA MET I 112 -4.20 -1.25 -25.03
C MET I 112 -4.39 -0.51 -23.72
N GLU I 113 -5.29 -1.00 -22.86
CA GLU I 113 -5.34 -0.52 -21.49
C GLU I 113 -3.98 -0.61 -20.83
N TYR I 114 -3.41 -1.82 -20.85
CA TYR I 114 -2.16 -2.12 -20.16
C TYR I 114 -1.01 -1.26 -20.64
N GLU I 115 -0.90 -1.10 -21.94
CA GLU I 115 0.21 -0.32 -22.46
C GLU I 115 -0.02 1.19 -22.31
N ASN I 116 -1.27 1.63 -22.26
CA ASN I 116 -1.48 3.02 -21.91
C ASN I 116 -1.19 3.28 -20.44
N ARG I 117 -1.46 2.29 -19.58
CA ARG I 117 -0.99 2.37 -18.19
C ARG I 117 0.52 2.44 -18.13
N ILE I 118 1.18 1.73 -19.04
CA ILE I 118 2.64 1.74 -19.04
C ILE I 118 3.16 3.11 -19.44
N ARG I 119 2.67 3.62 -20.55
CA ARG I 119 3.14 4.91 -21.06
C ARG I 119 2.70 6.06 -20.17
N ALA I 120 1.69 5.86 -19.35
CA ALA I 120 1.43 6.86 -18.33
C ALA I 120 2.40 6.72 -17.18
N TYR I 121 2.39 5.58 -16.51
CA TYR I 121 2.76 5.53 -15.12
C TYR I 121 3.86 4.57 -14.76
N SER I 122 4.50 3.91 -15.72
CA SER I 122 5.47 2.91 -15.32
C SER I 122 6.81 3.55 -14.96
N THR I 123 7.78 2.72 -14.83
CA THR I 123 9.13 3.19 -14.62
C THR I 123 9.90 3.11 -15.94
N PRO I 124 10.66 4.14 -16.29
CA PRO I 124 11.15 4.30 -17.66
C PRO I 124 12.10 3.21 -18.11
N ASP I 125 12.82 2.60 -17.18
CA ASP I 125 13.65 1.47 -17.55
C ASP I 125 12.78 0.29 -17.96
N LYS I 126 11.71 0.06 -17.21
CA LYS I 126 10.80 -1.02 -17.60
C LYS I 126 10.08 -0.67 -18.90
N ILE I 127 9.88 0.62 -19.17
CA ILE I 127 9.28 1.02 -20.43
C ILE I 127 10.21 0.70 -21.58
N PHE I 128 11.49 1.03 -21.41
CA PHE I 128 12.48 0.73 -22.45
C PHE I 128 12.62 -0.77 -22.64
N ARG I 129 12.54 -1.53 -21.56
CA ARG I 129 12.57 -2.98 -21.71
C ARG I 129 11.29 -3.50 -22.33
N TYR I 130 10.21 -2.73 -22.23
CA TYR I 130 8.98 -3.22 -22.82
C TYR I 130 9.01 -3.06 -24.33
N PHE I 131 9.22 -1.84 -24.80
CA PHE I 131 9.01 -1.63 -26.22
C PHE I 131 10.19 -2.01 -27.09
N ALA I 132 11.34 -2.34 -26.50
CA ALA I 132 12.47 -2.70 -27.32
C ALA I 132 12.31 -4.10 -27.88
N THR I 133 12.88 -4.30 -29.06
CA THR I 133 12.72 -5.53 -29.80
C THR I 133 14.02 -6.18 -30.22
N LEU I 134 15.14 -5.50 -30.10
CA LEU I 134 16.36 -5.99 -30.71
C LEU I 134 17.42 -6.21 -29.65
N LYS I 135 18.20 -7.26 -29.83
CA LYS I 135 19.23 -7.55 -28.85
C LYS I 135 20.44 -8.07 -29.60
N VAL I 136 21.41 -7.18 -29.81
CA VAL I 136 22.56 -7.47 -30.65
C VAL I 136 23.69 -7.96 -29.76
N ILE I 137 24.34 -9.04 -30.18
CA ILE I 137 25.34 -9.67 -29.35
C ILE I 137 26.71 -9.14 -29.75
N SER I 138 27.29 -8.30 -28.91
CA SER I 138 28.74 -8.08 -28.98
C SER I 138 29.36 -9.38 -28.53
N GLU I 139 29.72 -10.22 -29.50
CA GLU I 139 30.01 -11.63 -29.26
C GLU I 139 31.11 -11.97 -28.28
N PRO I 140 32.16 -11.16 -28.07
CA PRO I 140 32.95 -11.38 -26.85
C PRO I 140 32.15 -11.10 -25.60
N GLY I 141 31.60 -9.90 -25.45
CA GLY I 141 30.99 -9.56 -24.19
C GLY I 141 29.64 -10.21 -23.92
N GLU I 142 28.58 -9.67 -24.54
CA GLU I 142 27.20 -10.08 -24.29
C GLU I 142 26.33 -9.28 -25.26
N ALA I 143 25.01 -9.45 -25.20
CA ALA I 143 24.10 -8.70 -26.03
C ALA I 143 23.59 -7.46 -25.32
N GLU I 144 23.34 -6.43 -26.11
CA GLU I 144 22.68 -5.23 -25.67
C GLU I 144 21.30 -5.17 -26.28
N VAL I 145 20.44 -4.38 -25.66
CA VAL I 145 19.03 -4.29 -26.00
C VAL I 145 18.78 -2.92 -26.59
N PHE I 146 18.55 -2.86 -27.89
CA PHE I 146 18.20 -1.62 -28.55
C PHE I 146 16.79 -1.72 -29.12
N MET I 147 16.20 -0.56 -29.40
CA MET I 147 14.91 -0.52 -30.05
C MET I 147 14.97 0.28 -31.32
N THR I 148 14.01 0.01 -32.19
CA THR I 148 13.91 0.71 -33.44
C THR I 148 13.36 2.11 -33.20
N PRO I 149 13.53 3.00 -34.15
CA PRO I 149 12.71 4.21 -34.17
C PRO I 149 11.22 3.94 -34.18
N GLU I 150 10.78 2.87 -34.85
CA GLU I 150 9.38 2.48 -34.78
C GLU I 150 8.98 2.14 -33.35
N ASP I 151 9.85 1.41 -32.67
CA ASP I 151 9.60 1.10 -31.27
C ASP I 151 9.69 2.33 -30.40
N PHE I 152 10.53 3.29 -30.78
CA PHE I 152 10.59 4.56 -30.08
C PHE I 152 9.28 5.32 -30.19
N VAL I 153 8.68 5.28 -31.39
CA VAL I 153 7.39 5.91 -31.60
C VAL I 153 6.33 5.26 -30.73
N ARG I 154 6.24 3.93 -30.80
CA ARG I 154 5.24 3.22 -30.00
C ARG I 154 5.52 3.29 -28.52
N SER I 155 6.75 3.59 -28.12
CA SER I 155 7.01 3.90 -26.73
C SER I 155 6.46 5.26 -26.36
N ILE I 156 6.44 6.18 -27.31
CA ILE I 156 5.81 7.46 -27.03
C ILE I 156 4.30 7.35 -27.18
N THR I 157 3.85 6.77 -28.26
CA THR I 157 2.49 6.97 -28.76
C THR I 157 1.47 6.16 -27.96
N PRO I 158 0.42 6.78 -27.44
CA PRO I 158 -0.61 6.04 -26.74
C PRO I 158 -1.48 5.29 -27.73
N ASN I 159 -2.30 4.40 -27.17
CA ASN I 159 -3.28 3.60 -27.90
C ASN I 159 -2.65 2.71 -28.97
N GLU I 160 -1.37 2.39 -28.84
CA GLU I 160 -0.69 1.65 -29.89
C GLU I 160 0.08 0.49 -29.31
N LYS I 161 0.22 -0.56 -30.11
CA LYS I 161 0.71 -1.84 -29.65
C LYS I 161 1.87 -2.32 -30.48
N GLN I 162 2.58 -3.26 -29.96
CA GLN I 162 3.60 -4.01 -30.65
C GLN I 162 3.28 -5.50 -30.59
N PRO I 163 3.72 -6.29 -31.56
CA PRO I 163 3.27 -7.68 -31.66
C PRO I 163 3.69 -8.59 -30.50
N GLU I 164 3.08 -9.76 -30.49
CA GLU I 164 2.92 -10.56 -29.29
C GLU I 164 4.21 -11.20 -28.82
N HIS I 165 5.15 -11.46 -29.71
CA HIS I 165 6.39 -12.06 -29.26
C HIS I 165 7.41 -11.00 -28.92
N LEU I 166 7.09 -9.74 -29.15
CA LEU I 166 7.96 -8.70 -28.66
C LEU I 166 7.74 -8.50 -27.17
N GLY I 167 6.53 -8.05 -26.81
CA GLY I 167 6.04 -8.11 -25.44
C GLY I 167 6.92 -7.36 -24.47
N LEU I 168 7.50 -8.12 -23.56
CA LEU I 168 8.48 -7.63 -22.60
C LEU I 168 9.63 -8.62 -22.58
N ASP I 169 10.82 -8.11 -22.86
CA ASP I 169 12.09 -8.82 -22.69
C ASP I 169 12.17 -10.05 -23.59
N GLN I 170 11.61 -9.92 -24.80
CA GLN I 170 11.50 -11.03 -25.74
C GLN I 170 11.85 -10.45 -27.11
N TYR I 171 13.12 -10.52 -27.48
CA TYR I 171 13.65 -9.68 -28.54
C TYR I 171 13.94 -10.47 -29.79
N ILE I 172 13.86 -9.78 -30.92
CA ILE I 172 14.45 -10.30 -32.14
C ILE I 172 15.95 -10.20 -32.01
N ILE I 173 16.61 -11.34 -31.96
CA ILE I 173 18.00 -11.42 -31.55
C ILE I 173 18.85 -11.33 -32.81
N LYS I 174 19.54 -10.21 -32.99
CA LYS I 174 20.31 -9.98 -34.21
C LYS I 174 21.79 -10.00 -33.88
N ARG I 175 22.39 -11.17 -34.02
CA ARG I 175 23.82 -11.34 -33.80
C ARG I 175 24.57 -10.71 -34.98
N PHE I 176 25.30 -9.62 -34.73
CA PHE I 176 25.92 -8.86 -35.80
C PHE I 176 27.44 -9.03 -35.83
N ASP I 177 28.11 -8.71 -34.74
CA ASP I 177 29.52 -8.39 -34.79
C ASP I 177 30.29 -9.46 -34.01
N GLY I 178 31.29 -10.04 -34.67
CA GLY I 178 32.09 -11.11 -34.13
C GLY I 178 32.86 -11.82 -35.22
N LYS I 179 32.75 -13.13 -35.28
CA LYS I 179 33.39 -13.90 -36.35
C LYS I 179 32.70 -13.71 -37.68
N LYS I 180 31.39 -13.44 -37.68
CA LYS I 180 30.65 -13.29 -38.92
C LYS I 180 31.05 -11.99 -39.62
N ILE I 181 31.34 -12.10 -40.91
CA ILE I 181 31.85 -10.97 -41.68
C ILE I 181 30.74 -9.97 -41.90
N SER I 182 30.73 -8.92 -41.11
CA SER I 182 29.71 -7.89 -41.19
C SER I 182 30.26 -6.74 -42.01
N GLN I 183 29.73 -6.59 -43.22
CA GLN I 183 30.11 -5.49 -44.10
C GLN I 183 29.17 -4.29 -43.93
N GLU I 184 27.90 -4.49 -44.27
CA GLU I 184 26.90 -3.45 -44.21
C GLU I 184 25.77 -3.91 -43.30
N ARG I 185 25.74 -3.37 -42.09
CA ARG I 185 24.71 -3.75 -41.14
C ARG I 185 23.39 -3.08 -41.53
N GLU I 186 22.33 -3.48 -40.84
CA GLU I 186 20.99 -3.13 -41.28
C GLU I 186 20.71 -1.66 -40.97
N LYS I 187 20.60 -0.86 -42.02
CA LYS I 187 20.19 0.53 -41.88
C LYS I 187 18.71 0.53 -41.56
N PHE I 188 18.39 0.57 -40.28
CA PHE I 188 17.00 0.79 -39.89
C PHE I 188 16.57 2.19 -40.24
N ALA I 189 17.24 3.19 -39.66
CA ALA I 189 16.92 4.56 -39.98
C ALA I 189 17.48 4.91 -41.34
N ASP I 190 16.71 5.73 -42.06
CA ASP I 190 17.21 6.44 -43.22
C ASP I 190 18.44 7.25 -42.84
N GLU I 191 19.34 7.39 -43.80
CA GLU I 191 20.44 8.33 -43.63
C GLU I 191 19.88 9.74 -43.47
N GLY I 192 20.54 10.54 -42.64
CA GLY I 192 20.01 11.84 -42.32
C GLY I 192 18.91 11.83 -41.29
N SER I 193 18.49 10.68 -40.80
CA SER I 193 17.72 10.66 -39.58
C SER I 193 18.62 11.03 -38.42
N ILE I 194 18.04 11.69 -37.41
CA ILE I 194 18.73 11.89 -36.15
C ILE I 194 19.11 10.55 -35.55
N PHE I 195 18.22 9.58 -35.69
CA PHE I 195 18.42 8.24 -35.17
C PHE I 195 19.56 7.55 -35.90
N TYR I 196 19.75 7.89 -37.16
CA TYR I 196 20.89 7.38 -37.89
C TYR I 196 22.18 7.96 -37.35
N THR I 197 22.17 9.25 -37.03
CA THR I 197 23.39 9.95 -36.66
C THR I 197 23.88 9.61 -35.28
N LEU I 198 23.11 8.91 -34.47
CA LEU I 198 23.66 8.45 -33.21
C LEU I 198 24.49 7.22 -33.46
N GLY I 199 25.05 6.66 -32.39
CA GLY I 199 26.19 5.77 -32.46
C GLY I 199 25.95 4.43 -33.13
N GLU I 200 24.81 4.21 -33.76
CA GLU I 200 24.56 3.00 -34.51
C GLU I 200 23.95 3.35 -35.85
N CYS I 201 23.80 2.34 -36.70
CA CYS I 201 23.24 2.51 -38.02
C CYS I 201 21.72 2.43 -37.95
N GLY I 202 21.13 3.35 -37.20
CA GLY I 202 19.70 3.33 -37.01
C GLY I 202 19.21 2.61 -35.77
N LEU I 203 20.01 2.57 -34.71
CA LEU I 203 19.55 1.99 -33.46
C LEU I 203 19.67 3.00 -32.35
N ILE I 204 18.90 2.77 -31.28
CA ILE I 204 18.74 3.71 -30.18
C ILE I 204 18.93 2.96 -28.88
N SER I 205 19.82 3.47 -28.02
CA SER I 205 20.06 2.80 -26.76
C SER I 205 19.04 3.20 -25.72
N PHE I 206 19.29 2.71 -24.51
CA PHE I 206 18.54 3.13 -23.34
C PHE I 206 18.82 4.58 -23.00
N SER I 207 20.10 4.91 -22.88
CA SER I 207 20.54 6.25 -22.51
C SER I 207 20.05 7.26 -23.52
N ASP I 208 20.10 6.86 -24.78
CA ASP I 208 19.57 7.68 -25.84
C ASP I 208 18.08 7.88 -25.70
N TYR I 209 17.37 6.87 -25.20
CA TYR I 209 15.94 7.02 -25.01
C TYR I 209 15.64 8.05 -23.93
N ILE I 210 16.37 8.00 -22.82
CA ILE I 210 16.24 9.04 -21.80
C ILE I 210 16.57 10.40 -22.38
N PHE I 211 17.59 10.46 -23.23
CA PHE I 211 18.05 11.71 -23.78
C PHE I 211 16.99 12.33 -24.70
N LEU I 212 16.37 11.50 -25.53
CA LEU I 212 15.34 12.02 -26.43
C LEU I 212 14.10 12.41 -25.67
N THR I 213 13.74 11.65 -24.63
CA THR I 213 12.60 12.00 -23.81
C THR I 213 12.83 13.32 -23.08
N THR I 214 14.06 13.58 -22.67
CA THR I 214 14.37 14.88 -22.11
C THR I 214 14.26 15.98 -23.15
N VAL I 215 15.00 15.85 -24.24
CA VAL I 215 15.19 16.96 -25.15
C VAL I 215 13.90 17.31 -25.87
N LEU I 216 13.18 16.29 -26.33
CA LEU I 216 11.91 16.52 -27.01
C LEU I 216 10.89 17.12 -26.06
N SER I 217 10.61 16.43 -24.96
CA SER I 217 9.54 16.86 -24.06
C SER I 217 10.10 17.84 -23.04
N THR I 218 10.61 18.96 -23.55
CA THR I 218 11.04 20.07 -22.70
C THR I 218 10.94 21.29 -23.58
N PRO I 219 10.41 22.40 -23.07
CA PRO I 219 10.35 23.61 -23.86
C PRO I 219 11.73 24.16 -24.17
N GLN I 220 11.77 24.92 -25.25
CA GLN I 220 12.99 25.50 -25.78
C GLN I 220 13.58 26.53 -24.82
N ARG I 221 12.71 27.32 -24.20
CA ARG I 221 13.09 28.38 -23.27
C ARG I 221 13.93 27.86 -22.12
N ASN I 222 13.58 26.68 -21.62
CA ASN I 222 14.31 26.09 -20.51
C ASN I 222 15.72 25.73 -20.93
N PHE I 223 15.90 25.28 -22.17
CA PHE I 223 17.25 25.03 -22.62
C PHE I 223 18.00 26.32 -22.87
N GLU I 224 17.30 27.40 -23.25
CA GLU I 224 17.94 28.70 -23.37
C GLU I 224 18.58 29.09 -22.06
N ILE I 225 17.79 29.04 -21.00
CA ILE I 225 18.30 29.39 -19.68
C ILE I 225 19.32 28.37 -19.22
N ALA I 226 19.14 27.10 -19.62
CA ALA I 226 20.02 26.05 -19.16
C ALA I 226 21.41 26.20 -19.74
N PHE I 227 21.49 26.53 -21.01
CA PHE I 227 22.79 26.83 -21.59
C PHE I 227 23.35 28.11 -21.01
N LYS I 228 22.52 29.13 -20.87
CA LYS I 228 23.08 30.41 -20.50
C LYS I 228 23.38 30.53 -19.01
N MET I 229 23.09 29.52 -18.21
CA MET I 229 23.52 29.56 -16.81
C MET I 229 24.86 28.90 -16.59
N PHE I 230 25.10 27.73 -17.17
CA PHE I 230 26.34 26.99 -16.97
C PHE I 230 27.04 26.89 -18.31
N ASP I 231 27.78 27.94 -18.65
CA ASP I 231 28.49 27.99 -19.92
C ASP I 231 29.84 28.68 -19.89
N LEU I 232 30.42 28.94 -18.71
CA LEU I 232 31.71 29.62 -18.50
C LEU I 232 31.67 31.11 -18.86
N ASN I 233 30.60 31.57 -19.50
CA ASN I 233 30.61 32.89 -20.10
C ASN I 233 29.31 33.62 -19.77
N GLY I 234 28.24 32.86 -19.59
CA GLY I 234 26.92 33.43 -19.65
C GLY I 234 26.37 33.56 -21.04
N ASP I 235 26.92 32.83 -22.01
CA ASP I 235 26.56 32.99 -23.41
C ASP I 235 26.28 31.66 -24.10
N GLY I 236 25.92 30.63 -23.33
CA GLY I 236 25.46 29.36 -23.88
C GLY I 236 26.48 28.53 -24.60
N GLU I 237 27.75 28.89 -24.59
CA GLU I 237 28.79 28.10 -25.22
C GLU I 237 29.25 27.06 -24.21
N VAL I 238 28.90 25.80 -24.46
CA VAL I 238 28.87 24.80 -23.40
C VAL I 238 29.80 23.64 -23.76
N ASP I 239 30.54 23.16 -22.76
CA ASP I 239 31.40 22.00 -22.92
C ASP I 239 30.64 20.74 -22.55
N MET I 240 31.36 19.63 -22.41
CA MET I 240 30.71 18.36 -22.13
C MET I 240 30.32 18.26 -20.66
N GLU I 241 31.11 18.86 -19.79
CA GLU I 241 30.89 18.77 -18.35
C GLU I 241 29.62 19.51 -17.95
N GLU I 242 29.49 20.75 -18.41
CA GLU I 242 28.25 21.49 -18.22
C GLU I 242 27.09 20.84 -18.96
N PHE I 243 27.36 20.09 -20.04
CA PHE I 243 26.26 19.39 -20.68
C PHE I 243 25.76 18.25 -19.81
N GLU I 244 26.67 17.56 -19.13
CA GLU I 244 26.26 16.59 -18.14
C GLU I 244 25.50 17.25 -17.00
N GLN I 245 25.88 18.48 -16.65
CA GLN I 245 25.12 19.23 -15.65
C GLN I 245 23.71 19.50 -16.14
N VAL I 246 23.57 19.86 -17.42
CA VAL I 246 22.27 20.08 -18.03
C VAL I 246 21.42 18.83 -17.94
N GLN I 247 22.02 17.69 -18.29
CA GLN I 247 21.29 16.43 -18.26
C GLN I 247 20.92 16.04 -16.84
N SER I 248 21.80 16.35 -15.87
CA SER I 248 21.49 16.05 -14.49
C SER I 248 20.33 16.91 -14.00
N ILE I 249 20.25 18.15 -14.46
CA ILE I 249 19.17 19.01 -13.99
C ILE I 249 17.86 18.65 -14.66
N ILE I 250 17.90 18.27 -15.93
CA ILE I 250 16.64 18.17 -16.64
C ILE I 250 16.09 16.75 -16.69
N ARG I 251 16.95 15.74 -16.48
CA ARG I 251 16.42 14.42 -16.15
C ARG I 251 15.71 14.43 -14.81
N SER I 252 16.00 15.41 -13.97
CA SER I 252 15.25 15.69 -12.78
C SER I 252 14.00 16.52 -13.05
N GLN I 253 13.45 16.49 -14.26
CA GLN I 253 12.19 17.18 -14.51
C GLN I 253 11.05 16.24 -14.88
N THR I 254 11.19 15.45 -15.93
CA THR I 254 10.09 14.61 -16.35
C THR I 254 10.09 13.29 -15.58
N SER I 255 11.12 12.50 -15.79
CA SER I 255 11.18 11.13 -15.29
C SER I 255 11.78 11.20 -13.90
N MET I 256 10.99 11.74 -12.97
CA MET I 256 11.41 11.98 -11.60
C MET I 256 11.76 10.68 -10.91
N GLY I 257 10.93 9.67 -11.11
CA GLY I 257 11.27 8.38 -10.58
C GLY I 257 12.20 7.71 -11.56
N MET I 258 13.49 7.82 -11.27
CA MET I 258 14.49 7.05 -11.96
C MET I 258 15.24 6.17 -10.99
N ARG I 259 16.03 5.28 -11.56
CA ARG I 259 16.57 4.16 -10.82
C ARG I 259 17.85 3.74 -11.51
N HIS I 260 18.56 2.84 -10.86
CA HIS I 260 19.76 2.24 -11.42
C HIS I 260 19.86 0.79 -10.98
N ARG I 261 19.30 -0.11 -11.80
CA ARG I 261 19.44 -1.54 -11.55
C ARG I 261 20.88 -1.97 -11.66
N ASP I 262 21.63 -1.32 -12.56
CA ASP I 262 23.04 -1.43 -12.89
C ASP I 262 23.29 -2.66 -13.76
N ARG I 263 22.26 -3.44 -14.01
CA ARG I 263 22.30 -4.45 -15.06
C ARG I 263 22.09 -3.79 -16.43
N PRO I 264 20.96 -3.03 -16.73
CA PRO I 264 20.89 -2.37 -18.04
C PRO I 264 21.62 -1.04 -17.97
N THR I 265 21.43 -0.17 -18.97
CA THR I 265 22.26 1.00 -19.16
C THR I 265 21.88 2.19 -18.21
N THR I 266 21.27 1.87 -17.06
CA THR I 266 20.87 2.88 -16.10
C THR I 266 22.04 3.59 -15.43
N GLY I 267 23.22 2.98 -15.40
CA GLY I 267 24.29 3.43 -14.54
C GLY I 267 25.07 4.63 -15.04
N ASN I 268 26.40 4.58 -14.93
CA ASN I 268 27.24 5.60 -15.51
C ASN I 268 27.50 5.38 -16.99
N THR I 269 27.13 4.21 -17.51
CA THR I 269 27.16 3.97 -18.94
C THR I 269 26.14 4.83 -19.68
N LEU I 270 25.11 5.29 -18.96
CA LEU I 270 24.25 6.38 -19.41
C LEU I 270 25.08 7.57 -19.89
N LYS I 271 26.06 7.96 -19.08
CA LYS I 271 26.94 9.08 -19.44
C LYS I 271 27.80 8.74 -20.65
N SER I 272 28.15 7.47 -20.83
CA SER I 272 29.01 7.11 -21.96
C SER I 272 28.22 7.06 -23.26
N GLY I 273 26.94 6.70 -23.23
CA GLY I 273 26.14 6.81 -24.44
C GLY I 273 25.86 8.26 -24.80
N LEU I 274 25.68 9.09 -23.77
CA LEU I 274 25.71 10.54 -23.96
C LEU I 274 27.02 10.97 -24.63
N CYS I 275 28.14 10.40 -24.18
CA CYS I 275 29.43 10.68 -24.80
C CYS I 275 29.49 10.17 -26.24
N SER I 276 28.81 9.06 -26.52
CA SER I 276 28.73 8.58 -27.89
C SER I 276 28.01 9.59 -28.77
N ALA I 277 26.94 10.18 -28.25
CA ALA I 277 26.23 11.22 -29.00
C ALA I 277 27.11 12.43 -29.26
N LEU I 278 27.88 12.86 -28.25
CA LEU I 278 28.73 14.03 -28.45
C LEU I 278 29.88 13.74 -29.40
N THR I 279 30.59 12.64 -29.17
CA THR I 279 31.76 12.28 -29.96
C THR I 279 31.38 11.96 -31.39
N THR I 280 30.22 11.34 -31.60
CA THR I 280 29.71 11.23 -32.95
C THR I 280 29.37 12.59 -33.53
N TYR I 281 28.68 13.43 -32.77
CA TYR I 281 27.97 14.49 -33.47
C TYR I 281 28.14 15.88 -32.88
N PHE I 282 28.32 16.00 -31.57
CA PHE I 282 28.26 17.33 -31.00
C PHE I 282 29.64 17.98 -30.93
N PHE I 283 30.61 17.28 -30.34
CA PHE I 283 31.94 17.86 -30.22
C PHE I 283 32.94 17.24 -31.18
N GLY I 284 32.48 16.34 -32.05
CA GLY I 284 33.39 15.76 -33.00
C GLY I 284 34.34 14.75 -32.36
N ALA I 285 35.46 14.53 -33.05
CA ALA I 285 36.39 13.49 -32.67
C ALA I 285 37.15 13.84 -31.39
N ASP I 286 37.60 15.08 -31.29
CA ASP I 286 38.54 15.46 -30.25
C ASP I 286 37.89 15.63 -28.88
N LEU I 287 36.61 15.96 -28.86
CA LEU I 287 35.92 16.53 -27.70
C LEU I 287 36.70 17.74 -27.19
N LYS I 288 36.75 18.78 -28.02
CA LYS I 288 37.37 20.02 -27.59
C LYS I 288 36.44 21.21 -27.68
N GLY I 289 35.78 21.42 -28.81
CA GLY I 289 34.97 22.59 -29.00
C GLY I 289 33.69 22.56 -28.21
N LYS I 290 32.95 23.65 -28.31
CA LYS I 290 31.67 23.82 -27.63
C LYS I 290 30.55 23.78 -28.64
N LEU I 291 29.32 23.66 -28.14
CA LEU I 291 28.15 23.65 -29.00
C LEU I 291 27.29 24.86 -28.70
N THR I 292 26.81 25.49 -29.75
CA THR I 292 26.02 26.70 -29.56
C THR I 292 24.62 26.34 -29.11
N ILE I 293 23.90 27.38 -28.71
CA ILE I 293 22.49 27.28 -28.40
C ILE I 293 21.71 26.93 -29.65
N LYS I 294 22.00 27.66 -30.72
CA LYS I 294 21.24 27.58 -31.96
C LYS I 294 21.33 26.21 -32.60
N ASN I 295 22.53 25.61 -32.57
CA ASN I 295 22.69 24.31 -33.19
C ASN I 295 21.95 23.25 -32.41
N PHE I 296 21.91 23.42 -31.10
CA PHE I 296 21.17 22.49 -30.25
C PHE I 296 19.68 22.59 -30.48
N LEU I 297 19.17 23.80 -30.64
CA LEU I 297 17.74 23.94 -30.88
C LEU I 297 17.38 23.50 -32.29
N GLU I 298 18.28 23.72 -33.25
CA GLU I 298 18.15 23.16 -34.59
C GLU I 298 18.08 21.65 -34.54
N PHE I 299 18.94 21.05 -33.73
CA PHE I 299 18.95 19.61 -33.50
C PHE I 299 17.62 19.14 -32.95
N GLN I 300 17.11 19.86 -31.96
CA GLN I 300 15.83 19.49 -31.37
C GLN I 300 14.72 19.57 -32.39
N ARG I 301 14.73 20.62 -33.20
CA ARG I 301 13.66 20.82 -34.16
C ARG I 301 13.70 19.75 -35.23
N LYS I 302 14.91 19.38 -35.68
CA LYS I 302 15.02 18.32 -36.66
C LYS I 302 14.64 16.98 -36.07
N LEU I 303 14.98 16.74 -34.79
CA LEU I 303 14.58 15.52 -34.11
C LEU I 303 13.08 15.41 -34.02
N GLN I 304 12.43 16.51 -33.64
CA GLN I 304 10.99 16.56 -33.56
C GLN I 304 10.37 16.32 -34.92
N HIS I 305 11.00 16.84 -35.97
CA HIS I 305 10.48 16.64 -37.32
C HIS I 305 10.62 15.20 -37.75
N ASP I 306 11.71 14.54 -37.36
CA ASP I 306 11.92 13.16 -37.78
C ASP I 306 10.94 12.23 -37.07
N VAL I 307 10.77 12.46 -35.77
CA VAL I 307 9.74 11.76 -35.00
C VAL I 307 8.38 11.97 -35.63
N LEU I 308 8.08 13.19 -36.02
CA LEU I 308 6.78 13.48 -36.55
C LEU I 308 6.60 12.86 -37.93
N LYS I 309 7.67 12.74 -38.71
CA LYS I 309 7.54 12.12 -40.01
C LYS I 309 7.32 10.63 -39.89
N LEU I 310 7.92 10.01 -38.85
CA LEU I 310 7.66 8.60 -38.63
C LEU I 310 6.25 8.36 -38.10
N GLU I 311 5.79 9.26 -37.24
CA GLU I 311 4.41 9.22 -36.76
C GLU I 311 3.43 9.38 -37.90
N PHE I 312 3.77 10.22 -38.87
CA PHE I 312 3.00 10.32 -40.10
C PHE I 312 3.08 9.04 -40.91
N GLU I 313 4.27 8.42 -40.91
CA GLU I 313 4.55 7.30 -41.79
C GLU I 313 3.80 6.05 -41.39
N ARG I 314 3.56 5.86 -40.10
CA ARG I 314 2.99 4.61 -39.61
C ARG I 314 1.55 4.35 -40.07
N HIS I 315 0.91 5.31 -40.73
CA HIS I 315 -0.49 5.18 -41.09
C HIS I 315 -0.71 4.54 -42.44
N ASP I 316 0.37 4.24 -43.17
CA ASP I 316 0.38 4.01 -44.61
C ASP I 316 -0.39 5.10 -45.33
N PRO I 317 0.16 6.31 -45.47
CA PRO I 317 -0.52 7.31 -46.27
C PRO I 317 -0.49 6.93 -47.74
N VAL I 318 -1.62 6.44 -48.23
CA VAL I 318 -1.74 6.11 -49.64
C VAL I 318 -1.64 7.40 -50.47
N ASP I 319 -0.71 7.39 -51.42
CA ASP I 319 -0.26 8.57 -52.17
C ASP I 319 0.14 9.71 -51.25
N GLY I 320 0.79 9.38 -50.13
CA GLY I 320 1.20 10.38 -49.17
C GLY I 320 0.05 11.13 -48.53
N ARG I 321 -1.12 10.52 -48.45
CA ARG I 321 -2.31 11.20 -47.95
C ARG I 321 -3.04 10.33 -46.96
N ILE I 322 -3.45 10.94 -45.85
CA ILE I 322 -4.05 10.25 -44.71
C ILE I 322 -5.57 10.43 -44.74
N THR I 323 -6.27 9.37 -44.34
CA THR I 323 -7.70 9.44 -44.08
C THR I 323 -7.98 10.52 -43.06
N GLU I 324 -9.04 11.30 -43.35
CA GLU I 324 -9.47 12.40 -42.51
C GLU I 324 -9.74 11.94 -41.10
N ARG I 325 -10.39 10.78 -40.98
CA ARG I 325 -10.58 10.15 -39.68
C ARG I 325 -9.24 9.76 -39.07
N GLN I 326 -8.34 9.20 -39.87
CA GLN I 326 -7.05 8.79 -39.35
C GLN I 326 -6.20 10.00 -39.04
N PHE I 327 -6.36 11.06 -39.83
CA PHE I 327 -5.71 12.34 -39.54
C PHE I 327 -6.17 12.93 -38.22
N GLY I 328 -7.48 12.99 -38.00
CA GLY I 328 -7.98 13.52 -36.75
C GLY I 328 -7.62 12.66 -35.56
N GLY I 329 -7.58 11.34 -35.78
CA GLY I 329 -7.15 10.44 -34.73
C GLY I 329 -5.69 10.63 -34.36
N MET I 330 -4.88 11.01 -35.34
CA MET I 330 -3.53 11.41 -35.00
C MET I 330 -3.52 12.74 -34.26
N LEU I 331 -4.44 13.64 -34.63
CA LEU I 331 -4.49 14.93 -33.95
C LEU I 331 -4.96 14.80 -32.51
N LEU I 332 -5.64 13.71 -32.18
CA LEU I 332 -6.23 13.52 -30.87
C LEU I 332 -5.59 12.39 -30.08
N ALA I 333 -4.27 12.28 -30.19
CA ALA I 333 -3.60 11.10 -29.67
C ALA I 333 -3.60 11.09 -28.15
N TYR I 334 -3.27 12.21 -27.55
CA TYR I 334 -3.19 12.33 -26.11
C TYR I 334 -4.55 12.84 -25.68
N SER I 335 -5.41 11.92 -25.23
CA SER I 335 -6.81 12.23 -24.98
C SER I 335 -7.38 11.09 -24.14
N GLY I 336 -8.64 11.24 -23.77
CA GLY I 336 -9.38 10.12 -23.24
C GLY I 336 -9.99 9.41 -24.41
N VAL I 337 -11.31 9.28 -24.44
CA VAL I 337 -12.02 8.81 -25.62
C VAL I 337 -12.81 9.98 -26.16
N GLN I 338 -12.45 10.43 -27.35
CA GLN I 338 -13.18 11.50 -28.02
C GLN I 338 -13.75 10.99 -29.35
N SER I 339 -13.99 9.68 -29.39
CA SER I 339 -14.47 9.00 -30.58
C SER I 339 -15.83 9.50 -31.00
N LYS I 340 -16.64 9.93 -30.04
CA LYS I 340 -17.90 10.56 -30.38
C LYS I 340 -17.67 11.86 -31.15
N LYS I 341 -16.65 12.63 -30.76
CA LYS I 341 -16.29 13.79 -31.55
C LYS I 341 -15.59 13.41 -32.84
N LEU I 342 -14.93 12.26 -32.87
CA LEU I 342 -14.35 11.77 -34.11
C LEU I 342 -15.44 11.50 -35.14
N THR I 343 -16.47 10.77 -34.74
CA THR I 343 -17.59 10.51 -35.63
C THR I 343 -18.43 11.76 -35.87
N ALA I 344 -18.41 12.71 -34.93
CA ALA I 344 -19.07 13.99 -35.17
C ALA I 344 -18.39 14.75 -36.29
N MET I 345 -17.06 14.78 -36.27
CA MET I 345 -16.29 15.34 -37.37
C MET I 345 -16.52 14.56 -38.66
N GLN I 346 -16.67 13.24 -38.54
CA GLN I 346 -16.91 12.41 -39.72
C GLN I 346 -18.24 12.75 -40.36
N ARG I 347 -19.31 12.71 -39.59
CA ARG I 347 -20.66 12.92 -40.12
C ARG I 347 -20.89 14.35 -40.54
N GLN I 348 -20.27 15.32 -39.86
CA GLN I 348 -20.25 16.68 -40.36
C GLN I 348 -19.47 16.75 -41.67
N LEU I 349 -18.34 16.05 -41.76
CA LEU I 349 -17.63 15.98 -43.02
C LEU I 349 -18.38 15.11 -44.02
N LYS I 350 -19.15 14.14 -43.55
CA LYS I 350 -19.99 13.36 -44.46
C LYS I 350 -21.14 14.17 -45.06
N LYS I 351 -21.34 15.41 -44.62
CA LYS I 351 -22.06 16.36 -45.45
C LYS I 351 -21.19 16.89 -46.59
N HIS I 352 -19.97 17.33 -46.28
CA HIS I 352 -19.10 17.91 -47.30
C HIS I 352 -18.49 16.84 -48.19
N PHE I 353 -18.02 17.26 -49.35
CA PHE I 353 -17.37 16.31 -50.26
C PHE I 353 -15.86 16.52 -50.30
N LYS I 354 -15.23 16.25 -49.15
CA LYS I 354 -13.79 16.42 -48.98
C LYS I 354 -13.10 15.18 -48.45
N GLU I 355 -13.84 14.17 -48.02
CA GLU I 355 -13.28 13.11 -47.20
C GLU I 355 -12.40 12.14 -48.00
N GLY I 356 -12.53 12.13 -49.32
CA GLY I 356 -11.60 11.35 -50.10
C GLY I 356 -10.30 12.03 -50.47
N LYS I 357 -10.07 13.25 -50.00
CA LYS I 357 -9.01 14.06 -50.59
C LYS I 357 -7.68 13.86 -49.87
N GLY I 358 -7.71 13.33 -48.65
CA GLY I 358 -6.48 13.05 -47.93
C GLY I 358 -5.79 14.31 -47.45
N LEU I 359 -4.60 14.11 -46.87
CA LEU I 359 -3.75 15.24 -46.49
C LEU I 359 -2.29 14.87 -46.67
N THR I 360 -1.54 15.72 -47.33
CA THR I 360 -0.13 15.45 -47.48
C THR I 360 0.62 15.77 -46.19
N PHE I 361 1.91 15.39 -46.19
CA PHE I 361 2.76 15.58 -45.03
C PHE I 361 3.05 17.05 -44.76
N GLN I 362 3.11 17.85 -45.82
CA GLN I 362 3.56 19.23 -45.70
C GLN I 362 2.59 20.06 -44.90
N GLU I 363 1.29 19.83 -45.09
CA GLU I 363 0.27 20.57 -44.36
C GLU I 363 0.33 20.30 -42.87
N VAL I 364 0.47 19.03 -42.49
CA VAL I 364 0.46 18.67 -41.08
C VAL I 364 1.75 19.12 -40.44
N GLU I 365 2.85 19.06 -41.20
CA GLU I 365 4.11 19.69 -40.83
C GLU I 365 3.91 21.16 -40.50
N ASN I 366 3.22 21.89 -41.38
CA ASN I 366 2.97 23.30 -41.17
C ASN I 366 2.13 23.54 -39.93
N PHE I 367 1.09 22.73 -39.75
CA PHE I 367 0.21 22.93 -38.61
C PHE I 367 0.90 22.60 -37.30
N PHE I 368 1.79 21.64 -37.30
CA PHE I 368 2.47 21.33 -36.06
C PHE I 368 3.58 22.32 -35.76
N THR I 369 4.13 22.97 -36.78
CA THR I 369 4.95 24.14 -36.51
C THR I 369 4.10 25.28 -35.98
N PHE I 370 2.87 25.39 -36.48
CA PHE I 370 1.97 26.41 -35.99
C PHE I 370 1.59 26.19 -34.54
N LEU I 371 1.55 24.93 -34.11
CA LEU I 371 1.32 24.64 -32.71
C LEU I 371 2.44 25.12 -31.80
N LYS I 372 3.65 25.28 -32.33
CA LYS I 372 4.73 25.86 -31.54
C LYS I 372 4.49 27.32 -31.24
N ASN I 373 3.58 27.97 -31.95
CA ASN I 373 3.21 29.33 -31.64
C ASN I 373 1.79 29.45 -31.12
N ILE I 374 1.03 28.34 -31.09
CA ILE I 374 -0.40 28.43 -30.80
C ILE I 374 -0.68 28.72 -29.33
N ASN I 375 0.30 28.51 -28.45
CA ASN I 375 0.08 28.75 -27.05
C ASN I 375 0.18 30.22 -26.69
N ASP I 376 0.45 31.07 -27.67
CA ASP I 376 0.38 32.50 -27.53
C ASP I 376 -0.94 33.06 -28.03
N VAL I 377 -1.55 32.43 -29.02
CA VAL I 377 -2.77 32.95 -29.63
C VAL I 377 -4.02 32.40 -28.98
N ASP I 378 -3.88 31.70 -27.85
CA ASP I 378 -4.95 31.64 -26.86
C ASP I 378 -5.46 33.04 -26.58
N THR I 379 -4.53 33.98 -26.41
CA THR I 379 -4.84 35.38 -26.25
C THR I 379 -5.60 35.94 -27.45
N ALA I 380 -5.12 35.64 -28.66
CA ALA I 380 -5.72 36.25 -29.85
C ALA I 380 -7.13 35.74 -30.09
N LEU I 381 -7.31 34.44 -29.98
CA LEU I 381 -8.64 33.85 -30.10
C LEU I 381 -9.53 34.24 -28.94
N SER I 382 -8.95 34.45 -27.76
CA SER I 382 -9.72 34.87 -26.60
C SER I 382 -10.22 36.29 -26.77
N PHE I 383 -9.42 37.16 -27.38
CA PHE I 383 -9.95 38.50 -27.63
C PHE I 383 -10.88 38.51 -28.82
N TYR I 384 -10.72 37.59 -29.78
CA TYR I 384 -11.74 37.41 -30.81
C TYR I 384 -13.05 36.87 -30.27
N HIS I 385 -13.05 36.26 -29.10
CA HIS I 385 -14.33 35.89 -28.47
C HIS I 385 -15.16 37.14 -28.17
N MET I 386 -14.67 37.99 -27.27
CA MET I 386 -15.50 39.09 -26.78
C MET I 386 -15.58 40.25 -27.75
N ALA I 387 -14.82 40.23 -28.84
CA ALA I 387 -14.93 41.29 -29.85
C ALA I 387 -16.09 41.07 -30.81
N GLY I 388 -16.91 40.06 -30.59
CA GLY I 388 -18.07 39.82 -31.43
C GLY I 388 -17.80 39.06 -32.71
N ALA I 389 -16.55 38.84 -33.07
CA ALA I 389 -16.28 38.10 -34.29
C ALA I 389 -16.42 36.60 -34.02
N SER I 390 -16.60 35.86 -35.11
CA SER I 390 -16.96 34.45 -35.05
C SER I 390 -15.77 33.58 -35.42
N LEU I 391 -15.64 32.46 -34.73
CA LEU I 391 -14.55 31.52 -35.00
C LEU I 391 -14.82 30.83 -36.31
N ASP I 392 -14.18 31.31 -37.37
CA ASP I 392 -14.42 30.82 -38.72
C ASP I 392 -13.09 30.56 -39.41
N LYS I 393 -13.11 29.55 -40.29
CA LYS I 393 -11.91 28.93 -40.84
C LYS I 393 -11.08 29.92 -41.62
N VAL I 394 -11.75 30.85 -42.29
CA VAL I 394 -11.07 31.88 -43.05
C VAL I 394 -10.20 32.74 -42.14
N THR I 395 -10.80 33.25 -41.07
CA THR I 395 -10.01 34.02 -40.12
C THR I 395 -9.04 33.16 -39.35
N MET I 396 -9.32 31.85 -39.23
CA MET I 396 -8.35 30.95 -38.60
C MET I 396 -7.05 30.90 -39.39
N GLN I 397 -7.14 30.57 -40.68
CA GLN I 397 -5.93 30.51 -41.50
C GLN I 397 -5.34 31.88 -41.76
N GLN I 398 -6.17 32.94 -41.76
CA GLN I 398 -5.62 34.28 -41.86
C GLN I 398 -4.81 34.67 -40.63
N VAL I 399 -5.36 34.45 -39.44
CA VAL I 399 -4.64 34.71 -38.19
C VAL I 399 -3.38 33.88 -38.12
N ALA I 400 -3.45 32.61 -38.52
CA ALA I 400 -2.29 31.72 -38.46
C ALA I 400 -1.21 32.14 -39.45
N ARG I 401 -1.60 32.61 -40.64
CA ARG I 401 -0.63 33.12 -41.59
C ARG I 401 -0.11 34.48 -41.19
N THR I 402 -0.76 35.16 -40.24
CA THR I 402 -0.14 36.36 -39.69
C THR I 402 0.83 36.02 -38.57
N VAL I 403 0.42 35.20 -37.61
CA VAL I 403 1.18 35.14 -36.37
C VAL I 403 2.31 34.10 -36.46
N ALA I 404 2.09 32.98 -37.11
CA ALA I 404 3.11 31.97 -37.32
C ALA I 404 3.57 31.91 -38.75
N LYS I 405 2.85 32.59 -39.65
CA LYS I 405 3.27 32.87 -41.02
C LYS I 405 3.41 31.59 -41.83
N VAL I 406 2.64 30.58 -41.42
CA VAL I 406 2.65 29.28 -42.06
C VAL I 406 1.32 29.08 -42.78
N GLU I 407 1.41 28.60 -44.00
CA GLU I 407 0.30 28.58 -44.92
C GLU I 407 -0.63 27.42 -44.57
N LEU I 408 -1.92 27.58 -44.82
CA LEU I 408 -2.90 26.58 -44.41
C LEU I 408 -3.95 26.39 -45.48
N SER I 409 -4.13 25.15 -45.94
CA SER I 409 -5.22 24.90 -46.87
C SER I 409 -6.54 24.93 -46.13
N ASP I 410 -7.62 25.05 -46.90
CA ASP I 410 -8.94 25.05 -46.28
C ASP I 410 -9.29 23.68 -45.74
N HIS I 411 -8.78 22.63 -46.37
CA HIS I 411 -9.16 21.25 -46.03
C HIS I 411 -8.71 20.87 -44.63
N VAL I 412 -7.53 21.35 -44.25
CA VAL I 412 -7.00 21.09 -42.92
C VAL I 412 -7.90 21.74 -41.88
N CYS I 413 -8.23 23.01 -42.08
CA CYS I 413 -9.04 23.73 -41.11
C CYS I 413 -10.49 23.28 -41.12
N ASP I 414 -10.95 22.74 -42.26
CA ASP I 414 -12.22 22.01 -42.30
C ASP I 414 -12.22 20.90 -41.27
N VAL I 415 -11.20 20.06 -41.32
CA VAL I 415 -11.15 18.92 -40.42
C VAL I 415 -10.95 19.38 -38.98
N VAL I 416 -10.07 20.37 -38.77
CA VAL I 416 -9.76 20.87 -37.44
C VAL I 416 -11.00 21.48 -36.79
N PHE I 417 -11.74 22.27 -37.56
CA PHE I 417 -12.96 22.87 -37.07
C PHE I 417 -13.99 21.81 -36.76
N ALA I 418 -14.24 20.92 -37.72
CA ALA I 418 -15.30 19.92 -37.57
C ALA I 418 -15.02 18.95 -36.43
N LEU I 419 -13.74 18.76 -36.10
CA LEU I 419 -13.42 18.19 -34.81
C LEU I 419 -13.89 19.08 -33.69
N PHE I 420 -13.30 20.27 -33.58
CA PHE I 420 -13.39 21.03 -32.34
C PHE I 420 -14.53 22.03 -32.34
N ASP I 421 -15.41 21.99 -33.33
CA ASP I 421 -16.62 22.79 -33.25
C ASP I 421 -17.52 22.28 -32.14
N CYS I 422 -18.43 23.15 -31.70
CA CYS I 422 -19.29 22.86 -30.54
C CYS I 422 -20.39 21.89 -30.93
N ASP I 423 -19.99 20.62 -31.10
CA ASP I 423 -20.86 19.48 -31.38
C ASP I 423 -21.72 19.67 -32.63
N GLY I 424 -21.16 20.27 -33.66
CA GLY I 424 -21.88 20.44 -34.91
C GLY I 424 -22.64 21.73 -35.04
N ASN I 425 -22.51 22.65 -34.09
CA ASN I 425 -23.24 23.91 -34.18
C ASN I 425 -22.63 24.91 -35.14
N GLY I 426 -21.51 24.57 -35.78
CA GLY I 426 -20.87 25.49 -36.68
C GLY I 426 -20.01 26.52 -36.01
N GLU I 427 -19.68 26.34 -34.74
CA GLU I 427 -18.85 27.28 -34.01
C GLU I 427 -17.83 26.53 -33.18
N LEU I 428 -16.58 26.98 -33.27
CA LEU I 428 -15.44 26.46 -32.54
C LEU I 428 -15.56 26.81 -31.06
N SER I 429 -14.83 26.08 -30.22
CA SER I 429 -14.74 26.34 -28.79
C SER I 429 -13.30 26.65 -28.41
N ASN I 430 -13.12 27.73 -27.65
CA ASN I 430 -11.81 28.32 -27.37
C ASN I 430 -10.88 27.40 -26.61
N LYS I 431 -11.20 27.22 -25.34
CA LYS I 431 -10.23 26.70 -24.40
C LYS I 431 -10.22 25.19 -24.36
N GLU I 432 -11.31 24.56 -24.80
CA GLU I 432 -11.28 23.12 -25.06
C GLU I 432 -10.23 22.79 -26.10
N PHE I 433 -10.26 23.51 -27.20
CA PHE I 433 -9.26 23.32 -28.25
C PHE I 433 -7.86 23.68 -27.77
N VAL I 434 -7.75 24.73 -26.95
CA VAL I 434 -6.45 25.10 -26.42
C VAL I 434 -5.89 24.00 -25.53
N SER I 435 -6.73 23.42 -24.67
CA SER I 435 -6.25 22.41 -23.75
C SER I 435 -5.93 21.11 -24.46
N ILE I 436 -6.71 20.76 -25.49
CA ILE I 436 -6.38 19.55 -26.22
C ILE I 436 -5.14 19.76 -27.07
N MET I 437 -4.89 20.98 -27.54
CA MET I 437 -3.64 21.23 -28.24
C MET I 437 -2.45 21.22 -27.30
N LYS I 438 -2.60 21.72 -26.08
CA LYS I 438 -1.51 21.62 -25.14
C LYS I 438 -1.30 20.20 -24.66
N GLN I 439 -2.35 19.39 -24.66
CA GLN I 439 -2.23 17.98 -24.32
C GLN I 439 -1.49 17.21 -25.43
N ARG I 440 -1.89 17.42 -26.68
CA ARG I 440 -1.20 16.83 -27.83
C ARG I 440 0.21 17.38 -27.97
N LEU I 441 0.43 18.61 -27.52
CA LEU I 441 1.73 19.20 -27.63
C LEU I 441 2.68 18.61 -26.60
N MET I 442 2.22 18.47 -25.35
CA MET I 442 3.07 17.97 -24.29
C MET I 442 3.30 16.47 -24.36
N ARG I 443 2.50 15.78 -25.17
CA ARG I 443 2.64 14.36 -25.43
C ARG I 443 2.47 13.52 -24.17
N GLY I 444 1.63 13.98 -23.26
CA GLY I 444 1.39 13.26 -22.03
C GLY I 444 2.62 13.20 -21.15
N LEU I 445 3.16 14.37 -20.82
CA LEU I 445 4.44 14.39 -20.13
C LEU I 445 4.30 14.44 -18.63
N GLU I 446 3.65 15.49 -18.11
CA GLU I 446 3.85 15.92 -16.74
C GLU I 446 3.30 14.91 -15.74
N LYS I 447 4.07 14.70 -14.67
CA LYS I 447 3.90 13.68 -13.64
C LYS I 447 3.72 12.29 -14.23
N PRO I 448 4.75 11.65 -14.77
CA PRO I 448 4.67 10.21 -14.94
C PRO I 448 4.88 9.58 -13.58
N LYS I 449 4.41 8.33 -13.44
CA LYS I 449 4.56 7.46 -12.25
C LYS I 449 4.21 8.21 -10.96
N ASP I 450 2.93 8.57 -10.87
CA ASP I 450 2.46 9.57 -9.92
C ASP I 450 2.50 9.09 -8.47
N MET I 451 2.96 9.98 -7.59
CA MET I 451 2.86 9.89 -6.13
C MET I 451 2.31 11.19 -5.57
N GLY I 452 1.19 11.67 -6.14
CA GLY I 452 0.68 13.01 -5.87
C GLY I 452 0.29 13.26 -4.42
N PHE I 453 0.04 12.19 -3.67
CA PHE I 453 -0.17 12.31 -2.23
C PHE I 453 1.05 12.85 -1.51
N THR I 454 2.25 12.67 -2.06
CA THR I 454 3.43 13.30 -1.46
C THR I 454 3.34 14.83 -1.55
N ARG I 455 2.95 15.33 -2.73
CA ARG I 455 2.77 16.77 -2.89
C ARG I 455 1.60 17.28 -2.06
N LEU I 456 0.54 16.48 -1.92
CA LEU I 456 -0.56 16.92 -1.07
C LEU I 456 -0.20 16.86 0.41
N MET I 457 0.71 15.96 0.79
CA MET I 457 1.22 15.97 2.15
C MET I 457 2.03 17.23 2.41
N GLN I 458 2.81 17.65 1.41
CA GLN I 458 3.55 18.90 1.54
C GLN I 458 2.60 20.10 1.58
N ALA I 459 1.48 20.00 0.85
CA ALA I 459 0.49 21.08 0.82
C ALA I 459 -0.25 21.20 2.15
N MET I 460 -0.66 20.06 2.72
CA MET I 460 -1.26 20.06 4.05
C MET I 460 -0.28 20.53 5.10
N TRP I 461 1.02 20.25 4.95
CA TRP I 461 1.96 20.79 5.92
C TRP I 461 2.21 22.28 5.70
N LYS I 462 2.08 22.77 4.47
CA LYS I 462 2.13 24.21 4.27
C LYS I 462 0.91 24.87 4.90
N CYS I 463 -0.25 24.22 4.84
CA CYS I 463 -1.43 24.75 5.53
C CYS I 463 -1.26 24.65 7.04
N ALA I 464 -0.55 23.63 7.51
CA ALA I 464 -0.23 23.52 8.93
C ALA I 464 0.71 24.63 9.36
N GLN I 465 1.68 24.97 8.52
CA GLN I 465 2.57 26.09 8.76
C GLN I 465 1.82 27.43 8.66
N GLU I 466 0.81 27.46 7.80
CA GLU I 466 0.03 28.68 7.62
C GLU I 466 -0.91 28.91 8.80
N THR I 467 -1.40 27.84 9.42
CA THR I 467 -2.12 27.98 10.68
C THR I 467 -1.16 28.11 11.85
N ALA I 468 0.10 27.72 11.66
CA ALA I 468 1.12 27.99 12.65
C ALA I 468 1.55 29.45 12.62
N TRP I 469 1.23 30.17 11.54
CA TRP I 469 1.24 31.63 11.63
C TRP I 469 0.20 32.13 12.62
N ASP I 470 -0.93 31.43 12.74
CA ASP I 470 -1.96 31.79 13.72
C ASP I 470 -1.60 31.26 15.10
N LYS J 87 -10.10 50.15 -9.86
CA LYS J 87 -11.51 50.06 -10.22
C LYS J 87 -12.31 51.09 -9.46
N GLN J 88 -12.44 50.86 -8.15
CA GLN J 88 -13.08 51.86 -7.32
C GLN J 88 -12.19 53.07 -7.12
N ARG J 89 -10.87 52.89 -7.29
CA ARG J 89 -9.92 53.99 -7.14
C ARG J 89 -10.08 55.04 -8.23
N PHE J 90 -10.56 54.64 -9.41
CA PHE J 90 -10.96 55.60 -10.44
C PHE J 90 -12.02 56.55 -9.90
N MET J 91 -13.00 55.99 -9.18
CA MET J 91 -14.02 56.79 -8.55
C MET J 91 -13.46 57.55 -7.35
N GLN J 92 -12.39 57.01 -6.76
CA GLN J 92 -11.71 57.69 -5.65
C GLN J 92 -10.83 58.83 -6.17
N PHE J 93 -10.38 58.74 -7.41
CA PHE J 93 -9.42 59.68 -7.96
C PHE J 93 -9.94 60.34 -9.23
N SER J 94 -11.25 60.49 -9.36
CA SER J 94 -11.83 61.11 -10.55
C SER J 94 -11.64 62.62 -10.52
N SER J 95 -11.67 63.23 -11.71
CA SER J 95 -11.34 64.66 -11.84
C SER J 95 -12.39 65.46 -12.59
N LEU J 96 -12.98 64.90 -13.64
CA LEU J 96 -13.93 65.64 -14.45
C LEU J 96 -15.25 64.89 -14.55
N GLU J 97 -16.27 65.59 -15.04
CA GLU J 97 -17.64 65.08 -15.08
C GLU J 97 -18.28 65.51 -16.38
N HIS J 98 -18.50 64.56 -17.29
CA HIS J 98 -19.23 64.78 -18.53
C HIS J 98 -20.23 63.67 -18.74
N GLU J 99 -21.52 64.03 -18.85
CA GLU J 99 -22.64 63.09 -19.00
C GLU J 99 -22.73 62.12 -17.82
N GLY J 100 -22.36 62.61 -16.64
CA GLY J 100 -22.19 61.76 -15.46
C GLY J 100 -20.86 61.04 -15.41
N GLU J 101 -20.16 60.95 -16.53
CA GLU J 101 -18.90 60.24 -16.65
C GLU J 101 -17.82 60.90 -15.79
N TYR J 102 -17.22 60.10 -14.93
CA TYR J 102 -16.02 60.48 -14.22
C TYR J 102 -14.83 60.43 -15.17
N TYR J 103 -13.92 61.37 -15.03
CA TYR J 103 -12.69 61.39 -15.80
C TYR J 103 -11.53 61.64 -14.86
N MET J 104 -10.36 61.14 -15.26
CA MET J 104 -9.13 61.43 -14.56
C MET J 104 -8.21 62.26 -15.45
N THR J 105 -7.49 63.17 -14.81
CA THR J 105 -6.41 63.89 -15.43
C THR J 105 -5.16 63.02 -15.44
N PRO J 106 -4.14 63.39 -16.22
CA PRO J 106 -2.85 62.69 -16.09
C PRO J 106 -2.22 62.87 -14.72
N ARG J 107 -2.45 64.02 -14.07
CA ARG J 107 -1.84 64.27 -12.77
C ARG J 107 -2.51 63.44 -11.68
N ASP J 108 -3.82 63.29 -11.73
CA ASP J 108 -4.49 62.41 -10.78
C ASP J 108 -4.12 60.96 -11.04
N PHE J 109 -3.83 60.62 -12.29
CA PHE J 109 -3.29 59.31 -12.59
C PHE J 109 -1.89 59.13 -11.99
N LEU J 110 -1.07 60.18 -12.06
CA LEU J 110 0.24 60.18 -11.40
C LEU J 110 0.09 59.99 -9.90
N PHE J 111 -0.91 60.62 -9.31
CA PHE J 111 -1.17 60.46 -7.89
C PHE J 111 -1.65 59.06 -7.57
N SER J 112 -2.42 58.46 -8.47
CA SER J 112 -2.95 57.13 -8.21
C SER J 112 -1.86 56.07 -8.33
N VAL J 113 -0.88 56.30 -9.21
CA VAL J 113 0.16 55.29 -9.34
C VAL J 113 1.27 55.48 -8.31
N MET J 114 1.58 56.73 -7.95
CA MET J 114 2.60 56.95 -6.93
C MET J 114 2.07 56.62 -5.55
N PHE J 115 0.85 57.07 -5.27
CA PHE J 115 0.29 57.05 -3.94
C PHE J 115 -0.92 56.13 -3.99
N GLU J 116 -1.14 55.34 -2.94
CA GLU J 116 -2.33 54.49 -2.94
C GLU J 116 -3.58 55.33 -2.70
N GLN J 117 -3.66 55.96 -1.53
CA GLN J 117 -4.66 57.00 -1.30
C GLN J 117 -3.99 58.09 -0.49
N MET J 118 -4.56 59.29 -0.57
CA MET J 118 -3.99 60.45 0.08
C MET J 118 -5.05 61.11 0.95
N GLU J 119 -4.65 62.17 1.64
CA GLU J 119 -5.62 63.05 2.26
C GLU J 119 -6.37 63.88 1.21
N ARG J 120 -5.78 64.05 0.03
CA ARG J 120 -6.32 64.94 -0.98
C ARG J 120 -7.64 64.42 -1.55
N LYS J 121 -8.54 65.36 -1.84
CA LYS J 121 -9.95 65.06 -2.02
C LYS J 121 -10.23 64.42 -3.38
N THR J 122 -9.41 64.74 -4.40
CA THR J 122 -9.59 64.33 -5.80
C THR J 122 -10.99 64.70 -6.30
N SER J 123 -11.22 66.00 -6.34
CA SER J 123 -12.56 66.54 -6.53
C SER J 123 -13.01 66.41 -7.97
N VAL J 124 -14.31 66.54 -8.19
CA VAL J 124 -14.93 66.33 -9.50
C VAL J 124 -15.64 67.61 -9.91
N LYS J 125 -15.22 68.19 -11.03
CA LYS J 125 -15.91 69.33 -11.63
C LYS J 125 -16.56 68.92 -12.94
N LYS J 126 -17.57 69.69 -13.33
CA LYS J 126 -18.27 69.43 -14.58
C LYS J 126 -17.41 69.80 -15.78
N LEU J 127 -17.51 69.01 -16.84
CA LEU J 127 -16.70 69.20 -18.03
C LEU J 127 -17.34 70.24 -18.93
N THR J 128 -16.71 71.41 -19.03
CA THR J 128 -17.07 72.35 -20.07
C THR J 128 -16.48 71.91 -21.40
N LYS J 129 -16.91 72.53 -22.49
CA LYS J 129 -16.40 72.17 -23.80
C LYS J 129 -15.05 72.80 -24.11
N LYS J 130 -14.46 73.51 -23.15
CA LYS J 130 -13.03 73.81 -23.23
C LYS J 130 -12.19 72.55 -23.06
N ASP J 131 -12.72 71.52 -22.38
CA ASP J 131 -11.94 70.34 -22.05
C ASP J 131 -11.62 69.50 -23.28
N ILE J 132 -12.57 69.40 -24.22
CA ILE J 132 -12.28 68.71 -25.48
C ILE J 132 -11.34 69.53 -26.37
N GLU J 133 -11.13 70.80 -26.06
CA GLU J 133 -10.07 71.60 -26.65
C GLU J 133 -8.87 71.72 -25.72
N ASP J 134 -9.04 71.47 -24.42
CA ASP J 134 -7.87 71.32 -23.53
C ASP J 134 -7.04 70.10 -23.88
N THR J 135 -7.70 69.01 -24.30
CA THR J 135 -7.01 67.84 -24.83
C THR J 135 -6.13 68.22 -26.03
N LEU J 136 -6.69 69.00 -26.96
CA LEU J 136 -5.93 69.47 -28.12
C LEU J 136 -4.78 70.39 -27.72
N SER J 137 -5.07 71.40 -26.88
CA SER J 137 -4.08 72.40 -26.49
C SER J 137 -2.98 71.83 -25.62
N GLY J 138 -3.23 70.75 -24.89
CA GLY J 138 -2.16 70.06 -24.22
C GLY J 138 -1.40 69.21 -25.21
N ILE J 139 -2.12 68.58 -26.15
CA ILE J 139 -1.49 67.74 -27.15
C ILE J 139 -0.68 68.57 -28.15
N GLN J 140 -1.13 69.80 -28.43
CA GLN J 140 -0.35 70.70 -29.28
C GLN J 140 0.95 71.15 -28.63
N THR J 141 1.14 70.91 -27.33
CA THR J 141 2.29 71.42 -26.61
C THR J 141 3.17 70.35 -25.97
N ALA J 142 2.61 69.24 -25.50
CA ALA J 142 3.35 68.33 -24.64
C ALA J 142 4.38 67.52 -25.42
N GLY J 143 5.39 67.04 -24.70
CA GLY J 143 6.41 66.21 -25.31
C GLY J 143 5.92 64.77 -25.42
N CYS J 144 6.03 64.19 -26.60
CA CYS J 144 5.35 62.94 -26.94
C CYS J 144 6.07 61.70 -26.42
N GLY J 145 6.98 61.82 -25.46
CA GLY J 145 7.71 60.66 -24.98
C GLY J 145 7.61 60.41 -23.49
N SER J 146 8.76 60.44 -22.82
CA SER J 146 8.83 60.23 -21.38
C SER J 146 8.65 61.51 -20.59
N THR J 147 8.06 62.54 -21.19
CA THR J 147 7.74 63.79 -20.51
C THR J 147 6.28 64.16 -20.68
N PHE J 148 5.42 63.18 -20.94
CA PHE J 148 4.13 63.49 -21.55
C PHE J 148 3.15 64.05 -20.53
N PHE J 149 2.91 63.32 -19.46
CA PHE J 149 1.93 63.73 -18.46
C PHE J 149 2.41 64.95 -17.68
N ARG J 150 3.72 65.04 -17.47
CA ARG J 150 4.29 66.13 -16.68
C ARG J 150 4.34 67.41 -17.50
N ASP J 151 4.29 67.30 -18.82
CA ASP J 151 3.98 68.47 -19.63
C ASP J 151 2.49 68.70 -19.68
N LEU J 152 1.69 67.66 -19.48
CA LEU J 152 0.25 67.87 -19.42
C LEU J 152 -0.18 68.39 -18.04
N GLY J 153 0.08 67.60 -17.00
CA GLY J 153 -0.51 67.91 -15.72
C GLY J 153 -1.97 67.51 -15.71
N ASP J 154 -2.88 68.48 -15.77
CA ASP J 154 -4.31 68.18 -15.79
C ASP J 154 -4.92 68.24 -17.18
N LYS J 155 -4.17 68.68 -18.20
CA LYS J 155 -4.70 68.84 -19.56
C LYS J 155 -4.82 67.47 -20.24
N GLY J 156 -5.83 66.71 -19.84
CA GLY J 156 -6.01 65.39 -20.42
C GLY J 156 -7.31 64.77 -19.98
N LEU J 157 -7.63 63.65 -20.64
CA LEU J 157 -8.84 62.88 -20.35
C LEU J 157 -8.49 61.40 -20.24
N ILE J 158 -8.91 60.79 -19.14
CA ILE J 158 -8.73 59.37 -18.89
C ILE J 158 -10.08 58.82 -18.46
N SER J 159 -10.62 57.89 -19.24
CA SER J 159 -11.87 57.24 -18.85
C SER J 159 -11.56 56.12 -17.87
N TYR J 160 -12.60 55.39 -17.47
CA TYR J 160 -12.40 54.25 -16.58
C TYR J 160 -11.71 53.11 -17.31
N THR J 161 -12.13 52.82 -18.54
CA THR J 161 -11.48 51.81 -19.35
C THR J 161 -10.07 52.21 -19.73
N GLU J 162 -9.86 53.49 -20.01
CA GLU J 162 -8.50 53.97 -20.29
C GLU J 162 -7.64 53.89 -19.05
N TYR J 163 -8.22 54.12 -17.87
CA TYR J 163 -7.46 53.99 -16.64
C TYR J 163 -7.06 52.55 -16.37
N LEU J 164 -7.97 51.61 -16.58
CA LEU J 164 -7.65 50.20 -16.45
C LEU J 164 -6.61 49.78 -17.49
N PHE J 165 -6.66 50.37 -18.68
CA PHE J 165 -5.64 50.14 -19.69
C PHE J 165 -4.29 50.65 -19.25
N LEU J 166 -4.26 51.80 -18.59
CA LEU J 166 -3.01 52.34 -18.06
C LEU J 166 -2.45 51.46 -16.95
N LEU J 167 -3.34 50.91 -16.12
CA LEU J 167 -2.94 49.94 -15.12
C LEU J 167 -2.35 48.69 -15.76
N THR J 168 -2.97 48.23 -16.85
CA THR J 168 -2.50 47.06 -17.57
C THR J 168 -1.13 47.30 -18.17
N ILE J 169 -0.89 48.53 -18.66
CA ILE J 169 0.43 48.91 -19.14
C ILE J 169 1.45 48.82 -18.02
N LEU J 170 1.15 49.46 -16.89
CA LEU J 170 2.19 49.60 -15.88
C LEU J 170 2.37 48.37 -15.01
N THR J 171 1.44 47.41 -15.08
CA THR J 171 1.52 46.22 -14.26
C THR J 171 1.72 44.95 -15.08
N LYS J 172 1.09 44.86 -16.25
CA LYS J 172 1.17 43.69 -17.12
C LYS J 172 1.81 44.02 -18.46
N PRO J 173 3.14 44.05 -18.53
CA PRO J 173 3.78 43.99 -19.84
C PRO J 173 3.59 42.61 -20.46
N HIS J 174 3.77 42.55 -21.78
CA HIS J 174 3.52 41.43 -22.68
C HIS J 174 2.22 40.69 -22.39
N SER J 175 1.18 41.42 -21.98
CA SER J 175 -0.15 40.88 -21.81
C SER J 175 -0.95 40.92 -23.10
N GLY J 176 -0.27 41.06 -24.24
CA GLY J 176 -0.83 41.04 -25.57
C GLY J 176 -0.76 42.41 -26.19
N PHE J 177 0.30 42.66 -26.92
CA PHE J 177 0.45 43.95 -27.59
C PHE J 177 0.87 43.80 -29.04
N HIS J 178 1.76 42.84 -29.33
CA HIS J 178 2.01 42.44 -30.71
C HIS J 178 0.83 41.66 -31.22
N VAL J 179 0.23 40.87 -30.32
CA VAL J 179 -0.95 40.06 -30.60
C VAL J 179 -2.10 40.94 -31.05
N ALA J 180 -2.31 42.07 -30.36
CA ALA J 180 -3.44 42.94 -30.66
C ALA J 180 -3.31 43.58 -32.03
N PHE J 181 -2.13 44.11 -32.35
CA PHE J 181 -1.95 44.71 -33.66
C PHE J 181 -1.88 43.68 -34.77
N LYS J 182 -1.61 42.42 -34.44
CA LYS J 182 -1.83 41.39 -35.44
C LYS J 182 -3.32 41.13 -35.63
N MET J 183 -4.10 41.13 -34.56
CA MET J 183 -5.47 40.63 -34.69
C MET J 183 -6.52 41.72 -34.86
N LEU J 184 -6.34 42.92 -34.31
CA LEU J 184 -7.47 43.85 -34.30
C LEU J 184 -7.62 44.55 -35.63
N ASP J 185 -6.52 44.97 -36.24
CA ASP J 185 -6.55 45.53 -37.59
C ASP J 185 -5.45 44.85 -38.41
N THR J 186 -5.83 43.72 -38.97
CA THR J 186 -5.00 42.87 -39.82
C THR J 186 -5.10 43.36 -41.27
N ASP J 187 -4.74 42.49 -42.21
CA ASP J 187 -4.80 42.70 -43.66
C ASP J 187 -3.81 43.80 -44.07
N GLY J 188 -2.55 43.51 -43.80
CA GLY J 188 -1.48 44.43 -44.13
C GLY J 188 -0.39 44.44 -43.08
N ASN J 189 -0.08 45.63 -42.59
CA ASN J 189 0.93 45.79 -41.56
C ASN J 189 0.25 45.83 -40.20
N GLU J 190 1.01 46.20 -39.17
CA GLU J 190 0.44 46.43 -37.84
C GLU J 190 0.21 47.93 -37.66
N MET J 191 -0.81 48.43 -38.35
CA MET J 191 -1.20 49.83 -38.29
C MET J 191 -2.69 49.85 -37.92
N ILE J 192 -2.98 50.00 -36.64
CA ILE J 192 -4.32 49.74 -36.16
C ILE J 192 -5.23 50.92 -36.46
N GLU J 193 -6.53 50.64 -36.56
CA GLU J 193 -7.56 51.61 -36.88
C GLU J 193 -8.27 52.05 -35.60
N LYS J 194 -8.79 53.28 -35.63
CA LYS J 194 -9.42 53.91 -34.46
C LYS J 194 -10.65 53.16 -33.98
N ARG J 195 -11.43 52.57 -34.89
CA ARG J 195 -12.68 51.94 -34.50
C ARG J 195 -12.48 50.66 -33.69
N GLU J 196 -11.37 49.95 -33.89
CA GLU J 196 -11.00 48.83 -33.03
C GLU J 196 -10.29 49.28 -31.78
N PHE J 197 -10.09 50.59 -31.64
CA PHE J 197 -9.46 51.17 -30.46
C PHE J 197 -10.32 50.94 -29.21
N PHE J 198 -11.58 51.39 -29.24
CA PHE J 198 -12.46 51.30 -28.08
C PHE J 198 -12.76 49.87 -27.67
N LYS J 199 -13.05 49.00 -28.64
CA LYS J 199 -13.28 47.60 -28.31
C LYS J 199 -11.98 46.90 -27.92
N LEU J 200 -10.83 47.52 -28.23
CA LEU J 200 -9.58 47.18 -27.54
C LEU J 200 -9.75 47.29 -26.03
N GLN J 201 -10.15 48.49 -25.57
CA GLN J 201 -9.98 48.96 -24.19
C GLN J 201 -10.64 48.05 -23.17
N LYS J 202 -11.77 47.47 -23.53
CA LYS J 202 -12.55 46.71 -22.57
C LYS J 202 -12.04 45.29 -22.46
N ILE J 203 -11.53 44.73 -23.55
CA ILE J 203 -11.37 43.29 -23.57
C ILE J 203 -9.97 42.89 -23.11
N ILE J 204 -8.98 43.75 -23.36
CA ILE J 204 -7.65 43.54 -22.79
C ILE J 204 -7.68 43.71 -21.28
N SER J 205 -8.54 44.60 -20.79
CA SER J 205 -8.63 44.85 -19.35
C SER J 205 -9.24 43.70 -18.58
N LYS J 206 -10.01 42.83 -19.23
CA LYS J 206 -10.71 41.77 -18.52
C LYS J 206 -9.77 40.63 -18.12
N GLU J 229 -18.68 60.01 -30.03
CA GLU J 229 -18.51 60.62 -28.73
C GLU J 229 -17.32 61.56 -28.72
N ILE J 230 -17.01 62.12 -27.55
CA ILE J 230 -15.85 62.99 -27.37
C ILE J 230 -14.60 62.12 -27.33
N ASN J 231 -13.44 62.73 -27.57
CA ASN J 231 -12.19 61.98 -27.51
C ASN J 231 -11.39 62.34 -26.26
N THR J 232 -10.60 61.37 -25.81
CA THR J 232 -9.61 61.60 -24.77
C THR J 232 -8.33 62.05 -25.45
N THR J 233 -7.21 62.08 -24.72
CA THR J 233 -5.96 62.41 -25.37
C THR J 233 -5.46 61.29 -26.27
N LEU J 234 -5.89 60.05 -26.02
CA LEU J 234 -5.27 58.89 -26.64
C LEU J 234 -5.58 58.80 -28.13
N GLN J 235 -6.86 58.71 -28.48
CA GLN J 235 -7.21 58.66 -29.89
C GLN J 235 -7.10 60.00 -30.56
N MET J 236 -7.03 61.08 -29.77
CA MET J 236 -6.58 62.36 -30.30
C MET J 236 -5.10 62.31 -30.70
N ARG J 237 -4.33 61.41 -30.07
CA ARG J 237 -2.91 61.31 -30.36
C ARG J 237 -2.61 60.21 -31.37
N PHE J 238 -3.04 58.98 -31.08
CA PHE J 238 -2.53 57.80 -31.76
C PHE J 238 -2.99 57.73 -33.21
N PHE J 239 -4.20 58.19 -33.46
CA PHE J 239 -4.79 58.13 -34.79
C PHE J 239 -4.86 59.50 -35.44
N GLY J 240 -4.23 60.51 -34.86
CA GLY J 240 -4.40 61.85 -35.35
C GLY J 240 -5.54 62.54 -34.64
N LYS J 241 -5.79 63.77 -35.12
CA LYS J 241 -6.71 64.69 -34.46
C LYS J 241 -8.15 64.19 -34.44
N ARG J 242 -8.57 63.39 -35.41
CA ARG J 242 -9.92 62.85 -35.43
C ARG J 242 -9.96 61.40 -35.85
N GLY J 243 -8.80 60.75 -35.92
CA GLY J 243 -8.73 59.43 -36.52
C GLY J 243 -8.21 59.43 -37.95
N GLN J 244 -7.41 60.43 -38.31
CA GLN J 244 -6.86 60.48 -39.67
C GLN J 244 -5.71 59.50 -39.88
N ARG J 245 -5.07 59.02 -38.82
CA ARG J 245 -3.89 58.18 -38.94
C ARG J 245 -4.15 56.80 -38.35
N LYS J 246 -3.12 55.97 -38.45
CA LYS J 246 -3.07 54.64 -37.86
C LYS J 246 -1.90 54.55 -36.90
N LEU J 247 -2.11 53.85 -35.80
CA LEU J 247 -1.08 53.74 -34.78
C LEU J 247 -0.01 52.76 -35.22
N HIS J 248 1.24 53.12 -35.00
CA HIS J 248 2.34 52.27 -35.39
C HIS J 248 2.82 51.41 -34.23
N TYR J 249 3.20 50.17 -34.53
CA TYR J 249 3.53 49.22 -33.48
C TYR J 249 4.83 49.57 -32.79
N LYS J 250 5.88 49.87 -33.56
CA LYS J 250 7.14 50.27 -32.94
C LYS J 250 6.98 51.59 -32.22
N GLU J 251 6.13 52.47 -32.74
CA GLU J 251 5.86 53.73 -32.05
C GLU J 251 5.07 53.49 -30.78
N PHE J 252 4.14 52.52 -30.78
CA PHE J 252 3.40 52.23 -29.56
C PHE J 252 4.28 51.53 -28.54
N ARG J 253 5.20 50.68 -28.98
CA ARG J 253 6.14 50.05 -28.06
C ARG J 253 7.10 51.07 -27.49
N ARG J 254 7.52 52.04 -28.31
CA ARG J 254 8.27 53.19 -27.80
C ARG J 254 7.45 53.96 -26.78
N PHE J 255 6.16 54.09 -27.03
CA PHE J 255 5.26 54.77 -26.10
C PHE J 255 5.17 54.03 -24.77
N MET J 256 5.03 52.70 -24.84
CA MET J 256 5.08 51.84 -23.66
C MET J 256 6.38 52.06 -22.90
N GLU J 257 7.49 52.12 -23.65
CA GLU J 257 8.82 52.21 -23.05
C GLU J 257 9.01 53.53 -22.33
N ASN J 258 8.78 54.64 -23.02
CA ASN J 258 8.98 55.94 -22.40
C ASN J 258 7.91 56.26 -21.37
N LEU J 259 6.73 55.66 -21.48
CA LEU J 259 5.69 55.90 -20.49
C LEU J 259 6.01 55.19 -19.19
N GLN J 260 6.34 53.90 -19.27
CA GLN J 260 6.78 53.15 -18.09
C GLN J 260 8.08 53.71 -17.54
N THR J 261 8.96 54.19 -18.43
CA THR J 261 10.16 54.89 -18.01
C THR J 261 9.82 56.18 -17.26
N GLU J 262 8.78 56.89 -17.71
CA GLU J 262 8.35 58.11 -17.03
C GLU J 262 7.79 57.80 -15.65
N ILE J 263 7.17 56.62 -15.50
CA ILE J 263 6.76 56.15 -14.18
C ILE J 263 7.96 55.93 -13.28
N GLN J 264 9.01 55.32 -13.85
CA GLN J 264 10.25 55.13 -13.11
C GLN J 264 10.86 56.47 -12.71
N GLU J 265 10.79 57.45 -13.62
CA GLU J 265 11.30 58.79 -13.35
C GLU J 265 10.55 59.45 -12.21
N MET J 266 9.23 59.29 -12.20
CA MET J 266 8.42 59.84 -11.13
C MET J 266 8.73 59.19 -9.79
N GLU J 267 8.91 57.87 -9.79
CA GLU J 267 9.22 57.16 -8.56
C GLU J 267 10.58 57.54 -8.02
N PHE J 268 11.55 57.67 -8.93
CA PHE J 268 12.88 58.14 -8.60
C PHE J 268 12.83 59.52 -7.96
N LEU J 269 12.27 60.50 -8.68
CA LEU J 269 12.32 61.89 -8.24
C LEU J 269 11.48 62.15 -7.00
N GLN J 270 10.27 61.58 -6.92
CA GLN J 270 9.46 61.70 -5.72
C GLN J 270 10.09 60.95 -4.56
N PHE J 271 10.85 59.91 -4.85
CA PHE J 271 11.41 59.09 -3.80
C PHE J 271 12.90 59.32 -3.62
N SER J 272 13.47 60.25 -4.39
CA SER J 272 14.79 60.78 -4.08
C SER J 272 14.77 61.69 -2.87
N LYS J 273 13.58 62.17 -2.47
CA LYS J 273 13.39 63.15 -1.39
C LYS J 273 14.13 64.45 -1.69
N GLY J 274 14.18 64.82 -2.97
CA GLY J 274 14.88 66.00 -3.41
C GLY J 274 16.31 65.76 -3.84
N LEU J 275 16.82 64.54 -3.68
CA LEU J 275 18.19 64.26 -4.06
C LEU J 275 18.34 64.21 -5.58
N SER J 276 19.60 64.13 -6.01
CA SER J 276 19.85 63.81 -7.41
C SER J 276 19.75 62.31 -7.65
N PHE J 277 20.08 61.50 -6.64
CA PHE J 277 20.08 60.05 -6.76
C PHE J 277 19.09 59.44 -5.77
N MET J 278 19.11 58.12 -5.72
CA MET J 278 18.58 57.35 -4.60
C MET J 278 19.76 56.83 -3.80
N ARG J 279 19.65 56.88 -2.48
CA ARG J 279 20.58 56.14 -1.65
C ARG J 279 20.30 54.64 -1.76
N LYS J 280 21.11 53.83 -1.05
CA LYS J 280 20.77 52.42 -0.92
C LYS J 280 19.44 52.25 -0.21
N GLU J 281 19.28 52.89 0.93
CA GLU J 281 18.05 52.73 1.68
C GLU J 281 16.89 53.52 1.10
N ASP J 282 17.15 54.57 0.32
CA ASP J 282 16.09 55.19 -0.47
C ASP J 282 15.50 54.17 -1.41
N PHE J 283 16.37 53.45 -2.10
CA PHE J 283 15.95 52.46 -3.09
C PHE J 283 15.31 51.24 -2.44
N ALA J 284 15.84 50.80 -1.30
CA ALA J 284 15.29 49.62 -0.64
C ALA J 284 14.00 49.96 0.09
N GLU J 285 13.89 51.19 0.58
CA GLU J 285 12.66 51.63 1.21
C GLU J 285 11.59 51.86 0.17
N TRP J 286 11.97 52.42 -0.99
CA TRP J 286 11.17 52.36 -2.20
C TRP J 286 10.72 50.95 -2.49
N LEU J 287 11.65 49.99 -2.38
CA LEU J 287 11.40 48.61 -2.74
C LEU J 287 10.45 47.92 -1.79
N LEU J 288 10.23 48.48 -0.61
CA LEU J 288 9.32 47.90 0.37
C LEU J 288 8.09 48.78 0.58
N PHE J 289 7.63 49.47 -0.46
CA PHE J 289 6.32 50.10 -0.36
C PHE J 289 5.20 49.08 -0.48
N PHE J 290 5.48 47.94 -1.10
CA PHE J 290 4.50 46.89 -1.29
C PHE J 290 4.95 45.57 -0.68
N THR J 291 5.34 45.58 0.60
CA THR J 291 5.78 44.39 1.32
C THR J 291 5.17 44.39 2.71
N ASN J 292 4.42 43.35 3.05
CA ASN J 292 3.62 43.34 4.28
C ASN J 292 3.67 41.96 4.97
N THR J 293 4.87 41.42 5.18
CA THR J 293 4.95 40.09 5.77
C THR J 293 5.17 40.17 7.29
N GLU J 294 5.41 39.01 7.88
CA GLU J 294 5.85 38.92 9.27
C GLU J 294 7.36 38.82 9.37
N ASN J 295 8.02 38.41 8.29
CA ASN J 295 9.47 38.56 8.19
C ASN J 295 9.87 39.91 7.63
N LYS J 296 8.87 40.75 7.35
CA LYS J 296 9.09 42.16 7.05
C LYS J 296 9.93 42.84 8.11
N ASP J 297 9.66 42.53 9.39
CA ASP J 297 10.51 42.98 10.49
C ASP J 297 11.93 42.45 10.35
N ILE J 298 12.05 41.19 9.92
CA ILE J 298 13.34 40.65 9.53
C ILE J 298 13.88 41.39 8.32
N TYR J 299 13.01 41.71 7.37
CA TYR J 299 13.44 42.37 6.15
C TYR J 299 13.87 43.80 6.41
N TRP J 300 13.17 44.49 7.32
CA TRP J 300 13.64 45.78 7.78
C TRP J 300 14.87 45.65 8.66
N LYS J 301 15.09 44.46 9.23
CA LYS J 301 16.17 44.21 10.17
C LYS J 301 17.53 44.51 9.55
N ASN J 302 17.82 43.87 8.42
CA ASN J 302 19.05 44.15 7.67
C ASN J 302 19.08 45.58 7.13
N VAL J 303 17.92 46.23 7.04
CA VAL J 303 17.86 47.65 6.74
C VAL J 303 18.55 48.47 7.82
N ARG J 304 18.20 48.24 9.09
CA ARG J 304 18.77 49.12 10.10
C ARG J 304 20.07 48.60 10.67
N GLU J 305 20.45 47.37 10.34
CA GLU J 305 21.65 46.76 10.88
C GLU J 305 22.67 46.48 9.80
N LYS J 306 22.28 45.65 8.84
CA LYS J 306 23.19 45.03 7.89
C LYS J 306 23.24 45.80 6.59
N LEU J 307 23.14 47.11 6.72
CA LEU J 307 23.11 48.00 5.58
C LEU J 307 24.15 49.08 5.77
N SER J 308 25.04 49.22 4.78
CA SER J 308 25.92 50.37 4.70
C SER J 308 25.15 51.47 3.98
N ALA J 309 24.25 52.11 4.74
CA ALA J 309 23.21 52.99 4.20
C ALA J 309 23.83 54.25 3.61
N GLY J 310 22.99 55.02 2.93
CA GLY J 310 23.47 56.09 2.07
C GLY J 310 23.79 55.52 0.72
N GLU J 311 24.94 55.92 0.17
CA GLU J 311 25.47 55.43 -1.11
C GLU J 311 24.49 55.71 -2.25
N SER J 312 24.48 56.98 -2.64
CA SER J 312 23.62 57.50 -3.70
C SER J 312 23.80 56.72 -5.01
N ILE J 313 22.68 56.35 -5.63
CA ILE J 313 22.64 55.46 -6.79
C ILE J 313 21.72 56.08 -7.83
N SER J 314 22.18 56.15 -9.08
CA SER J 314 21.56 56.93 -10.12
C SER J 314 20.26 56.32 -10.64
N LEU J 315 19.70 56.98 -11.64
CA LEU J 315 18.42 56.61 -12.22
C LEU J 315 18.57 55.50 -13.26
N ASP J 316 19.69 55.44 -13.95
CA ASP J 316 19.83 54.47 -15.04
C ASP J 316 19.92 53.05 -14.52
N GLU J 317 20.62 52.86 -13.41
CA GLU J 317 20.63 51.56 -12.76
C GLU J 317 19.25 51.23 -12.19
N PHE J 318 18.50 52.26 -11.80
CA PHE J 318 17.13 52.04 -11.35
C PHE J 318 16.25 51.58 -12.51
N LYS J 319 16.50 52.14 -13.70
CA LYS J 319 15.81 51.70 -14.90
C LYS J 319 16.17 50.27 -15.25
N SER J 320 17.45 49.93 -15.10
CA SER J 320 17.92 48.58 -15.33
C SER J 320 17.28 47.62 -14.35
N PHE J 321 17.10 48.07 -13.11
CA PHE J 321 16.43 47.29 -12.08
C PHE J 321 14.98 47.04 -12.44
N CYS J 322 14.30 48.07 -12.92
CA CYS J 322 12.89 47.92 -13.28
C CYS J 322 12.73 46.96 -14.45
N HIS J 323 13.58 47.10 -15.47
CA HIS J 323 13.52 46.17 -16.58
C HIS J 323 13.93 44.76 -16.16
N PHE J 324 14.79 44.65 -15.16
CA PHE J 324 15.05 43.34 -14.56
C PHE J 324 13.79 42.76 -13.95
N THR J 325 13.03 43.60 -13.25
CA THR J 325 11.79 43.10 -12.65
C THR J 325 10.75 42.75 -13.69
N THR J 326 10.83 43.33 -14.89
CA THR J 326 9.92 42.93 -15.95
C THR J 326 10.14 41.48 -16.35
N HIS J 327 11.31 41.17 -16.87
CA HIS J 327 11.64 39.82 -17.28
C HIS J 327 12.00 39.06 -16.01
N LEU J 328 10.99 38.45 -15.40
CA LEU J 328 11.14 37.92 -14.06
C LEU J 328 10.99 36.42 -13.97
N GLU J 329 10.15 35.83 -14.82
CA GLU J 329 9.93 34.39 -14.75
C GLU J 329 11.13 33.64 -15.25
N ASP J 330 11.92 34.25 -16.13
CA ASP J 330 13.14 33.58 -16.57
C ASP J 330 14.16 33.51 -15.46
N PHE J 331 14.21 34.57 -14.65
CA PHE J 331 14.97 34.53 -13.41
C PHE J 331 14.41 33.48 -12.46
N ALA J 332 13.10 33.28 -12.49
CA ALA J 332 12.50 32.23 -11.68
C ALA J 332 12.93 30.85 -12.14
N ILE J 333 13.05 30.66 -13.45
CA ILE J 333 13.47 29.36 -13.96
C ILE J 333 14.95 29.13 -13.66
N ALA J 334 15.76 30.18 -13.70
CA ALA J 334 17.17 30.03 -13.39
C ALA J 334 17.38 29.75 -11.90
N MET J 335 16.63 30.41 -11.04
CA MET J 335 16.72 30.06 -9.64
C MET J 335 15.99 28.77 -9.32
N GLN J 336 15.18 28.26 -10.24
CA GLN J 336 14.64 26.93 -10.09
C GLN J 336 15.67 25.88 -10.47
N MET J 337 16.51 26.19 -11.46
CA MET J 337 17.68 25.39 -11.74
C MET J 337 18.59 25.36 -10.53
N PHE J 338 18.80 26.52 -9.93
CA PHE J 338 19.53 26.58 -8.68
C PHE J 338 18.75 26.01 -7.51
N SER J 339 17.45 25.76 -7.66
CA SER J 339 16.77 24.95 -6.65
C SER J 339 17.13 23.50 -6.84
N LEU J 340 17.00 23.00 -8.06
CA LEU J 340 17.37 21.61 -8.35
C LEU J 340 18.82 21.49 -8.81
N ALA J 341 19.69 22.13 -8.05
CA ALA J 341 21.14 22.01 -8.09
C ALA J 341 21.64 22.65 -6.82
N HIS J 342 22.48 21.92 -6.09
CA HIS J 342 22.88 22.31 -4.75
C HIS J 342 24.02 23.32 -4.75
N ARG J 343 24.28 23.94 -5.88
CA ARG J 343 25.25 25.01 -5.94
C ARG J 343 24.61 26.27 -5.37
N PRO J 344 25.07 26.80 -4.22
CA PRO J 344 24.42 27.99 -3.64
C PRO J 344 24.66 29.23 -4.46
N VAL J 345 23.87 30.27 -4.25
CA VAL J 345 23.86 31.41 -5.15
C VAL J 345 24.82 32.45 -4.59
N ARG J 346 25.94 32.63 -5.26
CA ARG J 346 26.86 33.67 -4.87
C ARG J 346 26.73 34.82 -5.85
N LEU J 347 27.67 35.77 -5.77
CA LEU J 347 27.51 37.04 -6.47
C LEU J 347 27.62 36.89 -7.98
N ALA J 348 28.52 36.02 -8.45
CA ALA J 348 28.72 35.89 -9.89
C ALA J 348 27.55 35.18 -10.56
N GLU J 349 26.99 34.15 -9.91
CA GLU J 349 25.82 33.48 -10.47
C GLU J 349 24.61 34.39 -10.46
N PHE J 350 24.49 35.23 -9.44
CA PHE J 350 23.37 36.15 -9.39
C PHE J 350 23.48 37.23 -10.45
N LYS J 351 24.71 37.73 -10.68
CA LYS J 351 24.98 38.61 -11.81
C LYS J 351 24.61 37.95 -13.13
N ARG J 352 25.05 36.72 -13.30
CA ARG J 352 24.82 35.98 -14.52
C ARG J 352 23.35 35.71 -14.72
N ALA J 353 22.63 35.51 -13.63
CA ALA J 353 21.20 35.29 -13.68
C ALA J 353 20.45 36.55 -14.07
N VAL J 354 20.88 37.70 -13.55
CA VAL J 354 20.30 38.97 -13.99
C VAL J 354 20.56 39.21 -15.46
N LYS J 355 21.77 38.88 -15.93
CA LYS J 355 22.12 39.09 -17.33
C LYS J 355 21.30 38.19 -18.24
N VAL J 356 21.13 36.93 -17.89
CA VAL J 356 20.32 36.06 -18.73
C VAL J 356 18.85 36.34 -18.55
N ALA J 357 18.47 37.04 -17.49
CA ALA J 357 17.12 37.56 -17.45
C ALA J 357 16.97 38.75 -18.38
N THR J 358 18.05 39.48 -18.63
CA THR J 358 17.99 40.70 -19.40
C THR J 358 18.76 40.65 -20.71
N GLY J 359 20.05 40.37 -20.66
CA GLY J 359 20.97 40.84 -21.67
C GLY J 359 21.65 42.13 -21.31
N GLN J 360 21.53 42.54 -20.05
CA GLN J 360 22.07 43.79 -19.51
C GLN J 360 22.58 43.49 -18.12
N GLU J 361 23.53 44.31 -17.64
CA GLU J 361 24.04 44.12 -16.29
C GLU J 361 24.18 45.45 -15.58
N LEU J 362 24.37 45.35 -14.27
CA LEU J 362 23.98 46.36 -13.29
C LEU J 362 25.10 46.72 -12.31
N SER J 363 24.66 47.35 -11.23
CA SER J 363 25.44 47.89 -10.13
C SER J 363 26.06 46.79 -9.27
N ASN J 364 26.60 47.22 -8.13
CA ASN J 364 26.97 46.31 -7.08
C ASN J 364 26.10 46.49 -5.85
N ASN J 365 25.79 47.74 -5.53
CA ASN J 365 25.16 48.08 -4.26
C ASN J 365 23.72 47.63 -4.23
N ILE J 366 23.03 47.78 -5.36
CA ILE J 366 21.72 47.13 -5.56
C ILE J 366 21.84 45.65 -5.27
N LEU J 367 22.86 45.01 -5.86
CA LEU J 367 23.00 43.57 -5.86
C LEU J 367 23.41 43.06 -4.49
N ASP J 368 24.42 43.69 -3.89
CA ASP J 368 24.82 43.32 -2.54
C ASP J 368 23.75 43.61 -1.52
N THR J 369 22.98 44.67 -1.72
CA THR J 369 21.89 44.97 -0.79
C THR J 369 20.80 43.92 -0.89
N VAL J 370 20.54 43.44 -2.10
CA VAL J 370 19.65 42.31 -2.29
C VAL J 370 20.19 41.07 -1.58
N PHE J 371 21.50 40.87 -1.62
CA PHE J 371 22.11 39.77 -0.84
C PHE J 371 21.91 39.97 0.66
N LYS J 372 22.14 41.19 1.15
CA LYS J 372 22.10 41.46 2.58
C LYS J 372 20.69 41.33 3.14
N ILE J 373 19.67 41.71 2.35
CA ILE J 373 18.31 41.49 2.79
C ILE J 373 17.97 40.01 2.75
N PHE J 374 18.45 39.32 1.72
CA PHE J 374 18.01 37.96 1.43
C PHE J 374 19.10 36.93 1.64
N ASP J 375 19.90 37.08 2.69
CA ASP J 375 20.68 35.94 3.16
C ASP J 375 19.78 34.94 3.88
N LEU J 376 19.25 35.34 5.04
CA LEU J 376 18.11 34.74 5.71
C LEU J 376 18.33 33.25 6.01
N ASP J 377 19.29 33.01 6.93
CA ASP J 377 19.77 31.71 7.38
C ASP J 377 20.56 30.97 6.30
N GLY J 378 20.92 31.64 5.21
CA GLY J 378 21.89 31.13 4.28
C GLY J 378 22.93 32.20 4.04
N ASP J 379 24.17 31.95 4.45
CA ASP J 379 25.16 33.01 4.50
C ASP J 379 25.76 33.23 3.11
N GLU J 380 25.88 34.52 2.76
CA GLU J 380 26.25 35.06 1.43
C GLU J 380 25.52 34.37 0.27
N CYS J 381 24.29 33.93 0.49
CA CYS J 381 23.46 33.37 -0.55
C CYS J 381 22.21 34.21 -0.74
N LEU J 382 21.48 33.91 -1.81
CA LEU J 382 20.24 34.64 -2.09
C LEU J 382 19.04 33.84 -1.62
N SER J 383 18.14 34.51 -0.90
CA SER J 383 16.83 33.94 -0.58
C SER J 383 15.95 34.15 -1.80
N HIS J 384 16.11 33.26 -2.78
CA HIS J 384 15.79 33.57 -4.16
C HIS J 384 14.29 33.51 -4.46
N GLU J 385 13.63 32.41 -4.09
CA GLU J 385 12.17 32.34 -4.23
C GLU J 385 11.51 33.40 -3.37
N GLU J 386 12.09 33.64 -2.20
CA GLU J 386 11.64 34.66 -1.29
C GLU J 386 11.80 36.03 -1.91
N PHE J 387 12.90 36.24 -2.62
CA PHE J 387 13.13 37.49 -3.32
C PHE J 387 12.14 37.69 -4.46
N LEU J 388 11.82 36.61 -5.17
CA LEU J 388 10.81 36.66 -6.22
C LEU J 388 9.46 37.05 -5.66
N GLY J 389 9.12 36.47 -4.51
CA GLY J 389 7.86 36.82 -3.85
C GLY J 389 7.83 38.27 -3.41
N VAL J 390 8.98 38.79 -2.95
CA VAL J 390 9.06 40.19 -2.59
C VAL J 390 8.83 41.07 -3.81
N LEU J 391 9.44 40.71 -4.93
CA LEU J 391 9.22 41.49 -6.15
C LEU J 391 7.81 41.30 -6.69
N LYS J 392 7.12 40.22 -6.37
CA LYS J 392 5.78 40.14 -6.94
C LYS J 392 4.73 40.72 -6.04
N ASN J 393 4.97 40.78 -4.73
CA ASN J 393 4.18 41.69 -3.91
C ASN J 393 4.41 43.12 -4.32
N ARG J 394 5.64 43.44 -4.76
CA ARG J 394 5.92 44.72 -5.38
C ARG J 394 5.14 44.92 -6.68
N MET J 395 5.07 43.88 -7.51
CA MET J 395 4.50 44.03 -8.84
C MET J 395 2.99 44.02 -8.86
N HIS J 396 2.35 43.22 -8.01
CA HIS J 396 0.89 43.15 -8.03
C HIS J 396 0.27 44.44 -7.57
N ARG J 397 0.94 45.17 -6.65
CA ARG J 397 0.50 46.44 -6.09
C ARG J 397 -0.87 46.35 -5.44
N GLY J 398 -1.21 45.18 -4.92
CA GLY J 398 -2.44 44.99 -4.19
C GLY J 398 -3.52 44.31 -5.01
N LEU J 399 -3.66 42.99 -4.81
CA LEU J 399 -4.77 42.19 -5.32
C LEU J 399 -4.84 40.85 -4.59
#